data_7K9N
#
_entry.id   7K9N
#
_cell.length_a   102.788
_cell.length_b   102.788
_cell.length_c   240.902
_cell.angle_alpha   90.000
_cell.angle_beta   90.000
_cell.angle_gamma   120.000
#
_symmetry.space_group_name_H-M   'P 32'
#
loop_
_entity.id
_entity.type
_entity.pdbx_description
1 polymer 'Alpha glucosidase 2 alpha neutral subunit'
2 polymer 'Glucosidase 2 subunit beta'
3 non-polymer (1S,2S,3R,4S,5S)-1-(hydroxymethyl)-5-[(9-methoxynonyl)amino]cyclohexane-1,2,3,4-tetrol
4 non-polymer 'TRIETHYLENE GLYCOL'
5 non-polymer DI(HYDROXYETHYL)ETHER
6 non-polymer 1,2-ETHANEDIOL
7 non-polymer 'TETRAETHYLENE GLYCOL'
8 non-polymer 'SULFATE ION'
9 non-polymer 'CALCIUM ION'
10 water water
#
loop_
_entity_poly.entity_id
_entity_poly.type
_entity_poly.pdbx_seq_one_letter_code
_entity_poly.pdbx_strand_id
1 'polypeptide(L)'
;MGILPSPGMPALLSLVSLLSVLLMGCVAETGVDRSNFKTCDESSFCKRQRSIRPGLSPYRALLDTLQLGPDALTVHLIHE
VTKVLLVLELQGLQKDMTRIRIDELEPRRPRYRVPDVLVADPPTARLSVSGRDDNSVELTVAEGPYKIILTAQPFRLDLL
EDRSLLLSVNARGLMAFEHQRAPRVPFSDKVSLALGSVWDKIKNLFSRQESKDPAEGNGAQPEATPGDGDKPEETQEKAE
KDEPGAWEETFKTHSDSKPYGPTSVGLDFSLPGMEHVYGIPEHADSLRLKVTEGGEPYRLYNLDVFQYELNNPMALYGSV
PVLLAHSFHRDLGIFWLNAAETWVDISSNTAGKTLFGKMLDYLQGSGETPQTDIRWMSESGIIDVFLMLGPSVFDVFRQY
ASLTGTQALPPLFSLGYHQSRWNYRDEADVLEVDQGFDDHNMPCDVIWLDIEHADGKRYFTWDPTRFPQPLNMLEHLASK
RRKLVAIVDPHIKVDSGYRVHEELRNHGLYVKTRDGSDYEGWCWPGSASYPDFTNPRMRAWWSNMFSFDNYEGSAPNLYV
WNDMNEPSVFNGPEVTMLKDAVHYGGWEHRDIHNIYGLYVHMATADGLIQRSGGIERPFVLSRAFFSGSQRFGAVWTGDN
TAEWDHLKISIPMCLSLALVGLSFCGADVGGFFKNPEPELLVRWYQMGAYQPFFRAHAHLDTGRREPWLLASQYQDAIRD
ALFQRYSLLPFWYTLFYQAHKEGFPVMRPLWVQYPEDMSTFSIEDQFMLGDALLIHPVSDAGAHGVQVYLPGQEEVWYDI
QSYQKHHGPQTLYLPVTLSSIPVFQRGGTIVPRWMRVRRSSDCMKDDPITLFVALSPQGTAQGELFLDDGHTFNYQTRHE
FLLRRFSFSGSTLVSSSADPKGHLETPIWIERVVIMGAGKPAAVVLQTKGSPESRLSFQHDPETSVLILRKPGVSVASDW
SIHLRSAWSHPQFEKLE
;
A,C
2 'polypeptide(L)'
;MGILPSPGMPALLSLVSLLSVLLMGCVAETGVEVKRPRGVSLSNHHFYEESKPFTCLDGTATIPFDQVNDDYCDCKDGSD
EPGTAACPNGSFHCTNTGYKPLYILSSRVNDGVCDCCDGTDEYNSGTVCENTCREKGRKEKESLQQLAEVTREGFRLKKI
LIEEWKTAREEKQSKLLELQAGKKSLEDQVETLRAAKEEAERPEKEAKDQHRKLWEEQQAAAKARREQERAASAFQELDD
NMDGMVSLAELQTHPELDTDGDGALSEEEAQALLSGDTQTDTTSFYDRVWAAIRDKYRSEVPPTDIPVPEETEPKEEKPP
VLPPTEEEEEEEEEPEEEEEEEEEEEEAPPPLQPPQPPSPTEDEKMPPYDEETQAIIDAAQEARSKFEEVERSLKEMEES
IRSLEQEISFDFGPSGEFAYLYSQCYELTTNEYVYRLCPFKLVSQKPKHGGSPTSLGTWGSWAGPDHDKFSAMKYEQGTG
CWQGPNRSTTVRLLCGKETVVTSTTEPSRCEYLMELMTPAACPEPPPEAPSDGDSAWLETKHHHHHH
;
B,D
#
# COMPACT_ATOMS: atom_id res chain seq x y z
N VAL A 32 6.45 -29.41 -5.62
CA VAL A 32 6.13 -28.15 -6.29
C VAL A 32 5.00 -28.38 -7.30
N ASP A 33 4.10 -27.39 -7.43
CA ASP A 33 2.94 -27.51 -8.30
C ASP A 33 3.32 -27.18 -9.74
N ARG A 34 3.72 -28.21 -10.48
CA ARG A 34 4.04 -28.11 -11.89
C ARG A 34 3.06 -28.87 -12.76
N SER A 35 2.10 -29.58 -12.18
CA SER A 35 1.06 -30.25 -12.95
C SER A 35 0.22 -29.28 -13.76
N ASN A 36 0.33 -27.99 -13.50
CA ASN A 36 -0.24 -26.88 -14.27
CA ASN A 36 -0.39 -27.08 -14.39
C ASN A 36 0.40 -26.71 -15.64
N PHE A 37 1.59 -27.27 -15.84
CA PHE A 37 2.35 -27.07 -17.07
C PHE A 37 2.64 -28.41 -17.75
N LYS A 38 2.45 -28.45 -19.07
CA LYS A 38 2.60 -29.68 -19.83
C LYS A 38 4.05 -30.13 -19.88
N THR A 39 4.28 -31.42 -19.58
CA THR A 39 5.51 -32.06 -20.04
C THR A 39 5.36 -32.40 -21.53
N CYS A 40 6.45 -32.87 -22.13
CA CYS A 40 6.39 -33.20 -23.56
C CYS A 40 5.37 -34.29 -23.82
N ASP A 41 5.26 -35.26 -22.90
CA ASP A 41 4.30 -36.34 -23.06
C ASP A 41 2.86 -35.83 -23.00
N GLU A 42 2.62 -34.72 -22.28
CA GLU A 42 1.29 -34.13 -22.18
C GLU A 42 0.98 -33.17 -23.32
N SER A 43 1.99 -32.81 -24.13
CA SER A 43 1.80 -32.04 -25.34
C SER A 43 1.66 -33.01 -26.50
N SER A 44 0.46 -33.11 -27.08
CA SER A 44 0.20 -34.21 -28.00
C SER A 44 1.09 -34.13 -29.25
N PHE A 45 1.36 -32.91 -29.75
CA PHE A 45 2.26 -32.84 -30.90
C PHE A 45 3.70 -33.19 -30.51
N CYS A 46 4.13 -32.81 -29.30
CA CYS A 46 5.47 -33.20 -28.85
C CYS A 46 5.57 -34.70 -28.64
N LYS A 47 4.52 -35.31 -28.09
CA LYS A 47 4.53 -36.76 -27.92
C LYS A 47 4.63 -37.46 -29.26
N ARG A 48 3.84 -37.02 -30.25
CA ARG A 48 3.91 -37.61 -31.57
C ARG A 48 5.28 -37.44 -32.19
N GLN A 49 5.79 -36.20 -32.22
CA GLN A 49 7.11 -35.93 -32.81
C GLN A 49 8.20 -36.70 -32.09
N ARG A 50 8.25 -36.61 -30.76
CA ARG A 50 9.35 -37.21 -30.04
C ARG A 50 9.34 -38.73 -30.09
N SER A 51 8.21 -39.33 -30.48
CA SER A 51 8.19 -40.79 -30.62
C SER A 51 8.85 -41.25 -31.92
N ILE A 52 9.03 -40.35 -32.89
CA ILE A 52 9.85 -40.68 -34.05
C ILE A 52 11.30 -40.70 -33.61
N ARG A 53 11.92 -41.86 -33.69
CA ARG A 53 13.28 -42.07 -33.25
C ARG A 53 14.25 -42.12 -34.44
N PRO A 54 15.55 -41.92 -34.21
CA PRO A 54 16.49 -41.84 -35.34
C PRO A 54 16.49 -43.10 -36.19
N GLY A 55 16.43 -42.91 -37.50
CA GLY A 55 16.38 -44.04 -38.40
C GLY A 55 16.29 -43.56 -39.83
N LEU A 56 15.79 -44.43 -40.69
CA LEU A 56 15.74 -44.16 -42.12
C LEU A 56 14.57 -43.23 -42.43
N SER A 57 14.87 -42.05 -42.95
CA SER A 57 13.81 -41.08 -43.21
C SER A 57 12.97 -41.57 -44.39
N PRO A 58 11.65 -41.43 -44.31
CA PRO A 58 10.80 -41.74 -45.46
C PRO A 58 10.74 -40.65 -46.50
N TYR A 59 11.36 -39.49 -46.26
CA TYR A 59 11.30 -38.40 -47.21
C TYR A 59 12.40 -38.56 -48.26
N ARG A 60 12.07 -38.20 -49.49
CA ARG A 60 13.09 -38.23 -50.53
C ARG A 60 12.81 -37.11 -51.51
N ALA A 61 13.88 -36.56 -52.07
CA ALA A 61 13.78 -35.43 -53.00
C ALA A 61 13.65 -35.95 -54.43
N LEU A 62 12.65 -35.44 -55.15
CA LEU A 62 12.42 -35.78 -56.54
C LEU A 62 13.29 -34.87 -57.40
N LEU A 63 14.47 -35.38 -57.78
CA LEU A 63 15.43 -34.55 -58.51
C LEU A 63 14.91 -34.12 -59.88
N ASP A 64 13.87 -34.78 -60.41
CA ASP A 64 13.24 -34.33 -61.64
C ASP A 64 12.54 -32.97 -61.49
N THR A 65 12.17 -32.59 -60.26
CA THR A 65 11.45 -31.35 -59.99
C THR A 65 12.40 -30.19 -59.67
N LEU A 66 13.71 -30.45 -59.67
CA LEU A 66 14.69 -29.46 -59.27
C LEU A 66 14.61 -28.22 -60.17
N GLN A 67 14.60 -27.05 -59.56
CA GLN A 67 14.61 -25.80 -60.30
C GLN A 67 15.57 -24.82 -59.64
N LEU A 68 16.44 -24.21 -60.45
CA LEU A 68 17.36 -23.19 -59.95
C LEU A 68 16.79 -21.85 -60.36
N GLY A 69 16.59 -20.98 -59.37
CA GLY A 69 15.90 -19.74 -59.59
C GLY A 69 16.78 -18.55 -59.34
N PRO A 70 16.18 -17.36 -59.42
CA PRO A 70 16.97 -16.14 -59.17
C PRO A 70 17.49 -16.05 -57.74
N ASP A 71 16.70 -16.51 -56.77
CA ASP A 71 17.09 -16.41 -55.38
C ASP A 71 17.25 -17.74 -54.66
N ALA A 72 16.84 -18.85 -55.28
CA ALA A 72 16.69 -20.07 -54.51
C ALA A 72 16.66 -21.28 -55.43
N LEU A 73 17.02 -22.42 -54.86
CA LEU A 73 16.72 -23.73 -55.42
C LEU A 73 15.44 -24.27 -54.79
N THR A 74 14.49 -24.69 -55.62
CA THR A 74 13.31 -25.39 -55.16
C THR A 74 13.32 -26.81 -55.71
N VAL A 75 12.96 -27.76 -54.86
CA VAL A 75 12.86 -29.17 -55.23
C VAL A 75 11.73 -29.79 -54.42
N HIS A 76 10.97 -30.69 -55.06
CA HIS A 76 9.87 -31.36 -54.37
C HIS A 76 10.40 -32.47 -53.49
N LEU A 77 9.78 -32.62 -52.32
CA LEU A 77 10.01 -33.75 -51.44
C LEU A 77 8.72 -34.56 -51.36
N ILE A 78 8.86 -35.84 -51.06
CA ILE A 78 7.69 -36.71 -50.93
C ILE A 78 7.91 -37.64 -49.76
N HIS A 79 6.86 -37.85 -48.97
CA HIS A 79 6.84 -38.92 -47.99
C HIS A 79 6.59 -40.21 -48.75
N GLU A 80 7.48 -41.19 -48.59
CA GLU A 80 7.40 -42.37 -49.46
C GLU A 80 6.15 -43.21 -49.19
N VAL A 81 5.66 -43.20 -47.96
CA VAL A 81 4.50 -44.03 -47.61
C VAL A 81 3.19 -43.27 -47.80
N THR A 82 3.10 -42.03 -47.32
CA THR A 82 1.86 -41.27 -47.42
C THR A 82 1.72 -40.53 -48.76
N LYS A 83 2.81 -40.40 -49.52
CA LYS A 83 2.83 -39.69 -50.79
C LYS A 83 2.51 -38.20 -50.64
N VAL A 84 2.64 -37.66 -49.44
CA VAL A 84 2.49 -36.22 -49.24
C VAL A 84 3.64 -35.50 -49.95
N LEU A 85 3.32 -34.41 -50.64
CA LEU A 85 4.29 -33.65 -51.40
C LEU A 85 4.61 -32.33 -50.72
N LEU A 86 5.91 -32.06 -50.53
CA LEU A 86 6.41 -30.83 -49.93
C LEU A 86 7.35 -30.12 -50.91
N VAL A 87 7.55 -28.83 -50.68
CA VAL A 87 8.51 -28.03 -51.45
C VAL A 87 9.62 -27.57 -50.52
N LEU A 88 10.85 -27.94 -50.87
CA LEU A 88 12.03 -27.40 -50.21
C LEU A 88 12.50 -26.17 -50.97
N GLU A 89 12.69 -25.06 -50.25
CA GLU A 89 13.28 -23.85 -50.83
C GLU A 89 14.63 -23.64 -50.14
N LEU A 90 15.69 -23.79 -50.92
CA LEU A 90 17.06 -23.75 -50.41
C LEU A 90 17.75 -22.50 -50.96
N GLN A 91 18.38 -21.71 -50.08
CA GLN A 91 19.02 -20.45 -50.48
C GLN A 91 20.38 -20.32 -49.84
N GLY A 92 21.37 -19.94 -50.65
CA GLY A 92 22.58 -19.36 -50.10
C GLY A 92 22.35 -17.87 -49.89
N LEU A 93 22.86 -17.36 -48.78
CA LEU A 93 22.68 -15.95 -48.47
C LEU A 93 24.04 -15.26 -48.38
N GLN A 94 24.05 -13.97 -48.72
CA GLN A 94 25.20 -13.13 -48.42
C GLN A 94 25.52 -13.25 -46.94
N LYS A 95 26.78 -13.06 -46.59
CA LYS A 95 27.32 -13.15 -45.21
C LYS A 95 27.45 -14.61 -44.78
N ASP A 96 27.58 -15.52 -45.73
CA ASP A 96 27.85 -16.95 -45.41
C ASP A 96 26.81 -17.56 -44.48
N MET A 97 25.56 -17.55 -44.91
CA MET A 97 24.42 -18.18 -44.20
C MET A 97 23.62 -18.98 -45.24
N THR A 98 22.87 -19.95 -44.78
CA THR A 98 21.96 -20.74 -45.60
C THR A 98 20.57 -20.67 -44.98
N ARG A 99 19.56 -20.59 -45.82
CA ARG A 99 18.17 -20.61 -45.37
C ARG A 99 17.48 -21.82 -45.97
N ILE A 100 16.81 -22.59 -45.13
CA ILE A 100 16.03 -23.76 -45.52
C ILE A 100 14.59 -23.51 -45.14
N ARG A 101 13.71 -23.51 -46.13
CA ARG A 101 12.27 -23.44 -45.88
C ARG A 101 11.59 -24.63 -46.53
N ILE A 102 10.66 -25.24 -45.79
CA ILE A 102 9.88 -26.38 -46.28
C ILE A 102 8.42 -26.13 -45.97
N ASP A 103 7.57 -26.22 -46.99
CA ASP A 103 6.14 -26.03 -46.89
C ASP A 103 5.46 -27.12 -47.74
N GLU A 104 4.15 -27.23 -47.61
CA GLU A 104 3.38 -28.17 -48.42
C GLU A 104 3.29 -27.69 -49.86
N LEU A 105 3.36 -28.64 -50.80
CA LEU A 105 3.20 -28.29 -52.21
C LEU A 105 1.80 -27.76 -52.49
N GLU A 106 0.77 -28.49 -52.06
CA GLU A 106 -0.63 -28.12 -52.30
C GLU A 106 -1.36 -28.09 -50.97
N PRO A 107 -1.16 -27.04 -50.17
CA PRO A 107 -1.82 -27.00 -48.86
C PRO A 107 -3.28 -26.62 -48.97
N ARG A 108 -4.11 -27.25 -48.12
CA ARG A 108 -5.52 -26.87 -48.04
C ARG A 108 -5.68 -25.40 -47.67
N ARG A 109 -4.86 -24.90 -46.74
CA ARG A 109 -4.84 -23.49 -46.35
C ARG A 109 -3.43 -23.09 -45.97
N PRO A 110 -3.08 -21.81 -46.09
CA PRO A 110 -1.70 -21.40 -45.85
C PRO A 110 -1.24 -21.67 -44.42
N ARG A 111 0.04 -22.03 -44.30
CA ARG A 111 0.71 -22.15 -43.02
C ARG A 111 1.34 -20.82 -42.63
N TYR A 112 1.52 -20.64 -41.33
CA TYR A 112 2.08 -19.39 -40.83
C TYR A 112 3.56 -19.26 -41.20
N ARG A 113 3.94 -18.04 -41.59
CA ARG A 113 5.33 -17.64 -41.77
C ARG A 113 5.56 -16.39 -40.92
N VAL A 114 6.58 -16.42 -40.08
CA VAL A 114 6.73 -15.41 -39.02
C VAL A 114 7.03 -14.04 -39.60
N PRO A 115 6.15 -13.06 -39.40
CA PRO A 115 6.39 -11.70 -39.90
C PRO A 115 7.10 -10.84 -38.84
N ASP A 116 7.59 -9.69 -39.30
CA ASP A 116 8.04 -8.58 -38.45
C ASP A 116 9.27 -8.91 -37.61
N VAL A 117 9.83 -10.11 -37.69
CA VAL A 117 11.03 -10.45 -36.93
C VAL A 117 12.29 -10.15 -37.73
N LEU A 118 12.34 -10.58 -38.99
CA LEU A 118 13.44 -10.21 -39.88
C LEU A 118 13.39 -8.72 -40.19
N VAL A 119 14.52 -8.03 -40.08
CA VAL A 119 14.51 -6.58 -40.37
C VAL A 119 14.53 -6.31 -41.87
N ALA A 120 14.88 -7.29 -42.68
CA ALA A 120 14.95 -7.10 -44.13
C ALA A 120 14.81 -8.45 -44.80
N ASP A 121 14.47 -8.40 -46.08
CA ASP A 121 14.55 -9.61 -46.90
C ASP A 121 16.03 -9.91 -47.10
N PRO A 122 16.55 -11.02 -46.59
CA PRO A 122 18.00 -11.24 -46.57
C PRO A 122 18.59 -11.28 -47.96
N PRO A 123 19.67 -10.55 -48.21
CA PRO A 123 20.30 -10.58 -49.55
C PRO A 123 20.83 -11.98 -49.87
N THR A 124 20.50 -12.44 -51.07
CA THR A 124 20.85 -13.80 -51.48
C THR A 124 22.18 -13.86 -52.22
N ALA A 125 22.73 -15.06 -52.29
CA ALA A 125 23.84 -15.39 -53.16
C ALA A 125 23.40 -16.49 -54.12
N ARG A 126 24.03 -16.52 -55.29
CA ARG A 126 23.61 -17.43 -56.36
C ARG A 126 24.08 -18.85 -56.10
N LEU A 127 23.18 -19.81 -56.27
CA LEU A 127 23.51 -21.23 -56.22
C LEU A 127 23.81 -21.76 -57.62
N SER A 128 24.72 -22.72 -57.68
CA SER A 128 25.15 -23.36 -58.92
C SER A 128 25.23 -24.86 -58.70
N VAL A 129 24.75 -25.63 -59.67
CA VAL A 129 24.99 -27.06 -59.65
C VAL A 129 26.44 -27.29 -60.07
N SER A 130 27.26 -27.79 -59.15
CA SER A 130 28.68 -28.00 -59.43
C SER A 130 29.04 -29.48 -59.42
N GLY A 131 28.03 -30.35 -59.30
CA GLY A 131 28.24 -31.78 -59.32
C GLY A 131 26.91 -32.46 -59.15
N ARG A 132 26.84 -33.70 -59.61
CA ARG A 132 25.58 -34.44 -59.58
CA ARG A 132 25.59 -34.44 -59.54
C ARG A 132 25.87 -35.90 -59.85
N ASP A 133 25.06 -36.78 -59.26
CA ASP A 133 25.00 -38.18 -59.65
C ASP A 133 23.54 -38.60 -59.56
N ASP A 134 23.30 -39.91 -59.49
CA ASP A 134 21.93 -40.40 -59.51
C ASP A 134 21.18 -40.10 -58.21
N ASN A 135 21.89 -40.01 -57.09
CA ASN A 135 21.23 -39.81 -55.79
C ASN A 135 21.62 -38.51 -55.10
N SER A 136 22.26 -37.57 -55.79
CA SER A 136 22.70 -36.35 -55.11
C SER A 136 22.96 -35.24 -56.12
N VAL A 137 22.86 -34.01 -55.64
CA VAL A 137 23.26 -32.82 -56.35
C VAL A 137 24.14 -31.98 -55.43
N GLU A 138 25.28 -31.53 -55.94
CA GLU A 138 26.17 -30.64 -55.19
C GLU A 138 25.96 -29.22 -55.67
N LEU A 139 25.75 -28.31 -54.74
CA LEU A 139 25.52 -26.92 -55.05
C LEU A 139 26.66 -26.09 -54.48
N THR A 140 27.07 -25.07 -55.23
CA THR A 140 28.09 -24.13 -54.77
C THR A 140 27.42 -22.79 -54.53
N VAL A 141 27.71 -22.20 -53.37
CA VAL A 141 27.21 -20.87 -53.06
C VAL A 141 28.18 -19.87 -53.68
N ALA A 142 27.67 -19.06 -54.62
CA ALA A 142 28.45 -18.05 -55.36
C ALA A 142 29.66 -18.74 -55.98
N GLU A 143 30.89 -18.28 -55.72
CA GLU A 143 32.08 -18.93 -56.26
C GLU A 143 32.86 -19.68 -55.18
N GLY A 144 32.19 -20.10 -54.11
CA GLY A 144 32.85 -20.84 -53.06
C GLY A 144 33.25 -19.93 -51.92
N PRO A 145 33.76 -20.52 -50.82
CA PRO A 145 34.06 -21.93 -50.66
C PRO A 145 32.93 -22.81 -50.11
N TYR A 146 31.73 -22.26 -49.92
CA TYR A 146 30.68 -23.03 -49.27
C TYR A 146 29.90 -23.87 -50.27
N LYS A 147 29.64 -25.13 -49.90
CA LYS A 147 28.89 -26.06 -50.74
C LYS A 147 27.78 -26.74 -49.94
N ILE A 148 26.70 -27.08 -50.63
CA ILE A 148 25.57 -27.80 -50.08
C ILE A 148 25.32 -29.04 -50.93
N ILE A 149 25.40 -30.20 -50.31
CA ILE A 149 25.11 -31.47 -50.98
C ILE A 149 23.69 -31.89 -50.61
N LEU A 150 22.80 -31.88 -51.60
CA LEU A 150 21.43 -32.38 -51.45
C LEU A 150 21.40 -33.85 -51.85
N THR A 151 21.13 -34.73 -50.90
CA THR A 151 20.92 -36.15 -51.19
C THR A 151 19.44 -36.41 -51.42
N ALA A 152 19.14 -37.22 -52.45
CA ALA A 152 17.75 -37.42 -52.85
C ALA A 152 17.06 -38.46 -51.98
N GLN A 153 17.69 -39.62 -51.82
CA GLN A 153 17.09 -40.72 -51.06
C GLN A 153 18.11 -41.38 -50.16
N PRO A 154 17.92 -41.34 -48.83
CA PRO A 154 16.88 -40.55 -48.17
C PRO A 154 17.23 -39.06 -48.22
N PHE A 155 16.23 -38.19 -48.12
CA PHE A 155 16.48 -36.75 -48.13
C PHE A 155 17.47 -36.37 -47.03
N ARG A 156 18.40 -35.49 -47.37
CA ARG A 156 19.49 -35.08 -46.50
C ARG A 156 20.19 -33.87 -47.10
N LEU A 157 20.70 -33.00 -46.23
CA LEU A 157 21.52 -31.88 -46.67
C LEU A 157 22.82 -31.88 -45.88
N ASP A 158 23.92 -31.61 -46.57
CA ASP A 158 25.23 -31.50 -45.95
C ASP A 158 25.81 -30.15 -46.34
N LEU A 159 26.35 -29.43 -45.35
CA LEU A 159 26.89 -28.10 -45.57
C LEU A 159 28.40 -28.18 -45.35
N LEU A 160 29.15 -27.70 -46.33
CA LEU A 160 30.60 -27.82 -46.32
C LEU A 160 31.25 -26.49 -46.66
N GLU A 161 32.42 -26.27 -46.07
CA GLU A 161 33.36 -25.27 -46.55
C GLU A 161 34.48 -26.01 -47.26
N ASP A 162 34.60 -25.79 -48.57
CA ASP A 162 35.47 -26.61 -49.41
C ASP A 162 35.13 -28.09 -49.25
N ARG A 163 35.96 -28.83 -48.53
CA ARG A 163 35.75 -30.26 -48.30
C ARG A 163 35.53 -30.58 -46.83
N SER A 164 35.40 -29.58 -45.95
CA SER A 164 35.18 -29.83 -44.54
C SER A 164 33.67 -29.79 -44.25
N LEU A 165 33.14 -30.90 -43.73
CA LEU A 165 31.73 -30.97 -43.37
C LEU A 165 31.46 -30.09 -42.16
N LEU A 166 30.58 -29.11 -42.32
CA LEU A 166 30.23 -28.23 -41.21
C LEU A 166 29.02 -28.73 -40.42
N LEU A 167 28.00 -29.17 -41.13
CA LEU A 167 26.72 -29.48 -40.50
C LEU A 167 25.88 -30.31 -41.46
N SER A 168 25.06 -31.20 -40.89
CA SER A 168 24.12 -32.01 -41.67
C SER A 168 22.69 -31.76 -41.19
N VAL A 169 21.76 -31.89 -42.13
CA VAL A 169 20.32 -31.71 -41.89
C VAL A 169 19.60 -33.01 -42.22
N ASN A 170 18.78 -33.51 -41.29
CA ASN A 170 18.03 -34.77 -41.41
C ASN A 170 18.95 -35.99 -41.44
N ALA A 171 20.17 -35.88 -40.91
CA ALA A 171 21.07 -37.04 -40.90
C ALA A 171 20.53 -38.16 -40.01
N ARG A 172 19.79 -37.82 -38.96
CA ARG A 172 19.18 -38.84 -38.12
C ARG A 172 17.78 -39.22 -38.57
N GLY A 173 17.33 -38.69 -39.71
CA GLY A 173 16.03 -39.02 -40.25
C GLY A 173 14.86 -38.64 -39.37
N LEU A 174 14.95 -37.50 -38.68
CA LEU A 174 13.91 -37.08 -37.75
C LEU A 174 12.97 -36.05 -38.35
N MET A 175 13.12 -35.71 -39.63
CA MET A 175 12.20 -34.77 -40.25
C MET A 175 10.77 -35.25 -40.16
N ALA A 176 9.87 -34.37 -39.74
CA ALA A 176 8.46 -34.73 -39.61
C ALA A 176 7.60 -33.53 -39.98
N PHE A 177 6.68 -33.71 -40.92
CA PHE A 177 5.84 -32.62 -41.42
C PHE A 177 4.40 -33.11 -41.52
N GLU A 178 3.57 -32.76 -40.54
CA GLU A 178 2.17 -33.19 -40.53
C GLU A 178 1.37 -32.29 -41.46
N HIS A 179 0.89 -32.82 -42.57
CA HIS A 179 0.18 -31.98 -43.52
C HIS A 179 -1.23 -31.69 -43.01
N GLN A 180 -1.77 -30.56 -43.46
CA GLN A 180 -3.09 -30.13 -43.03
C GLN A 180 -4.15 -31.07 -43.60
N ARG A 181 -4.83 -31.80 -42.71
CA ARG A 181 -5.81 -32.80 -43.10
C ARG A 181 -7.17 -32.15 -43.34
N ALA A 182 -8.11 -32.95 -43.83
CA ALA A 182 -9.47 -32.50 -44.12
C ALA A 182 -10.21 -32.04 -42.86
N GLY A 245 -4.24 -36.52 -27.87
CA GLY A 245 -5.23 -35.68 -28.53
C GLY A 245 -4.72 -35.01 -29.80
N ALA A 246 -4.81 -35.73 -30.92
CA ALA A 246 -4.32 -35.19 -32.19
C ALA A 246 -5.24 -34.07 -32.72
N TRP A 247 -6.55 -34.21 -32.52
CA TRP A 247 -7.50 -33.16 -32.85
C TRP A 247 -7.98 -32.51 -31.55
N GLU A 248 -9.28 -32.50 -31.29
CA GLU A 248 -9.78 -31.92 -30.03
C GLU A 248 -9.04 -32.52 -28.84
N GLU A 249 -8.58 -31.66 -27.94
CA GLU A 249 -7.67 -32.03 -26.88
C GLU A 249 -7.97 -31.20 -25.64
N THR A 250 -7.86 -31.82 -24.46
CA THR A 250 -8.04 -31.13 -23.19
C THR A 250 -6.80 -31.30 -22.34
N PHE A 251 -6.55 -30.31 -21.48
CA PHE A 251 -5.49 -30.38 -20.48
C PHE A 251 -6.00 -29.66 -19.24
N LYS A 252 -5.98 -30.36 -18.10
CA LYS A 252 -6.64 -29.92 -16.86
C LYS A 252 -8.10 -29.72 -17.20
N THR A 253 -8.69 -28.55 -17.00
CA THR A 253 -10.09 -28.28 -17.34
C THR A 253 -10.24 -27.45 -18.61
N HIS A 254 -9.16 -27.24 -19.35
CA HIS A 254 -9.16 -26.38 -20.52
C HIS A 254 -9.20 -27.23 -21.78
N SER A 255 -9.98 -26.79 -22.77
CA SER A 255 -10.22 -27.56 -23.97
C SER A 255 -9.75 -26.80 -25.20
N ASP A 256 -8.95 -27.47 -26.03
CA ASP A 256 -8.48 -26.94 -27.30
C ASP A 256 -9.30 -27.60 -28.41
N SER A 257 -10.09 -26.81 -29.12
CA SER A 257 -10.92 -27.40 -30.18
C SER A 257 -10.07 -27.85 -31.37
N LYS A 258 -8.86 -27.32 -31.52
CA LYS A 258 -7.91 -27.78 -32.52
C LYS A 258 -8.57 -27.97 -33.90
N PRO A 259 -9.16 -26.92 -34.45
CA PRO A 259 -9.97 -27.10 -35.67
C PRO A 259 -9.19 -27.57 -36.88
N TYR A 260 -7.86 -27.43 -36.89
CA TYR A 260 -7.07 -27.80 -38.06
C TYR A 260 -6.33 -29.12 -37.89
N GLY A 261 -6.46 -29.77 -36.75
CA GLY A 261 -5.84 -31.06 -36.52
C GLY A 261 -4.33 -30.99 -36.39
N PRO A 262 -3.67 -32.13 -36.57
CA PRO A 262 -2.21 -32.19 -36.40
C PRO A 262 -1.51 -31.43 -37.51
N THR A 263 -0.67 -30.46 -37.14
CA THR A 263 0.06 -29.69 -38.15
C THR A 263 1.52 -29.47 -37.77
N SER A 264 2.07 -30.28 -36.88
CA SER A 264 3.40 -30.00 -36.34
C SER A 264 4.50 -30.34 -37.35
N VAL A 265 5.62 -29.62 -37.22
CA VAL A 265 6.78 -29.78 -38.08
C VAL A 265 8.00 -29.92 -37.20
N GLY A 266 9.03 -30.59 -37.73
CA GLY A 266 10.24 -30.86 -36.98
C GLY A 266 11.36 -31.27 -37.91
N LEU A 267 12.59 -31.07 -37.44
CA LEU A 267 13.77 -31.33 -38.25
C LEU A 267 14.98 -31.39 -37.35
N ASP A 268 15.95 -32.26 -37.68
CA ASP A 268 17.15 -32.47 -36.89
C ASP A 268 18.39 -31.96 -37.60
N PHE A 269 19.41 -31.61 -36.81
CA PHE A 269 20.66 -31.03 -37.30
C PHE A 269 21.82 -31.71 -36.57
N SER A 270 22.88 -32.01 -37.32
CA SER A 270 24.06 -32.68 -36.78
C SER A 270 25.26 -31.75 -36.89
N LEU A 271 25.99 -31.60 -35.79
CA LEU A 271 27.09 -30.65 -35.67
C LEU A 271 28.37 -31.43 -35.37
N PRO A 272 29.05 -31.95 -36.39
CA PRO A 272 30.27 -32.72 -36.13
C PRO A 272 31.35 -31.84 -35.52
N GLY A 273 32.01 -32.36 -34.49
CA GLY A 273 33.07 -31.64 -33.80
C GLY A 273 32.62 -30.71 -32.70
N MET A 274 31.32 -30.55 -32.48
CA MET A 274 30.80 -29.66 -31.45
C MET A 274 30.39 -30.47 -30.23
N GLU A 275 30.89 -30.06 -29.07
CA GLU A 275 30.47 -30.65 -27.80
C GLU A 275 29.75 -29.68 -26.88
N HIS A 276 29.66 -28.40 -27.25
CA HIS A 276 29.11 -27.35 -26.39
C HIS A 276 28.12 -26.53 -27.18
N VAL A 277 26.88 -26.44 -26.69
CA VAL A 277 25.88 -25.60 -27.33
C VAL A 277 25.28 -24.68 -26.28
N TYR A 278 24.72 -23.57 -26.75
CA TYR A 278 24.31 -22.47 -25.89
C TYR A 278 23.10 -21.80 -26.53
N GLY A 279 22.36 -21.09 -25.70
CA GLY A 279 21.30 -20.24 -26.22
C GLY A 279 19.90 -20.71 -25.84
N ILE A 280 19.01 -20.69 -26.82
CA ILE A 280 17.56 -20.90 -26.69
C ILE A 280 17.02 -20.47 -25.33
N PRO A 281 17.24 -19.21 -24.89
CA PRO A 281 16.56 -18.75 -23.67
C PRO A 281 15.04 -18.74 -23.89
N GLU A 282 14.27 -18.71 -22.80
CA GLU A 282 14.73 -18.45 -21.44
C GLU A 282 14.48 -19.66 -20.56
N HIS A 283 15.54 -20.10 -19.88
CA HIS A 283 15.46 -21.20 -18.93
C HIS A 283 16.31 -20.85 -17.72
N ALA A 284 15.84 -21.28 -16.56
CA ALA A 284 16.61 -21.17 -15.33
C ALA A 284 17.56 -22.38 -15.29
N ASP A 285 18.58 -22.31 -16.16
CA ASP A 285 19.47 -23.44 -16.35
C ASP A 285 20.87 -22.91 -16.68
N SER A 286 21.81 -23.83 -16.79
CA SER A 286 23.21 -23.48 -16.95
C SER A 286 23.48 -22.91 -18.35
N LEU A 287 24.56 -22.15 -18.45
CA LEU A 287 24.90 -21.51 -19.73
C LEU A 287 25.15 -22.56 -20.81
N ARG A 288 26.03 -23.52 -20.54
CA ARG A 288 26.19 -24.65 -21.45
C ARG A 288 24.97 -25.56 -21.34
N LEU A 289 24.25 -25.74 -22.44
CA LEU A 289 23.02 -26.51 -22.43
C LEU A 289 23.31 -27.99 -22.24
N LYS A 290 22.41 -28.66 -21.53
CA LYS A 290 22.54 -30.08 -21.22
C LYS A 290 21.90 -30.96 -22.29
N VAL A 291 22.39 -32.18 -22.37
CA VAL A 291 21.73 -33.21 -23.18
C VAL A 291 20.33 -33.45 -22.61
N THR A 292 19.35 -33.67 -23.50
CA THR A 292 17.97 -33.93 -23.09
C THR A 292 17.59 -35.40 -23.17
N GLU A 293 18.56 -36.28 -23.46
CA GLU A 293 18.28 -37.68 -23.77
C GLU A 293 17.46 -38.36 -22.67
N GLY A 294 17.85 -38.17 -21.41
CA GLY A 294 17.16 -38.86 -20.36
C GLY A 294 16.02 -38.11 -19.70
N GLY A 295 15.57 -37.00 -20.26
CA GLY A 295 14.57 -36.16 -19.63
C GLY A 295 13.72 -35.41 -20.62
N GLU A 296 13.36 -34.19 -20.27
CA GLU A 296 12.52 -33.33 -21.06
C GLU A 296 13.36 -32.59 -22.10
N PRO A 297 12.80 -32.33 -23.28
CA PRO A 297 13.42 -31.35 -24.17
C PRO A 297 13.34 -29.97 -23.54
N TYR A 298 14.20 -29.08 -24.01
CA TYR A 298 14.04 -27.66 -23.67
C TYR A 298 12.80 -27.12 -24.37
N ARG A 299 11.96 -26.40 -23.63
CA ARG A 299 10.69 -25.92 -24.15
C ARG A 299 10.76 -24.41 -24.39
N LEU A 300 10.24 -23.97 -25.55
CA LEU A 300 10.17 -22.56 -25.90
C LEU A 300 8.71 -22.19 -26.08
N TYR A 301 8.13 -21.58 -25.04
CA TYR A 301 6.72 -21.19 -25.04
C TYR A 301 6.58 -20.17 -23.92
N ASN A 302 6.39 -18.90 -24.27
CA ASN A 302 6.37 -17.82 -23.30
C ASN A 302 5.29 -18.08 -22.27
N LEU A 303 5.68 -18.35 -21.02
CA LEU A 303 4.75 -18.76 -19.98
C LEU A 303 5.12 -18.06 -18.67
N ASP A 304 4.11 -17.85 -17.83
CA ASP A 304 4.25 -17.20 -16.53
C ASP A 304 4.30 -18.30 -15.47
N VAL A 305 5.50 -18.59 -14.95
CA VAL A 305 5.72 -19.70 -14.02
C VAL A 305 5.94 -19.13 -12.63
N PHE A 306 4.94 -19.34 -11.76
CA PHE A 306 4.97 -18.77 -10.40
C PHE A 306 6.03 -19.47 -9.56
N GLN A 307 6.91 -18.67 -8.96
CA GLN A 307 8.03 -19.17 -8.14
C GLN A 307 8.85 -20.22 -8.90
N TYR A 308 9.32 -19.84 -10.09
CA TYR A 308 10.04 -20.82 -10.89
C TYR A 308 11.29 -21.29 -10.16
N GLU A 309 11.69 -22.54 -10.44
CA GLU A 309 12.83 -23.16 -9.78
C GLU A 309 14.01 -23.26 -10.75
N LEU A 310 15.17 -23.60 -10.20
CA LEU A 310 16.44 -23.56 -10.90
C LEU A 310 16.85 -24.93 -11.45
N ASN A 311 17.73 -24.88 -12.44
CA ASN A 311 18.28 -26.08 -13.10
CA ASN A 311 18.28 -26.06 -13.12
C ASN A 311 17.17 -27.00 -13.60
N ASN A 312 16.33 -26.48 -14.49
CA ASN A 312 15.33 -27.31 -15.12
C ASN A 312 14.95 -26.69 -16.45
N PRO A 313 14.41 -27.47 -17.39
CA PRO A 313 14.20 -26.97 -18.76
C PRO A 313 12.81 -26.43 -19.01
N MET A 314 12.03 -26.16 -17.96
CA MET A 314 10.69 -25.61 -18.15
C MET A 314 10.75 -24.26 -18.88
N ALA A 315 9.76 -24.02 -19.73
CA ALA A 315 9.70 -22.75 -20.45
C ALA A 315 9.37 -21.61 -19.48
N LEU A 316 10.07 -20.49 -19.62
CA LEU A 316 9.81 -19.30 -18.83
C LEU A 316 9.22 -18.23 -19.76
N TYR A 317 9.43 -16.96 -19.43
CA TYR A 317 8.61 -15.88 -20.01
C TYR A 317 8.96 -15.56 -21.47
N GLY A 318 10.19 -15.84 -21.90
CA GLY A 318 10.62 -15.49 -23.24
C GLY A 318 11.18 -16.70 -23.98
N SER A 319 11.26 -16.56 -25.30
CA SER A 319 11.69 -17.62 -26.20
C SER A 319 12.51 -17.01 -27.34
N VAL A 320 13.79 -17.33 -27.41
CA VAL A 320 14.62 -16.95 -28.54
C VAL A 320 15.15 -18.23 -29.17
N PRO A 321 14.60 -18.66 -30.30
CA PRO A 321 14.94 -19.98 -30.86
C PRO A 321 16.25 -19.95 -31.66
N VAL A 322 17.34 -19.68 -30.96
CA VAL A 322 18.65 -19.52 -31.56
C VAL A 322 19.64 -20.32 -30.74
N LEU A 323 20.36 -21.22 -31.40
CA LEU A 323 21.31 -22.09 -30.72
C LEU A 323 22.70 -21.84 -31.30
N LEU A 324 23.67 -21.62 -30.43
CA LEU A 324 25.06 -21.42 -30.81
C LEU A 324 25.86 -22.64 -30.41
N ALA A 325 26.74 -23.07 -31.31
CA ALA A 325 27.65 -24.19 -31.08
C ALA A 325 29.08 -23.68 -31.17
N HIS A 326 29.91 -24.07 -30.19
CA HIS A 326 31.30 -23.64 -30.13
C HIS A 326 32.24 -24.83 -29.96
N SER A 327 33.31 -24.84 -30.75
CA SER A 327 34.45 -25.71 -30.54
C SER A 327 35.73 -24.88 -30.64
N PHE A 328 36.85 -25.54 -30.30
CA PHE A 328 38.16 -24.93 -30.47
C PHE A 328 38.39 -24.44 -31.90
N HIS A 329 37.69 -25.03 -32.87
CA HIS A 329 37.96 -24.80 -34.29
C HIS A 329 36.96 -23.90 -35.00
N ARG A 330 35.70 -23.84 -34.56
CA ARG A 330 34.70 -23.09 -35.31
C ARG A 330 33.53 -22.73 -34.40
N ASP A 331 32.74 -21.78 -34.87
CA ASP A 331 31.47 -21.42 -34.27
C ASP A 331 30.38 -21.47 -35.34
N LEU A 332 29.21 -21.95 -34.95
CA LEU A 332 28.04 -22.01 -35.82
C LEU A 332 26.82 -21.58 -35.03
N GLY A 333 25.81 -21.11 -35.75
CA GLY A 333 24.51 -20.84 -35.14
C GLY A 333 23.38 -21.40 -35.98
N ILE A 334 22.29 -21.74 -35.29
CA ILE A 334 21.06 -22.20 -35.92
C ILE A 334 19.92 -21.32 -35.43
N PHE A 335 19.15 -20.74 -36.34
CA PHE A 335 18.05 -19.83 -36.02
C PHE A 335 16.77 -20.42 -36.58
N TRP A 336 15.93 -20.96 -35.71
CA TRP A 336 14.71 -21.67 -36.10
C TRP A 336 13.57 -20.67 -36.05
N LEU A 337 13.19 -20.11 -37.22
CA LEU A 337 12.23 -19.01 -37.26
C LEU A 337 10.81 -19.57 -37.26
N ASN A 338 10.32 -19.87 -36.05
CA ASN A 338 8.97 -20.39 -35.83
C ASN A 338 8.42 -19.74 -34.56
N ALA A 339 7.17 -19.28 -34.61
CA ALA A 339 6.57 -18.57 -33.50
C ALA A 339 5.66 -19.43 -32.63
N ALA A 340 5.47 -20.71 -32.99
CA ALA A 340 4.61 -21.62 -32.23
C ALA A 340 5.40 -22.30 -31.12
N GLU A 341 4.65 -22.94 -30.21
CA GLU A 341 5.27 -23.76 -29.18
C GLU A 341 6.28 -24.70 -29.79
N THR A 342 7.49 -24.71 -29.23
CA THR A 342 8.62 -25.40 -29.81
C THR A 342 9.38 -26.13 -28.71
N TRP A 343 9.77 -27.38 -28.98
CA TRP A 343 10.58 -28.17 -28.06
C TRP A 343 11.92 -28.47 -28.73
N VAL A 344 12.99 -28.51 -27.94
CA VAL A 344 14.33 -28.69 -28.50
C VAL A 344 15.01 -29.86 -27.79
N ASP A 345 15.38 -30.89 -28.56
CA ASP A 345 16.13 -32.01 -28.02
C ASP A 345 17.61 -31.85 -28.37
N ILE A 346 18.47 -32.20 -27.43
CA ILE A 346 19.91 -32.09 -27.59
C ILE A 346 20.53 -33.42 -27.18
N SER A 347 21.37 -33.98 -28.04
CA SER A 347 22.00 -35.26 -27.75
C SER A 347 23.43 -35.24 -28.25
N SER A 348 24.31 -35.95 -27.54
CA SER A 348 25.72 -36.04 -27.89
C SER A 348 26.04 -37.44 -28.37
N ASN A 349 27.09 -37.55 -29.15
CA ASN A 349 27.57 -38.86 -29.60
C ASN A 349 29.07 -38.95 -29.39
N THR A 369 35.39 -37.05 -34.13
CA THR A 369 34.36 -37.96 -33.66
C THR A 369 33.24 -37.34 -32.80
N PRO A 370 33.57 -36.46 -31.84
CA PRO A 370 32.50 -35.87 -31.01
C PRO A 370 31.51 -35.08 -31.86
N GLN A 371 30.23 -35.19 -31.49
CA GLN A 371 29.17 -34.62 -32.29
C GLN A 371 27.96 -34.31 -31.41
N THR A 372 27.30 -33.19 -31.69
CA THR A 372 26.06 -32.81 -31.03
C THR A 372 24.94 -32.75 -32.07
N ASP A 373 23.80 -33.35 -31.75
CA ASP A 373 22.62 -33.32 -32.61
C ASP A 373 21.54 -32.47 -31.94
N ILE A 374 20.88 -31.65 -32.75
CA ILE A 374 19.84 -30.73 -32.30
C ILE A 374 18.57 -31.05 -33.07
N ARG A 375 17.45 -31.14 -32.36
CA ARG A 375 16.15 -31.41 -32.97
C ARG A 375 15.13 -30.39 -32.49
N TRP A 376 14.48 -29.71 -33.43
CA TRP A 376 13.45 -28.73 -33.15
C TRP A 376 12.09 -29.31 -33.52
N MET A 377 11.10 -29.12 -32.65
CA MET A 377 9.74 -29.61 -32.89
C MET A 377 8.73 -28.53 -32.55
N SER A 378 7.96 -28.08 -33.55
CA SER A 378 7.07 -26.93 -33.44
C SER A 378 5.64 -27.31 -33.82
N GLU A 379 4.69 -26.65 -33.16
CA GLU A 379 3.29 -27.08 -33.27
C GLU A 379 2.68 -26.76 -34.64
N SER A 380 3.07 -25.65 -35.24
CA SER A 380 2.51 -25.29 -36.54
C SER A 380 3.53 -24.41 -37.28
N GLY A 381 3.08 -23.74 -38.33
CA GLY A 381 3.95 -22.97 -39.19
C GLY A 381 4.72 -23.83 -40.18
N ILE A 382 5.61 -23.19 -40.92
CA ILE A 382 6.45 -23.89 -41.86
C ILE A 382 7.77 -24.21 -41.17
N ILE A 383 8.60 -25.01 -41.83
CA ILE A 383 10.00 -25.14 -41.42
C ILE A 383 10.74 -23.96 -42.04
N ASP A 384 11.40 -23.17 -41.19
CA ASP A 384 12.14 -21.99 -41.66
C ASP A 384 13.34 -21.85 -40.74
N VAL A 385 14.53 -22.18 -41.24
CA VAL A 385 15.73 -22.23 -40.41
C VAL A 385 16.89 -21.56 -41.15
N PHE A 386 17.66 -20.76 -40.42
CA PHE A 386 18.88 -20.12 -40.90
C PHE A 386 20.07 -20.82 -40.28
N LEU A 387 21.05 -21.16 -41.10
CA LEU A 387 22.30 -21.76 -40.64
C LEU A 387 23.37 -20.68 -40.80
N MET A 388 24.01 -20.32 -39.69
CA MET A 388 24.93 -19.20 -39.65
C MET A 388 26.32 -19.79 -39.45
N LEU A 389 27.16 -19.69 -40.48
CA LEU A 389 28.31 -20.59 -40.61
C LEU A 389 29.60 -20.04 -40.01
N GLY A 390 29.56 -18.89 -39.36
CA GLY A 390 30.73 -18.38 -38.69
C GLY A 390 31.78 -17.90 -39.70
N PRO A 391 33.06 -18.27 -39.51
CA PRO A 391 33.57 -19.29 -38.58
C PRO A 391 33.82 -18.85 -37.15
N SER A 392 33.97 -17.57 -36.89
CA SER A 392 34.16 -17.13 -35.52
C SER A 392 32.80 -16.78 -34.90
N VAL A 393 32.77 -16.73 -33.56
CA VAL A 393 31.50 -16.41 -32.93
C VAL A 393 31.10 -14.96 -33.24
N PHE A 394 32.08 -14.08 -33.52
CA PHE A 394 31.72 -12.71 -33.89
C PHE A 394 31.12 -12.66 -35.29
N ASP A 395 31.54 -13.55 -36.20
CA ASP A 395 30.85 -13.71 -37.46
C ASP A 395 29.40 -14.13 -37.25
N VAL A 396 29.17 -15.07 -36.32
CA VAL A 396 27.80 -15.50 -36.06
C VAL A 396 26.98 -14.33 -35.52
N PHE A 397 27.55 -13.56 -34.58
CA PHE A 397 26.88 -12.37 -34.08
C PHE A 397 26.46 -11.46 -35.24
N ARG A 398 27.39 -11.19 -36.17
CA ARG A 398 27.08 -10.33 -37.32
C ARG A 398 26.02 -10.97 -38.22
N GLN A 399 26.14 -12.27 -38.47
CA GLN A 399 25.15 -12.96 -39.31
C GLN A 399 23.75 -12.84 -38.73
N TYR A 400 23.60 -13.16 -37.44
CA TYR A 400 22.27 -13.10 -36.82
C TYR A 400 21.76 -11.66 -36.75
N ALA A 401 22.65 -10.70 -36.50
CA ALA A 401 22.24 -9.30 -36.44
C ALA A 401 21.73 -8.82 -37.79
N SER A 402 22.34 -9.28 -38.89
CA SER A 402 21.85 -8.87 -40.19
C SER A 402 20.43 -9.37 -40.42
N LEU A 403 20.06 -10.48 -39.77
CA LEU A 403 18.71 -11.01 -39.93
C LEU A 403 17.71 -10.30 -39.02
N THR A 404 17.99 -10.21 -37.72
CA THR A 404 16.98 -9.71 -36.78
C THR A 404 17.31 -8.34 -36.18
N GLY A 405 18.40 -7.71 -36.59
CA GLY A 405 18.73 -6.39 -36.12
C GLY A 405 19.58 -6.43 -34.87
N THR A 406 19.78 -5.25 -34.31
CA THR A 406 20.71 -5.07 -33.20
C THR A 406 20.00 -4.43 -32.02
N GLN A 407 20.66 -4.51 -30.87
CA GLN A 407 20.22 -3.86 -29.66
C GLN A 407 19.94 -2.38 -29.89
N ALA A 408 18.72 -1.96 -29.58
CA ALA A 408 18.42 -0.53 -29.57
C ALA A 408 19.38 0.17 -28.59
N LEU A 409 19.89 1.33 -29.01
CA LEU A 409 20.78 2.11 -28.16
C LEU A 409 20.01 2.68 -26.98
N PRO A 410 20.26 2.24 -25.75
CA PRO A 410 19.50 2.76 -24.61
C PRO A 410 19.79 4.22 -24.38
N PRO A 411 18.79 5.01 -24.02
CA PRO A 411 19.08 6.33 -23.45
C PRO A 411 19.98 6.12 -22.24
N LEU A 412 20.91 7.07 -22.05
CA LEU A 412 21.94 6.90 -21.04
C LEU A 412 21.35 6.63 -19.66
N PHE A 413 20.29 7.37 -19.28
CA PHE A 413 19.73 7.21 -17.94
C PHE A 413 19.36 5.76 -17.65
N SER A 414 18.96 5.00 -18.67
CA SER A 414 18.46 3.66 -18.44
C SER A 414 19.57 2.68 -18.11
N LEU A 415 20.83 3.08 -18.27
CA LEU A 415 21.99 2.28 -17.84
C LEU A 415 22.41 2.60 -16.42
N GLY A 416 21.76 3.57 -15.78
CA GLY A 416 22.00 3.85 -14.38
C GLY A 416 21.28 2.86 -13.50
N TYR A 417 21.09 3.25 -12.25
CA TYR A 417 20.45 2.39 -11.25
C TYR A 417 18.95 2.70 -11.18
N HIS A 418 18.14 1.65 -11.17
CA HIS A 418 16.69 1.75 -11.08
C HIS A 418 16.20 1.25 -9.72
N GLN A 419 15.41 2.06 -9.02
CA GLN A 419 14.85 1.69 -7.73
C GLN A 419 13.37 1.36 -7.90
N SER A 420 12.99 0.12 -7.59
CA SER A 420 11.61 -0.32 -7.79
C SER A 420 11.15 -1.19 -6.62
N ARG A 421 9.82 -1.28 -6.49
CA ARG A 421 9.18 -2.35 -5.74
C ARG A 421 7.71 -2.35 -6.10
N TRP A 422 7.05 -3.43 -5.74
CA TRP A 422 5.60 -3.54 -5.71
C TRP A 422 5.24 -3.27 -4.24
N ASN A 423 4.77 -2.06 -3.89
CA ASN A 423 4.54 -0.87 -4.74
C ASN A 423 4.94 0.33 -3.90
N TYR A 424 5.41 1.42 -4.51
CA TYR A 424 5.48 2.66 -3.76
C TYR A 424 4.07 3.23 -3.65
N ARG A 425 3.69 3.69 -2.47
CA ARG A 425 2.27 3.75 -2.14
C ARG A 425 1.59 5.01 -2.66
N ASP A 426 2.31 6.12 -2.76
CA ASP A 426 1.69 7.36 -3.22
C ASP A 426 2.78 8.32 -3.67
N GLU A 427 2.36 9.52 -4.09
CA GLU A 427 3.31 10.52 -4.55
C GLU A 427 4.31 10.87 -3.46
N ALA A 428 3.84 11.02 -2.22
CA ALA A 428 4.73 11.37 -1.12
C ALA A 428 5.79 10.30 -0.91
N ASP A 429 5.42 9.03 -1.02
CA ASP A 429 6.39 7.94 -0.87
C ASP A 429 7.48 8.04 -1.93
N VAL A 430 7.08 8.24 -3.20
CA VAL A 430 8.03 8.38 -4.30
C VAL A 430 9.00 9.53 -4.03
N LEU A 431 8.48 10.66 -3.56
CA LEU A 431 9.35 11.81 -3.29
C LEU A 431 10.23 11.56 -2.06
N GLU A 432 9.74 10.79 -1.08
CA GLU A 432 10.59 10.40 0.05
C GLU A 432 11.70 9.46 -0.38
N VAL A 433 11.40 8.53 -1.29
CA VAL A 433 12.44 7.65 -1.82
C VAL A 433 13.48 8.49 -2.57
N ASP A 434 13.01 9.39 -3.44
CA ASP A 434 13.91 10.27 -4.18
C ASP A 434 14.83 11.04 -3.23
N GLN A 435 14.26 11.65 -2.18
CA GLN A 435 15.06 12.43 -1.25
C GLN A 435 15.98 11.55 -0.41
N GLY A 436 15.55 10.31 -0.14
CA GLY A 436 16.40 9.39 0.60
C GLY A 436 17.71 9.09 -0.12
N PHE A 437 17.67 8.94 -1.44
CA PHE A 437 18.91 8.73 -2.17
C PHE A 437 19.87 9.90 -1.97
N ASP A 438 19.36 11.12 -2.05
CA ASP A 438 20.23 12.28 -1.91
C ASP A 438 20.72 12.44 -0.47
N ASP A 439 19.84 12.24 0.51
CA ASP A 439 20.25 12.36 1.90
C ASP A 439 21.28 11.30 2.29
N HIS A 440 21.34 10.18 1.59
CA HIS A 440 22.30 9.13 1.91
C HIS A 440 23.40 8.98 0.87
N ASN A 441 23.55 9.99 -0.01
CA ASN A 441 24.65 10.05 -0.98
CA ASN A 441 24.65 10.05 -0.98
C ASN A 441 24.74 8.77 -1.81
N MET A 442 23.62 8.42 -2.45
CA MET A 442 23.54 7.26 -3.31
C MET A 442 22.89 7.67 -4.63
N PRO A 443 23.51 7.37 -5.75
CA PRO A 443 22.94 7.74 -7.05
C PRO A 443 21.80 6.84 -7.47
N CYS A 444 20.87 7.41 -8.25
CA CYS A 444 19.72 6.69 -8.77
C CYS A 444 19.14 7.48 -9.93
N ASP A 445 18.83 6.82 -11.04
CA ASP A 445 18.26 7.53 -12.17
C ASP A 445 16.75 7.42 -12.29
N VAL A 446 16.16 6.30 -11.84
CA VAL A 446 14.75 6.03 -12.10
C VAL A 446 14.11 5.43 -10.85
N ILE A 447 12.90 5.91 -10.53
CA ILE A 447 12.03 5.29 -9.55
C ILE A 447 10.82 4.73 -10.30
N TRP A 448 10.41 3.52 -9.95
CA TRP A 448 9.43 2.77 -10.72
C TRP A 448 8.09 2.70 -9.97
N LEU A 449 7.00 2.76 -10.74
CA LEU A 449 5.64 2.65 -10.22
C LEU A 449 5.00 1.37 -10.76
N ASP A 450 4.78 0.40 -9.87
CA ASP A 450 4.17 -0.87 -10.24
C ASP A 450 2.65 -0.68 -10.26
N ILE A 451 1.91 -1.78 -10.44
CA ILE A 451 0.49 -1.74 -10.81
C ILE A 451 -0.41 -1.04 -9.79
N GLU A 452 0.03 -0.87 -8.55
CA GLU A 452 -0.85 -0.19 -7.60
C GLU A 452 -0.91 1.32 -7.80
N HIS A 453 -0.16 1.88 -8.77
CA HIS A 453 -0.28 3.31 -9.04
C HIS A 453 -1.50 3.63 -9.88
N ALA A 454 -2.05 2.65 -10.58
CA ALA A 454 -3.18 2.88 -11.46
C ALA A 454 -4.51 2.81 -10.68
N ASP A 455 -5.59 3.17 -11.37
CA ASP A 455 -6.96 3.04 -10.83
C ASP A 455 -7.42 1.60 -11.00
N GLY A 456 -7.21 0.78 -9.97
CA GLY A 456 -7.71 -0.59 -10.00
C GLY A 456 -7.20 -1.42 -11.16
N LYS A 457 -5.91 -1.25 -11.49
CA LYS A 457 -5.24 -1.98 -12.58
C LYS A 457 -5.91 -1.71 -13.93
N ARG A 458 -6.46 -0.52 -14.09
CA ARG A 458 -6.82 0.03 -15.40
C ARG A 458 -5.60 0.81 -15.90
N TYR A 459 -4.89 0.26 -16.88
CA TYR A 459 -3.63 0.90 -17.26
C TYR A 459 -3.89 2.21 -18.01
N PHE A 460 -2.88 3.08 -18.00
CA PHE A 460 -2.93 4.46 -18.44
C PHE A 460 -3.75 5.36 -17.51
N THR A 461 -4.14 4.88 -16.33
CA THR A 461 -4.83 5.73 -15.34
C THR A 461 -3.97 5.86 -14.09
N TRP A 462 -4.45 6.67 -13.15
CA TRP A 462 -3.75 6.95 -11.91
C TRP A 462 -4.73 6.83 -10.75
N ASP A 463 -4.30 6.24 -9.66
CA ASP A 463 -5.21 6.15 -8.52
C ASP A 463 -5.61 7.54 -8.06
N PRO A 464 -6.91 7.87 -8.02
CA PRO A 464 -7.31 9.27 -7.74
C PRO A 464 -6.98 9.75 -6.34
N THR A 465 -6.70 8.86 -5.39
CA THR A 465 -6.33 9.29 -4.05
C THR A 465 -4.82 9.32 -3.85
N ARG A 466 -4.12 8.28 -4.27
CA ARG A 466 -2.69 8.18 -3.99
C ARG A 466 -1.81 8.82 -5.07
N PHE A 467 -2.32 8.97 -6.30
CA PHE A 467 -1.59 9.66 -7.37
C PHE A 467 -2.49 10.69 -8.04
N PRO A 468 -2.92 11.71 -7.29
CA PRO A 468 -3.86 12.70 -7.86
C PRO A 468 -3.22 13.71 -8.79
N GLN A 469 -1.92 13.96 -8.69
CA GLN A 469 -1.23 15.01 -9.46
C GLN A 469 0.03 14.43 -10.07
N PRO A 470 -0.10 13.51 -11.03
CA PRO A 470 1.11 12.88 -11.58
C PRO A 470 2.06 13.84 -12.28
N LEU A 471 1.54 14.84 -12.99
CA LEU A 471 2.42 15.81 -13.65
C LEU A 471 3.27 16.53 -12.63
N ASN A 472 2.71 16.82 -11.45
CA ASN A 472 3.48 17.49 -10.42
C ASN A 472 4.55 16.58 -9.82
N MET A 473 4.23 15.31 -9.60
CA MET A 473 5.24 14.36 -9.16
C MET A 473 6.38 14.26 -10.17
N LEU A 474 6.03 14.16 -11.47
CA LEU A 474 7.05 14.08 -12.51
C LEU A 474 7.88 15.36 -12.57
N GLU A 475 7.26 16.52 -12.35
CA GLU A 475 8.03 17.75 -12.33
C GLU A 475 9.03 17.77 -11.19
N HIS A 476 8.65 17.27 -10.00
CA HIS A 476 9.61 17.21 -8.91
CA HIS A 476 9.60 17.18 -8.89
C HIS A 476 10.77 16.27 -9.22
N LEU A 477 10.49 15.11 -9.82
CA LEU A 477 11.57 14.21 -10.23
C LEU A 477 12.45 14.85 -11.30
N ALA A 478 11.84 15.56 -12.25
CA ALA A 478 12.63 16.27 -13.27
C ALA A 478 13.55 17.32 -12.65
N SER A 479 13.09 17.98 -11.58
CA SER A 479 13.94 18.97 -10.93
C SER A 479 15.13 18.31 -10.25
N LYS A 480 15.04 17.02 -9.95
CA LYS A 480 16.18 16.25 -9.48
C LYS A 480 16.92 15.55 -10.63
N ARG A 481 16.51 15.80 -11.88
CA ARG A 481 17.10 15.20 -13.07
C ARG A 481 17.01 13.66 -12.99
N ARG A 482 15.84 13.18 -12.57
CA ARG A 482 15.55 11.76 -12.52
C ARG A 482 14.30 11.48 -13.35
N LYS A 483 14.09 10.20 -13.63
CA LYS A 483 12.98 9.72 -14.44
C LYS A 483 12.07 8.83 -13.60
N LEU A 484 10.94 8.49 -14.18
CA LEU A 484 10.00 7.56 -13.60
C LEU A 484 9.62 6.54 -14.65
N VAL A 485 9.37 5.31 -14.22
CA VAL A 485 8.83 4.27 -15.09
C VAL A 485 7.48 3.85 -14.52
N ALA A 486 6.45 3.83 -15.37
CA ALA A 486 5.14 3.34 -15.01
C ALA A 486 4.85 2.04 -15.75
N ILE A 487 4.22 1.10 -15.06
CA ILE A 487 3.87 -0.19 -15.66
C ILE A 487 2.59 -0.04 -16.47
N VAL A 488 2.57 -0.68 -17.64
CA VAL A 488 1.41 -0.75 -18.52
C VAL A 488 1.35 -2.17 -19.09
N ASP A 489 0.36 -2.97 -18.65
CA ASP A 489 0.26 -4.34 -19.12
C ASP A 489 -0.72 -4.42 -20.28
N PRO A 490 -0.67 -5.47 -21.09
CA PRO A 490 -1.57 -5.57 -22.23
C PRO A 490 -2.95 -6.13 -21.93
N HIS A 491 -3.31 -6.43 -20.69
CA HIS A 491 -4.67 -6.89 -20.46
C HIS A 491 -5.51 -5.69 -20.03
N ILE A 492 -6.72 -5.61 -20.58
CA ILE A 492 -7.56 -4.43 -20.48
C ILE A 492 -8.82 -4.82 -19.72
N LYS A 493 -9.07 -4.16 -18.58
CA LYS A 493 -10.19 -4.54 -17.73
C LYS A 493 -11.52 -4.43 -18.48
N VAL A 494 -12.32 -5.49 -18.43
CA VAL A 494 -13.65 -5.45 -19.01
C VAL A 494 -14.52 -4.55 -18.13
N ASP A 495 -14.76 -3.33 -18.58
CA ASP A 495 -15.35 -2.28 -17.74
C ASP A 495 -15.90 -1.20 -18.67
N SER A 496 -17.23 -1.07 -18.70
CA SER A 496 -17.83 -0.11 -19.63
C SER A 496 -17.52 1.33 -19.27
N GLY A 497 -17.03 1.62 -18.06
CA GLY A 497 -16.60 2.96 -17.75
C GLY A 497 -15.15 3.26 -18.10
N TYR A 498 -14.43 2.28 -18.64
CA TYR A 498 -12.99 2.39 -18.92
C TYR A 498 -12.84 2.70 -20.41
N ARG A 499 -12.40 3.92 -20.73
CA ARG A 499 -12.40 4.38 -22.12
C ARG A 499 -11.50 3.50 -23.01
N VAL A 500 -10.38 3.01 -22.47
CA VAL A 500 -9.52 2.12 -23.25
C VAL A 500 -10.29 0.89 -23.68
N HIS A 501 -11.00 0.26 -22.73
CA HIS A 501 -11.79 -0.93 -23.07
C HIS A 501 -12.87 -0.60 -24.09
N GLU A 502 -13.54 0.55 -23.93
CA GLU A 502 -14.64 0.88 -24.84
C GLU A 502 -14.14 1.13 -26.25
N GLU A 503 -13.00 1.80 -26.40
CA GLU A 503 -12.44 2.04 -27.73
C GLU A 503 -12.04 0.73 -28.40
N LEU A 504 -11.33 -0.14 -27.68
CA LEU A 504 -10.86 -1.37 -28.28
C LEU A 504 -12.03 -2.29 -28.64
N ARG A 505 -13.03 -2.34 -27.78
CA ARG A 505 -14.25 -3.11 -28.06
C ARG A 505 -14.98 -2.55 -29.26
N ASN A 506 -15.16 -1.23 -29.32
CA ASN A 506 -15.91 -0.63 -30.42
C ASN A 506 -15.19 -0.76 -31.75
N HIS A 507 -13.86 -0.76 -31.76
CA HIS A 507 -13.11 -0.86 -33.00
C HIS A 507 -12.73 -2.29 -33.34
N GLY A 508 -13.20 -3.27 -32.57
CA GLY A 508 -12.94 -4.67 -32.88
C GLY A 508 -11.48 -5.08 -32.85
N LEU A 509 -10.71 -4.53 -31.92
CA LEU A 509 -9.26 -4.73 -31.88
C LEU A 509 -8.82 -5.79 -30.87
N TYR A 510 -9.76 -6.53 -30.29
CA TYR A 510 -9.46 -7.56 -29.31
C TYR A 510 -9.25 -8.92 -29.97
N VAL A 511 -8.40 -9.74 -29.34
CA VAL A 511 -8.35 -11.16 -29.69
C VAL A 511 -9.74 -11.75 -29.53
N LYS A 512 -10.11 -12.65 -30.44
CA LYS A 512 -11.46 -13.20 -30.47
C LYS A 512 -11.44 -14.70 -30.21
N THR A 513 -12.62 -15.22 -29.88
CA THR A 513 -12.85 -16.65 -29.83
C THR A 513 -13.47 -17.10 -31.15
N ARG A 514 -13.59 -18.41 -31.32
CA ARG A 514 -14.05 -18.94 -32.61
C ARG A 514 -15.47 -18.50 -32.93
N ASP A 515 -16.30 -18.23 -31.93
CA ASP A 515 -17.66 -17.80 -32.20
C ASP A 515 -17.77 -16.30 -32.47
N GLY A 516 -16.65 -15.60 -32.55
CA GLY A 516 -16.64 -14.20 -32.91
C GLY A 516 -16.76 -13.21 -31.76
N SER A 517 -16.86 -13.68 -30.52
CA SER A 517 -16.90 -12.73 -29.43
C SER A 517 -15.49 -12.38 -28.96
N ASP A 518 -15.38 -11.28 -28.23
CA ASP A 518 -14.07 -10.90 -27.72
C ASP A 518 -13.66 -11.85 -26.63
N TYR A 519 -12.41 -12.30 -26.67
CA TYR A 519 -11.88 -13.19 -25.64
C TYR A 519 -11.86 -12.50 -24.29
N GLU A 520 -12.29 -13.21 -23.25
CA GLU A 520 -12.24 -12.67 -21.90
C GLU A 520 -11.57 -13.67 -20.98
N GLY A 521 -10.53 -13.21 -20.29
CA GLY A 521 -9.84 -14.01 -19.31
C GLY A 521 -9.70 -13.26 -18.01
N TRP A 522 -8.89 -13.77 -17.09
CA TRP A 522 -8.73 -13.20 -15.76
C TRP A 522 -7.29 -12.74 -15.55
N CYS A 523 -7.11 -11.51 -15.07
CA CYS A 523 -5.78 -11.05 -14.67
C CYS A 523 -5.94 -10.06 -13.53
N TRP A 524 -4.95 -9.20 -13.32
CA TRP A 524 -4.95 -8.30 -12.16
C TRP A 524 -6.24 -7.52 -11.97
N PRO A 525 -6.89 -6.93 -13.00
CA PRO A 525 -8.13 -6.19 -12.74
C PRO A 525 -9.35 -7.08 -12.67
N GLY A 526 -9.15 -8.38 -12.52
CA GLY A 526 -10.25 -9.32 -12.63
C GLY A 526 -10.49 -9.68 -14.08
N SER A 527 -11.75 -9.69 -14.50
CA SER A 527 -12.07 -10.07 -15.87
C SER A 527 -11.46 -9.04 -16.84
N ALA A 528 -10.76 -9.54 -17.86
CA ALA A 528 -9.98 -8.68 -18.75
C ALA A 528 -9.98 -9.25 -20.16
N SER A 529 -9.87 -8.36 -21.14
CA SER A 529 -9.70 -8.74 -22.54
C SER A 529 -8.29 -8.36 -23.02
N TYR A 530 -7.94 -8.92 -24.17
CA TYR A 530 -6.56 -8.90 -24.67
C TYR A 530 -6.54 -8.30 -26.07
N PRO A 531 -5.94 -7.12 -26.25
CA PRO A 531 -5.84 -6.54 -27.59
C PRO A 531 -5.03 -7.44 -28.50
N ASP A 532 -5.38 -7.44 -29.78
CA ASP A 532 -4.68 -8.28 -30.75
C ASP A 532 -3.47 -7.51 -31.26
N PHE A 533 -2.36 -7.64 -30.54
CA PHE A 533 -1.14 -6.94 -30.94
C PHE A 533 -0.52 -7.49 -32.23
N THR A 534 -1.00 -8.62 -32.77
CA THR A 534 -0.55 -9.03 -34.10
C THR A 534 -1.18 -8.18 -35.20
N ASN A 535 -2.22 -7.42 -34.88
CA ASN A 535 -2.93 -6.57 -35.84
C ASN A 535 -2.21 -5.23 -35.93
N PRO A 536 -1.72 -4.83 -37.10
CA PRO A 536 -1.01 -3.53 -37.19
C PRO A 536 -1.88 -2.35 -36.80
N ARG A 537 -3.20 -2.44 -37.02
CA ARG A 537 -4.09 -1.35 -36.61
C ARG A 537 -4.15 -1.24 -35.09
N MET A 538 -4.12 -2.38 -34.40
CA MET A 538 -4.08 -2.35 -32.94
CA MET A 538 -4.08 -2.35 -32.94
C MET A 538 -2.77 -1.76 -32.44
N ARG A 539 -1.64 -2.13 -33.06
CA ARG A 539 -0.36 -1.58 -32.60
C ARG A 539 -0.31 -0.08 -32.81
N ALA A 540 -0.88 0.41 -33.92
CA ALA A 540 -0.92 1.85 -34.17
C ALA A 540 -1.78 2.55 -33.13
N TRP A 541 -2.91 1.93 -32.76
CA TRP A 541 -3.75 2.49 -31.71
C TRP A 541 -2.98 2.57 -30.40
N TRP A 542 -2.27 1.49 -30.05
CA TRP A 542 -1.50 1.45 -28.81
C TRP A 542 -0.44 2.54 -28.79
N SER A 543 0.30 2.68 -29.88
CA SER A 543 1.35 3.68 -29.92
CA SER A 543 1.35 3.68 -29.95
C SER A 543 0.79 5.09 -29.76
N ASN A 544 -0.35 5.36 -30.39
CA ASN A 544 -0.94 6.69 -30.27
C ASN A 544 -1.46 6.95 -28.87
N MET A 545 -1.81 5.88 -28.12
CA MET A 545 -2.30 6.05 -26.76
C MET A 545 -1.23 6.64 -25.85
N PHE A 546 0.05 6.54 -26.20
CA PHE A 546 1.11 7.12 -25.39
C PHE A 546 1.35 8.60 -25.68
N SER A 547 0.58 9.22 -26.56
CA SER A 547 0.71 10.66 -26.74
C SER A 547 0.41 11.37 -25.42
N PHE A 548 1.01 12.55 -25.23
CA PHE A 548 0.81 13.27 -23.96
C PHE A 548 -0.64 13.73 -23.79
N ASP A 549 -1.40 13.85 -24.89
CA ASP A 549 -2.81 14.18 -24.80
C ASP A 549 -3.67 12.97 -24.44
N ASN A 550 -3.28 11.77 -24.88
CA ASN A 550 -4.07 10.57 -24.60
C ASN A 550 -3.73 9.97 -23.25
N TYR A 551 -2.44 9.83 -22.94
CA TYR A 551 -1.99 9.31 -21.65
C TYR A 551 -1.89 10.48 -20.68
N GLU A 552 -3.04 10.91 -20.16
CA GLU A 552 -3.05 12.06 -19.27
C GLU A 552 -2.25 11.79 -18.02
N GLY A 553 -1.46 12.78 -17.63
CA GLY A 553 -0.57 12.66 -16.49
C GLY A 553 0.85 12.22 -16.82
N SER A 554 1.13 11.82 -18.07
CA SER A 554 2.48 11.46 -18.46
C SER A 554 3.25 12.69 -18.95
N ALA A 555 4.57 12.54 -19.01
CA ALA A 555 5.48 13.63 -19.34
C ALA A 555 6.73 13.02 -19.93
N PRO A 556 7.61 13.84 -20.54
CA PRO A 556 8.80 13.27 -21.22
C PRO A 556 9.73 12.47 -20.33
N ASN A 557 9.70 12.65 -19.00
CA ASN A 557 10.56 11.81 -18.15
C ASN A 557 9.82 10.59 -17.58
N LEU A 558 8.69 10.19 -18.18
CA LEU A 558 7.98 8.97 -17.81
CA LEU A 558 7.97 8.98 -17.82
C LEU A 558 8.18 7.93 -18.90
N TYR A 559 8.77 6.80 -18.55
CA TYR A 559 9.00 5.68 -19.46
C TYR A 559 8.19 4.47 -18.97
N VAL A 560 8.31 3.32 -19.64
CA VAL A 560 7.27 2.31 -19.54
C VAL A 560 7.84 0.92 -19.29
N TRP A 561 7.06 0.11 -18.56
CA TRP A 561 7.35 -1.29 -18.24
C TRP A 561 6.17 -2.11 -18.71
N ASN A 562 6.39 -3.01 -19.68
CA ASN A 562 5.36 -3.96 -20.14
C ASN A 562 5.58 -5.28 -19.40
N ASP A 563 4.56 -5.73 -18.67
CA ASP A 563 4.63 -6.98 -17.93
C ASP A 563 3.47 -7.88 -18.33
N MET A 564 3.56 -9.15 -17.95
CA MET A 564 2.47 -10.12 -18.17
C MET A 564 2.15 -10.27 -19.65
N ASN A 565 3.10 -10.01 -20.55
CA ASN A 565 2.80 -9.98 -21.98
C ASN A 565 3.13 -11.30 -22.68
N GLU A 566 3.13 -12.40 -21.93
CA GLU A 566 3.29 -13.72 -22.55
C GLU A 566 2.22 -14.08 -23.58
N PRO A 567 0.91 -13.77 -23.39
CA PRO A 567 0.24 -13.04 -22.31
C PRO A 567 -0.13 -13.95 -21.14
N SER A 568 -0.11 -13.40 -19.93
CA SER A 568 -0.51 -14.16 -18.76
C SER A 568 -2.03 -14.09 -18.62
N VAL A 569 -2.67 -15.24 -18.46
CA VAL A 569 -4.13 -15.36 -18.29
C VAL A 569 -4.36 -16.30 -17.13
N PHE A 570 -4.84 -15.77 -16.00
CA PHE A 570 -4.82 -16.53 -14.75
C PHE A 570 -5.70 -17.77 -14.81
N ASN A 571 -6.81 -17.71 -15.55
CA ASN A 571 -7.70 -18.86 -15.69
C ASN A 571 -7.53 -19.57 -17.03
N GLY A 572 -6.41 -19.35 -17.72
CA GLY A 572 -6.14 -20.00 -18.98
C GLY A 572 -5.27 -21.22 -18.84
N PRO A 573 -5.21 -22.06 -19.87
CA PRO A 573 -4.33 -23.25 -19.83
C PRO A 573 -2.88 -22.81 -19.71
N GLU A 574 -2.16 -23.41 -18.75
CA GLU A 574 -0.77 -23.06 -18.45
C GLU A 574 -0.62 -21.57 -18.15
N VAL A 575 -1.69 -20.96 -17.62
CA VAL A 575 -1.71 -19.55 -17.25
C VAL A 575 -1.52 -18.67 -18.48
N THR A 576 -1.96 -19.13 -19.65
CA THR A 576 -1.89 -18.27 -20.84
C THR A 576 -3.15 -18.45 -21.70
N MET A 577 -3.11 -17.84 -22.87
CA MET A 577 -4.25 -17.76 -23.77
CA MET A 577 -4.27 -17.77 -23.74
C MET A 577 -4.57 -19.13 -24.38
N LEU A 578 -5.86 -19.37 -24.63
CA LEU A 578 -6.30 -20.58 -25.33
C LEU A 578 -5.66 -20.66 -26.71
N LYS A 579 -5.20 -21.87 -27.07
CA LYS A 579 -4.57 -22.12 -28.36
C LYS A 579 -5.47 -21.78 -29.53
N ASP A 580 -6.80 -21.91 -29.37
CA ASP A 580 -7.70 -21.71 -30.49
C ASP A 580 -8.38 -20.35 -30.46
N ALA A 581 -7.87 -19.40 -29.68
CA ALA A 581 -8.28 -18.02 -29.89
C ALA A 581 -7.82 -17.57 -31.28
N VAL A 582 -8.46 -16.52 -31.80
CA VAL A 582 -8.31 -16.15 -33.20
C VAL A 582 -7.78 -14.73 -33.30
N HIS A 583 -6.77 -14.54 -34.16
CA HIS A 583 -6.08 -13.26 -34.33
C HIS A 583 -6.31 -12.72 -35.74
N TYR A 584 -5.76 -11.53 -35.97
CA TYR A 584 -5.81 -10.85 -37.26
C TYR A 584 -5.45 -11.81 -38.39
N GLY A 585 -6.23 -11.75 -39.47
CA GLY A 585 -6.08 -12.67 -40.59
C GLY A 585 -6.55 -14.09 -40.34
N GLY A 586 -7.21 -14.35 -39.23
CA GLY A 586 -7.69 -15.68 -38.95
C GLY A 586 -6.66 -16.64 -38.37
N TRP A 587 -5.42 -16.20 -38.15
CA TRP A 587 -4.45 -17.11 -37.55
C TRP A 587 -4.84 -17.46 -36.13
N GLU A 588 -4.52 -18.69 -35.74
CA GLU A 588 -4.83 -19.12 -34.38
C GLU A 588 -3.77 -18.64 -33.41
N HIS A 589 -4.13 -18.61 -32.13
CA HIS A 589 -3.16 -18.19 -31.13
C HIS A 589 -1.97 -19.13 -31.07
N ARG A 590 -2.21 -20.43 -31.30
CA ARG A 590 -1.10 -21.39 -31.34
C ARG A 590 -0.08 -21.03 -32.42
N ASP A 591 -0.50 -20.29 -33.46
CA ASP A 591 0.42 -19.94 -34.55
C ASP A 591 1.38 -18.83 -34.15
N ILE A 592 0.94 -17.88 -33.31
CA ILE A 592 1.64 -16.62 -33.12
C ILE A 592 2.20 -16.46 -31.71
N HIS A 593 1.96 -17.43 -30.83
CA HIS A 593 2.08 -17.19 -29.38
C HIS A 593 3.37 -16.47 -29.01
N ASN A 594 4.51 -16.94 -29.51
CA ASN A 594 5.78 -16.46 -28.99
C ASN A 594 6.15 -15.06 -29.48
N ILE A 595 5.39 -14.44 -30.39
CA ILE A 595 5.67 -13.06 -30.75
C ILE A 595 4.63 -12.09 -30.22
N TYR A 596 3.64 -12.56 -29.46
CA TYR A 596 2.67 -11.64 -28.88
C TYR A 596 3.35 -10.61 -27.99
N GLY A 597 4.21 -11.07 -27.07
CA GLY A 597 4.90 -10.13 -26.20
C GLY A 597 5.80 -9.18 -26.96
N LEU A 598 6.50 -9.68 -27.98
CA LEU A 598 7.35 -8.81 -28.79
C LEU A 598 6.55 -7.68 -29.39
N TYR A 599 5.35 -7.98 -29.90
CA TYR A 599 4.51 -6.94 -30.48
C TYR A 599 4.09 -5.91 -29.43
N VAL A 600 3.86 -6.35 -28.18
CA VAL A 600 3.57 -5.38 -27.12
C VAL A 600 4.75 -4.46 -26.93
N HIS A 601 5.94 -5.06 -26.78
CA HIS A 601 7.17 -4.32 -26.61
C HIS A 601 7.37 -3.32 -27.76
N MET A 602 7.19 -3.79 -28.99
CA MET A 602 7.40 -2.95 -30.17
C MET A 602 6.45 -1.76 -30.17
N ALA A 603 5.17 -2.02 -29.97
CA ALA A 603 4.19 -0.94 -30.04
C ALA A 603 4.39 0.07 -28.93
N THR A 604 4.80 -0.38 -27.74
CA THR A 604 5.07 0.56 -26.66
C THR A 604 6.27 1.45 -26.98
N ALA A 605 7.36 0.83 -27.43
CA ALA A 605 8.55 1.60 -27.79
C ALA A 605 8.24 2.62 -28.89
N ASP A 606 7.48 2.20 -29.91
CA ASP A 606 7.09 3.16 -30.94
C ASP A 606 6.24 4.27 -30.36
N GLY A 607 5.43 3.98 -29.33
CA GLY A 607 4.64 5.03 -28.71
C GLY A 607 5.48 6.12 -28.06
N LEU A 608 6.55 5.72 -27.36
CA LEU A 608 7.42 6.69 -26.71
C LEU A 608 8.20 7.51 -27.72
N ILE A 609 8.53 6.92 -28.87
CA ILE A 609 9.17 7.69 -29.93
C ILE A 609 8.17 8.68 -30.53
N GLN A 610 6.98 8.20 -30.90
CA GLN A 610 6.00 9.03 -31.59
C GLN A 610 5.56 10.21 -30.73
N ARG A 611 5.38 9.99 -29.42
CA ARG A 611 4.87 11.07 -28.58
C ARG A 611 5.81 12.26 -28.54
N SER A 612 7.09 12.05 -28.87
CA SER A 612 8.09 13.10 -28.88
C SER A 612 8.28 13.69 -30.26
N GLY A 613 7.49 13.28 -31.24
CA GLY A 613 7.73 13.70 -32.60
C GLY A 613 8.88 12.99 -33.29
N GLY A 614 9.26 11.80 -32.82
CA GLY A 614 10.33 11.05 -33.42
C GLY A 614 11.72 11.37 -32.92
N ILE A 615 11.85 12.15 -31.86
CA ILE A 615 13.14 12.65 -31.42
C ILE A 615 13.72 11.82 -30.27
N GLU A 616 12.90 11.43 -29.29
CA GLU A 616 13.42 10.81 -28.08
C GLU A 616 13.57 9.30 -28.28
N ARG A 617 14.71 8.76 -27.82
CA ARG A 617 14.87 7.31 -27.81
C ARG A 617 13.97 6.72 -26.73
N PRO A 618 13.39 5.56 -26.96
CA PRO A 618 12.50 4.96 -25.95
C PRO A 618 13.27 4.26 -24.84
N PHE A 619 12.57 3.99 -23.75
CA PHE A 619 12.99 2.95 -22.82
C PHE A 619 11.78 2.14 -22.40
N VAL A 620 11.81 0.84 -22.70
CA VAL A 620 10.73 -0.08 -22.33
C VAL A 620 11.37 -1.36 -21.82
N LEU A 621 10.99 -1.77 -20.61
CA LEU A 621 11.32 -3.11 -20.10
C LEU A 621 10.16 -4.04 -20.44
N SER A 622 10.49 -5.24 -20.92
CA SER A 622 9.47 -6.22 -21.28
C SER A 622 9.78 -7.57 -20.63
N ARG A 623 8.73 -8.30 -20.24
CA ARG A 623 8.96 -9.62 -19.64
C ARG A 623 9.05 -10.71 -20.68
N ALA A 624 8.10 -10.75 -21.60
CA ALA A 624 8.11 -11.73 -22.67
C ALA A 624 8.91 -11.17 -23.84
N PHE A 625 9.48 -12.06 -24.65
CA PHE A 625 10.31 -11.62 -25.76
C PHE A 625 10.48 -12.78 -26.75
N PHE A 626 11.06 -12.43 -27.91
CA PHE A 626 11.32 -13.35 -29.01
C PHE A 626 12.56 -12.85 -29.75
N SER A 627 12.98 -13.60 -30.77
CA SER A 627 13.97 -13.07 -31.70
C SER A 627 13.52 -11.70 -32.19
N GLY A 628 14.42 -10.73 -32.14
CA GLY A 628 14.13 -9.36 -32.54
C GLY A 628 13.78 -8.42 -31.39
N SER A 629 13.49 -8.93 -30.19
CA SER A 629 13.12 -8.06 -29.08
C SER A 629 14.25 -7.10 -28.69
N GLN A 630 15.50 -7.44 -29.03
CA GLN A 630 16.60 -6.54 -28.74
C GLN A 630 16.41 -5.17 -29.38
N ARG A 631 15.59 -5.08 -30.43
CA ARG A 631 15.36 -3.80 -31.10
C ARG A 631 14.52 -2.83 -30.27
N PHE A 632 13.87 -3.29 -29.21
CA PHE A 632 12.84 -2.49 -28.55
C PHE A 632 13.15 -2.12 -27.10
N GLY A 633 14.27 -2.60 -26.54
CA GLY A 633 14.65 -2.16 -25.22
C GLY A 633 15.27 -3.24 -24.36
N ALA A 634 14.78 -3.39 -23.13
CA ALA A 634 15.40 -4.26 -22.14
C ALA A 634 14.47 -5.41 -21.79
N VAL A 635 15.05 -6.44 -21.19
CA VAL A 635 14.30 -7.56 -20.63
C VAL A 635 14.91 -7.89 -19.28
N TRP A 636 14.16 -8.62 -18.47
CA TRP A 636 14.67 -9.13 -17.20
C TRP A 636 14.13 -10.54 -16.98
N THR A 637 14.75 -11.25 -16.04
CA THR A 637 14.45 -12.68 -15.87
C THR A 637 13.24 -12.93 -14.96
N GLY A 638 12.36 -11.96 -14.79
CA GLY A 638 11.09 -12.25 -14.14
C GLY A 638 11.19 -12.41 -12.63
N ASP A 639 10.32 -13.25 -12.07
CA ASP A 639 10.15 -13.33 -10.61
C ASP A 639 11.13 -14.36 -10.05
N ASN A 640 12.35 -13.91 -9.77
CA ASN A 640 13.34 -14.73 -9.10
C ASN A 640 13.07 -14.66 -7.59
N THR A 641 13.96 -15.24 -6.80
CA THR A 641 13.76 -15.38 -5.35
C THR A 641 15.01 -14.92 -4.62
N ALA A 642 14.81 -14.35 -3.44
CA ALA A 642 15.90 -13.84 -2.61
C ALA A 642 16.72 -14.95 -1.98
N GLU A 643 17.49 -15.69 -2.79
CA GLU A 643 18.32 -16.78 -2.32
C GLU A 643 19.63 -16.80 -3.11
N TRP A 644 20.67 -17.36 -2.48
CA TRP A 644 22.02 -17.27 -3.05
C TRP A 644 22.11 -17.94 -4.42
N ASP A 645 21.40 -19.05 -4.63
CA ASP A 645 21.52 -19.72 -5.92
CA ASP A 645 21.51 -19.73 -5.92
C ASP A 645 20.80 -18.95 -7.03
N HIS A 646 19.80 -18.14 -6.67
CA HIS A 646 19.19 -17.26 -7.66
C HIS A 646 20.12 -16.10 -8.01
N LEU A 647 20.89 -15.61 -7.03
CA LEU A 647 21.95 -14.65 -7.34
C LEU A 647 22.94 -15.23 -8.34
N LYS A 648 23.38 -16.48 -8.09
CA LYS A 648 24.33 -17.11 -8.98
C LYS A 648 23.77 -17.25 -10.39
N ILE A 649 22.51 -17.66 -10.52
CA ILE A 649 22.01 -18.03 -11.84
C ILE A 649 21.76 -16.82 -12.74
N SER A 650 21.82 -15.61 -12.18
CA SER A 650 21.62 -14.42 -13.02
C SER A 650 22.69 -14.34 -14.10
N ILE A 651 23.90 -14.84 -13.83
CA ILE A 651 24.98 -14.79 -14.83
C ILE A 651 24.66 -15.71 -16.02
N PRO A 652 24.45 -17.02 -15.85
CA PRO A 652 24.14 -17.83 -17.04
C PRO A 652 22.85 -17.43 -17.75
N MET A 653 21.85 -16.93 -17.02
CA MET A 653 20.61 -16.52 -17.69
C MET A 653 20.87 -15.30 -18.59
N CYS A 654 21.54 -14.27 -18.07
CA CYS A 654 21.78 -13.10 -18.92
C CYS A 654 22.83 -13.37 -19.98
N LEU A 655 23.77 -14.28 -19.71
CA LEU A 655 24.71 -14.70 -20.76
C LEU A 655 23.99 -15.43 -21.89
N SER A 656 23.03 -16.29 -21.57
CA SER A 656 22.31 -16.98 -22.64
C SER A 656 21.51 -16.01 -23.49
N LEU A 657 21.00 -14.94 -22.89
CA LEU A 657 20.31 -13.91 -23.66
C LEU A 657 21.29 -13.07 -24.46
N ALA A 658 22.44 -12.73 -23.85
CA ALA A 658 23.46 -11.97 -24.58
C ALA A 658 23.89 -12.68 -25.85
N LEU A 659 24.09 -13.99 -25.79
CA LEU A 659 24.59 -14.70 -26.97
C LEU A 659 23.60 -14.66 -28.12
N VAL A 660 22.31 -14.45 -27.84
CA VAL A 660 21.30 -14.46 -28.91
C VAL A 660 20.77 -13.05 -29.14
N GLY A 661 21.58 -12.06 -28.80
CA GLY A 661 21.32 -10.69 -29.24
C GLY A 661 20.63 -9.81 -28.22
N LEU A 662 20.14 -10.36 -27.11
CA LEU A 662 19.44 -9.54 -26.12
C LEU A 662 20.45 -9.09 -25.07
N SER A 663 21.13 -7.98 -25.36
CA SER A 663 22.21 -7.47 -24.51
C SER A 663 21.73 -6.71 -23.30
N PHE A 664 20.49 -6.24 -23.28
CA PHE A 664 20.01 -5.35 -22.21
C PHE A 664 19.21 -6.20 -21.22
N CYS A 665 19.92 -6.97 -20.41
CA CYS A 665 19.35 -8.02 -19.58
C CYS A 665 19.75 -7.80 -18.13
N GLY A 666 18.90 -8.27 -17.21
CA GLY A 666 19.20 -8.18 -15.80
C GLY A 666 18.25 -9.08 -15.00
N ALA A 667 18.49 -9.14 -13.69
CA ALA A 667 17.61 -9.85 -12.76
C ALA A 667 17.31 -8.94 -11.58
N ASP A 668 16.13 -9.14 -10.94
CA ASP A 668 15.74 -8.29 -9.82
C ASP A 668 16.81 -8.35 -8.72
N VAL A 669 17.39 -7.19 -8.41
CA VAL A 669 18.43 -7.12 -7.39
C VAL A 669 17.80 -7.32 -6.02
N GLY A 670 18.27 -8.33 -5.30
CA GLY A 670 17.69 -8.74 -4.04
C GLY A 670 16.74 -9.90 -4.16
N GLY A 671 16.28 -10.21 -5.37
CA GLY A 671 15.28 -11.25 -5.58
C GLY A 671 13.89 -10.70 -5.42
N PHE A 672 12.95 -11.14 -6.25
CA PHE A 672 11.58 -10.63 -6.16
C PHE A 672 10.85 -11.21 -4.94
N PHE A 673 10.82 -12.54 -4.80
CA PHE A 673 10.18 -13.21 -3.67
C PHE A 673 11.08 -13.23 -2.45
N LYS A 674 10.47 -13.08 -1.27
CA LYS A 674 11.12 -13.28 0.03
C LYS A 674 12.03 -12.11 0.43
N ASN A 675 12.59 -12.17 1.63
CA ASN A 675 13.39 -11.09 2.18
C ASN A 675 14.85 -11.50 2.18
N PRO A 676 15.73 -10.80 1.48
CA PRO A 676 17.14 -11.17 1.49
C PRO A 676 17.79 -10.73 2.78
N GLU A 677 18.66 -11.58 3.32
CA GLU A 677 19.50 -11.17 4.43
C GLU A 677 20.46 -10.07 3.96
N PRO A 678 20.89 -9.20 4.86
CA PRO A 678 21.67 -8.02 4.40
C PRO A 678 22.92 -8.37 3.60
N GLU A 679 23.62 -9.44 3.96
CA GLU A 679 24.84 -9.80 3.21
C GLU A 679 24.48 -10.21 1.79
N LEU A 680 23.37 -10.92 1.61
CA LEU A 680 22.95 -11.30 0.27
C LEU A 680 22.58 -10.07 -0.55
N LEU A 681 21.87 -9.11 0.06
CA LEU A 681 21.50 -7.90 -0.65
C LEU A 681 22.74 -7.11 -1.09
N VAL A 682 23.75 -7.03 -0.23
CA VAL A 682 25.01 -6.39 -0.61
C VAL A 682 25.60 -7.09 -1.83
N ARG A 683 25.74 -8.43 -1.76
CA ARG A 683 26.33 -9.16 -2.88
C ARG A 683 25.50 -9.03 -4.15
N TRP A 684 24.18 -8.88 -4.02
CA TRP A 684 23.34 -8.74 -5.21
C TRP A 684 23.51 -7.35 -5.82
N TYR A 685 23.71 -6.33 -5.00
CA TYR A 685 24.02 -5.01 -5.53
C TYR A 685 25.34 -5.02 -6.29
N GLN A 686 26.33 -5.72 -5.74
CA GLN A 686 27.63 -5.79 -6.41
C GLN A 686 27.52 -6.55 -7.72
N MET A 687 26.76 -7.66 -7.72
CA MET A 687 26.50 -8.40 -8.95
C MET A 687 25.73 -7.53 -9.95
N GLY A 688 24.64 -6.90 -9.50
CA GLY A 688 23.81 -6.11 -10.41
C GLY A 688 24.52 -4.89 -10.95
N ALA A 689 25.43 -4.31 -10.16
CA ALA A 689 26.20 -3.15 -10.62
C ALA A 689 27.03 -3.46 -11.87
N TYR A 690 27.34 -4.73 -12.12
CA TYR A 690 28.12 -5.12 -13.29
C TYR A 690 27.30 -5.93 -14.30
N GLN A 691 25.98 -5.81 -14.26
CA GLN A 691 25.09 -6.40 -15.26
C GLN A 691 24.33 -5.32 -16.01
N PRO A 692 23.93 -5.59 -17.25
CA PRO A 692 23.44 -4.49 -18.12
C PRO A 692 22.22 -3.74 -17.59
N PHE A 693 21.14 -4.45 -17.24
CA PHE A 693 19.95 -3.83 -16.67
C PHE A 693 19.98 -3.98 -15.15
N PHE A 694 20.02 -2.85 -14.44
CA PHE A 694 20.40 -2.79 -13.03
C PHE A 694 19.21 -2.23 -12.23
N ARG A 695 18.32 -3.10 -11.77
CA ARG A 695 17.10 -2.70 -11.05
C ARG A 695 16.90 -3.54 -9.81
N ALA A 696 16.70 -2.86 -8.67
CA ALA A 696 16.21 -3.54 -7.47
C ALA A 696 14.68 -3.56 -7.52
N HIS A 697 14.10 -4.72 -7.21
CA HIS A 697 12.65 -4.86 -7.26
C HIS A 697 12.25 -5.93 -6.24
N ALA A 698 10.97 -5.92 -5.83
CA ALA A 698 10.54 -6.76 -4.70
C ALA A 698 9.02 -6.92 -4.69
N HIS A 699 8.59 -8.04 -4.13
CA HIS A 699 7.20 -8.46 -4.01
C HIS A 699 6.45 -7.60 -2.98
N LEU A 700 5.12 -7.51 -3.15
CA LEU A 700 4.28 -6.65 -2.33
C LEU A 700 4.46 -6.91 -0.84
N ASP A 701 4.67 -8.17 -0.46
CA ASP A 701 4.64 -8.54 0.93
C ASP A 701 6.03 -8.59 1.56
N THR A 702 7.07 -8.20 0.82
CA THR A 702 8.42 -8.12 1.38
C THR A 702 8.60 -6.87 2.22
N GLY A 703 9.58 -6.91 3.13
CA GLY A 703 9.98 -5.69 3.82
C GLY A 703 10.62 -4.70 2.88
N ARG A 704 10.51 -3.41 3.24
CA ARG A 704 11.16 -2.35 2.47
C ARG A 704 12.67 -2.55 2.49
N ARG A 705 13.31 -2.42 1.33
CA ARG A 705 14.75 -2.62 1.30
C ARG A 705 15.45 -1.59 0.41
N GLU A 706 14.98 -0.35 0.43
CA GLU A 706 15.79 0.73 -0.10
C GLU A 706 17.16 0.70 0.58
N PRO A 707 18.25 0.93 -0.16
CA PRO A 707 19.58 0.56 0.36
C PRO A 707 20.04 1.33 1.59
N TRP A 708 19.46 2.49 1.88
CA TRP A 708 19.84 3.19 3.10
C TRP A 708 19.12 2.67 4.35
N LEU A 709 18.25 1.67 4.22
CA LEU A 709 17.59 1.11 5.39
C LEU A 709 18.47 0.09 6.14
N LEU A 710 19.61 -0.28 5.60
CA LEU A 710 20.49 -1.27 6.21
C LEU A 710 21.50 -0.62 7.16
N ALA A 711 22.14 -1.45 7.97
CA ALA A 711 23.21 -0.99 8.84
C ALA A 711 24.36 -0.42 8.02
N SER A 712 25.15 0.44 8.66
CA SER A 712 26.05 1.32 7.91
C SER A 712 27.10 0.54 7.12
N GLN A 713 27.58 -0.59 7.64
CA GLN A 713 28.58 -1.35 6.89
CA GLN A 713 28.58 -1.35 6.89
C GLN A 713 28.00 -1.91 5.60
N TYR A 714 26.71 -2.28 5.60
CA TYR A 714 26.07 -2.76 4.38
C TYR A 714 25.75 -1.59 3.44
N GLN A 715 25.29 -0.46 4.00
CA GLN A 715 25.06 0.75 3.20
C GLN A 715 26.31 1.17 2.46
N ASP A 716 27.44 1.20 3.16
CA ASP A 716 28.69 1.64 2.55
C ASP A 716 29.11 0.71 1.42
N ALA A 717 28.94 -0.61 1.61
CA ALA A 717 29.26 -1.54 0.53
C ALA A 717 28.35 -1.35 -0.67
N ILE A 718 27.06 -1.11 -0.43
CA ILE A 718 26.13 -0.88 -1.54
C ILE A 718 26.42 0.45 -2.22
N ARG A 719 26.70 1.50 -1.43
CA ARG A 719 27.06 2.78 -2.03
C ARG A 719 28.29 2.65 -2.92
N ASP A 720 29.30 1.91 -2.45
CA ASP A 720 30.51 1.68 -3.24
C ASP A 720 30.17 1.01 -4.57
N ALA A 721 29.28 0.03 -4.56
CA ALA A 721 28.89 -0.62 -5.80
C ALA A 721 28.17 0.35 -6.72
N LEU A 722 27.29 1.20 -6.17
CA LEU A 722 26.60 2.17 -7.01
C LEU A 722 27.59 3.16 -7.62
N PHE A 723 28.58 3.61 -6.84
CA PHE A 723 29.60 4.54 -7.35
C PHE A 723 30.41 3.90 -8.48
N GLN A 724 30.79 2.63 -8.33
CA GLN A 724 31.53 1.95 -9.39
C GLN A 724 30.73 1.92 -10.68
N ARG A 725 29.43 1.62 -10.59
CA ARG A 725 28.58 1.57 -11.78
C ARG A 725 28.49 2.93 -12.45
N TYR A 726 28.20 3.98 -11.67
CA TYR A 726 28.04 5.30 -12.28
C TYR A 726 29.35 5.77 -12.92
N SER A 727 30.48 5.48 -12.27
CA SER A 727 31.77 5.86 -12.84
C SER A 727 32.03 5.18 -14.17
N LEU A 728 31.55 3.95 -14.34
CA LEU A 728 31.76 3.20 -15.56
C LEU A 728 30.73 3.49 -16.64
N LEU A 729 29.82 4.44 -16.43
CA LEU A 729 28.81 4.72 -17.45
C LEU A 729 29.36 5.01 -18.84
N PRO A 730 30.46 5.78 -19.03
CA PRO A 730 30.99 5.95 -20.39
C PRO A 730 31.41 4.64 -21.03
N PHE A 731 31.93 3.72 -20.23
CA PHE A 731 32.29 2.39 -20.72
C PHE A 731 31.05 1.60 -21.11
N TRP A 732 30.05 1.53 -20.22
CA TRP A 732 28.80 0.86 -20.55
C TRP A 732 28.18 1.42 -21.81
N TYR A 733 28.15 2.75 -21.93
CA TYR A 733 27.50 3.40 -23.06
C TYR A 733 28.20 3.04 -24.37
N THR A 734 29.54 2.99 -24.35
CA THR A 734 30.28 2.66 -25.57
C THR A 734 30.09 1.19 -25.95
N LEU A 735 30.05 0.28 -24.97
CA LEU A 735 29.78 -1.12 -25.27
C LEU A 735 28.41 -1.28 -25.90
N PHE A 736 27.41 -0.51 -25.42
CA PHE A 736 26.07 -0.58 -26.01
C PHE A 736 26.02 0.07 -27.39
N TYR A 737 26.82 1.11 -27.64
CA TYR A 737 26.91 1.63 -29.01
C TYR A 737 27.50 0.58 -29.95
N GLN A 738 28.53 -0.13 -29.50
CA GLN A 738 29.11 -1.21 -30.31
C GLN A 738 28.11 -2.33 -30.54
N ALA A 739 27.33 -2.68 -29.51
CA ALA A 739 26.25 -3.65 -29.71
C ALA A 739 25.26 -3.14 -30.76
N HIS A 740 24.88 -1.85 -30.67
CA HIS A 740 23.93 -1.26 -31.60
C HIS A 740 24.46 -1.25 -33.03
N LYS A 741 25.74 -0.98 -33.20
CA LYS A 741 26.28 -0.85 -34.55
C LYS A 741 26.68 -2.19 -35.15
N GLU A 742 27.23 -3.12 -34.34
CA GLU A 742 27.81 -4.34 -34.84
C GLU A 742 27.04 -5.60 -34.47
N GLY A 743 26.19 -5.55 -33.45
CA GLY A 743 25.54 -6.75 -32.98
C GLY A 743 26.35 -7.57 -32.00
N PHE A 744 27.40 -6.99 -31.40
CA PHE A 744 28.24 -7.70 -30.44
C PHE A 744 27.67 -7.59 -29.03
N PRO A 745 27.59 -8.69 -28.27
CA PRO A 745 27.01 -8.63 -26.92
C PRO A 745 27.86 -7.79 -25.97
N VAL A 746 27.17 -7.15 -25.02
CA VAL A 746 27.83 -6.34 -24.01
C VAL A 746 28.46 -7.22 -22.94
N MET A 747 27.65 -8.09 -22.33
CA MET A 747 28.10 -9.05 -21.33
C MET A 747 28.45 -10.35 -22.06
N ARG A 748 29.63 -10.92 -21.79
CA ARG A 748 30.13 -12.03 -22.62
C ARG A 748 30.67 -13.18 -21.81
N PRO A 749 30.43 -14.42 -22.24
CA PRO A 749 31.12 -15.57 -21.64
C PRO A 749 32.61 -15.49 -21.95
N LEU A 750 33.43 -16.03 -21.04
CA LEU A 750 34.87 -16.01 -21.28
C LEU A 750 35.24 -16.69 -22.59
N TRP A 751 34.51 -17.74 -22.99
CA TRP A 751 34.87 -18.46 -24.21
C TRP A 751 34.68 -17.63 -25.47
N VAL A 752 33.89 -16.56 -25.41
CA VAL A 752 33.76 -15.68 -26.56
C VAL A 752 35.07 -14.95 -26.81
N GLN A 753 35.77 -14.57 -25.74
CA GLN A 753 37.05 -13.89 -25.87
C GLN A 753 38.24 -14.85 -25.94
N TYR A 754 38.06 -16.10 -25.52
CA TYR A 754 39.14 -17.09 -25.51
C TYR A 754 38.62 -18.38 -26.13
N PRO A 755 38.33 -18.35 -27.44
CA PRO A 755 37.66 -19.49 -28.07
C PRO A 755 38.47 -20.76 -28.07
N GLU A 756 39.79 -20.68 -27.89
CA GLU A 756 40.62 -21.88 -27.88
C GLU A 756 40.92 -22.40 -26.49
N ASP A 757 40.51 -21.70 -25.44
CA ASP A 757 40.75 -22.17 -24.07
C ASP A 757 39.57 -23.03 -23.64
N MET A 758 39.70 -24.35 -23.81
CA MET A 758 38.60 -25.26 -23.53
C MET A 758 38.17 -25.23 -22.08
N SER A 759 39.04 -24.83 -21.17
CA SER A 759 38.59 -24.73 -19.78
C SER A 759 37.62 -23.58 -19.54
N THR A 760 37.33 -22.73 -20.54
CA THR A 760 36.35 -21.66 -20.35
C THR A 760 34.97 -21.99 -20.90
N PHE A 761 34.80 -23.13 -21.57
CA PHE A 761 33.60 -23.33 -22.37
C PHE A 761 32.33 -23.45 -21.52
N SER A 762 32.45 -23.74 -20.22
CA SER A 762 31.30 -23.87 -19.34
C SER A 762 31.24 -22.85 -18.21
N ILE A 763 32.22 -21.94 -18.12
CA ILE A 763 32.30 -21.04 -16.98
C ILE A 763 31.06 -20.16 -16.92
N GLU A 764 30.46 -20.06 -15.73
CA GLU A 764 29.30 -19.21 -15.54
C GLU A 764 29.29 -18.55 -14.16
N ASP A 765 30.42 -18.54 -13.44
CA ASP A 765 30.54 -17.72 -12.24
C ASP A 765 31.42 -16.51 -12.48
N GLN A 766 31.73 -16.22 -13.75
CA GLN A 766 32.55 -15.11 -14.21
C GLN A 766 32.03 -14.68 -15.57
N PHE A 767 32.29 -13.43 -15.93
CA PHE A 767 31.94 -12.95 -17.26
C PHE A 767 32.81 -11.76 -17.62
N MET A 768 32.78 -11.41 -18.91
CA MET A 768 33.45 -10.23 -19.41
C MET A 768 32.41 -9.19 -19.78
N LEU A 769 32.82 -7.93 -19.66
CA LEU A 769 32.13 -6.80 -20.26
C LEU A 769 33.03 -6.32 -21.39
N GLY A 770 32.53 -6.40 -22.62
CA GLY A 770 33.41 -6.15 -23.76
C GLY A 770 34.59 -7.09 -23.74
N ASP A 771 35.77 -6.58 -24.10
CA ASP A 771 36.99 -7.37 -23.97
C ASP A 771 37.89 -6.87 -22.86
N ALA A 772 37.43 -5.90 -22.08
CA ALA A 772 38.31 -5.16 -21.18
C ALA A 772 38.18 -5.54 -19.72
N LEU A 773 37.00 -5.91 -19.24
CA LEU A 773 36.79 -6.16 -17.83
C LEU A 773 36.32 -7.59 -17.62
N LEU A 774 36.97 -8.29 -16.69
CA LEU A 774 36.57 -9.61 -16.23
C LEU A 774 36.02 -9.48 -14.81
N ILE A 775 34.83 -10.02 -14.57
CA ILE A 775 34.11 -9.85 -13.30
C ILE A 775 33.87 -11.22 -12.67
N HIS A 776 34.21 -11.36 -11.39
CA HIS A 776 33.85 -12.55 -10.61
C HIS A 776 33.22 -12.11 -9.30
N PRO A 777 31.92 -11.83 -9.31
CA PRO A 777 31.26 -11.37 -8.08
C PRO A 777 31.22 -12.47 -7.03
N VAL A 778 31.30 -12.06 -5.78
CA VAL A 778 31.13 -13.01 -4.67
C VAL A 778 29.67 -13.43 -4.59
N SER A 779 29.43 -14.75 -4.57
CA SER A 779 28.05 -15.26 -4.56
C SER A 779 27.88 -16.41 -3.54
N ASP A 780 28.56 -16.32 -2.40
CA ASP A 780 28.38 -17.25 -1.29
C ASP A 780 28.45 -16.49 0.02
N ALA A 781 27.54 -16.82 0.94
CA ALA A 781 27.53 -16.20 2.26
C ALA A 781 28.83 -16.53 3.00
N GLY A 782 29.35 -15.55 3.72
CA GLY A 782 30.53 -15.79 4.53
C GLY A 782 31.81 -16.06 3.76
N ALA A 783 31.84 -15.79 2.45
CA ALA A 783 33.01 -16.13 1.66
C ALA A 783 34.25 -15.40 2.17
N HIS A 784 35.37 -16.11 2.19
CA HIS A 784 36.65 -15.52 2.53
C HIS A 784 37.49 -15.18 1.31
N GLY A 785 37.19 -15.82 0.17
CA GLY A 785 37.91 -15.55 -1.05
C GLY A 785 37.18 -16.18 -2.22
N VAL A 786 37.67 -15.89 -3.43
CA VAL A 786 37.15 -16.48 -4.64
C VAL A 786 38.32 -16.99 -5.48
N GLN A 787 38.01 -17.95 -6.33
CA GLN A 787 38.96 -18.48 -7.30
C GLN A 787 38.64 -17.84 -8.64
N VAL A 788 39.51 -16.96 -9.11
CA VAL A 788 39.30 -16.24 -10.37
C VAL A 788 40.17 -16.88 -11.43
N TYR A 789 39.55 -17.38 -12.50
CA TYR A 789 40.31 -17.86 -13.64
C TYR A 789 40.63 -16.68 -14.55
N LEU A 790 41.93 -16.40 -14.71
CA LEU A 790 42.40 -15.34 -15.57
C LEU A 790 42.98 -15.96 -16.84
N PRO A 791 42.30 -15.89 -17.97
CA PRO A 791 42.75 -16.61 -19.16
C PRO A 791 43.77 -15.84 -19.99
N GLY A 792 44.27 -16.47 -21.04
CA GLY A 792 45.10 -15.81 -22.03
C GLY A 792 46.58 -16.12 -21.93
N GLN A 793 47.12 -16.77 -22.96
CA GLN A 793 48.55 -16.92 -23.08
C GLN A 793 49.19 -15.55 -23.29
N GLU A 794 50.22 -15.25 -22.51
CA GLU A 794 50.94 -13.97 -22.57
C GLU A 794 50.05 -12.77 -22.21
N GLU A 795 48.88 -13.02 -21.60
CA GLU A 795 47.97 -11.96 -21.17
C GLU A 795 48.30 -11.53 -19.75
N VAL A 796 48.10 -10.24 -19.47
CA VAL A 796 48.17 -9.75 -18.11
C VAL A 796 46.82 -9.16 -17.71
N TRP A 797 46.55 -9.17 -16.42
CA TRP A 797 45.30 -8.67 -15.85
C TRP A 797 45.64 -7.80 -14.66
N TYR A 798 44.92 -6.69 -14.52
CA TYR A 798 45.15 -5.75 -13.41
C TYR A 798 43.94 -5.75 -12.48
N ASP A 799 44.16 -6.09 -11.21
CA ASP A 799 43.18 -5.91 -10.16
C ASP A 799 42.88 -4.42 -10.05
N ILE A 800 41.66 -3.99 -10.39
CA ILE A 800 41.40 -2.56 -10.46
C ILE A 800 41.30 -1.90 -9.10
N GLN A 801 41.23 -2.67 -8.02
CA GLN A 801 41.27 -2.07 -6.69
C GLN A 801 42.70 -1.89 -6.19
N SER A 802 43.58 -2.86 -6.40
CA SER A 802 44.94 -2.80 -5.87
C SER A 802 45.99 -2.51 -6.94
N TYR A 803 45.63 -2.55 -8.21
CA TYR A 803 46.52 -2.38 -9.36
C TYR A 803 47.56 -3.49 -9.48
N GLN A 804 47.43 -4.54 -8.68
CA GLN A 804 48.34 -5.68 -8.80
C GLN A 804 48.16 -6.34 -10.17
N LYS A 805 49.26 -6.55 -10.88
CA LYS A 805 49.24 -7.20 -12.18
C LYS A 805 49.33 -8.72 -12.00
N HIS A 806 48.64 -9.45 -12.87
CA HIS A 806 48.66 -10.92 -12.84
C HIS A 806 48.77 -11.44 -14.26
N HIS A 807 49.64 -12.43 -14.47
CA HIS A 807 49.78 -13.05 -15.77
C HIS A 807 48.78 -14.19 -15.93
N GLY A 808 48.34 -14.40 -17.17
CA GLY A 808 47.52 -15.54 -17.51
C GLY A 808 48.34 -16.62 -18.17
N PRO A 809 47.80 -17.85 -18.24
CA PRO A 809 46.55 -18.26 -17.60
C PRO A 809 46.80 -18.78 -16.19
N GLN A 810 45.89 -18.47 -15.26
CA GLN A 810 46.01 -18.98 -13.91
C GLN A 810 44.65 -18.89 -13.24
N THR A 811 44.48 -19.70 -12.20
CA THR A 811 43.38 -19.55 -11.25
C THR A 811 43.94 -18.88 -10.01
N LEU A 812 43.54 -17.64 -9.79
CA LEU A 812 44.02 -16.81 -8.70
C LEU A 812 43.07 -16.93 -7.52
N TYR A 813 43.60 -17.23 -6.34
CA TYR A 813 42.81 -17.19 -5.12
C TYR A 813 42.84 -15.78 -4.58
N LEU A 814 41.68 -15.12 -4.57
CA LEU A 814 41.61 -13.73 -4.19
C LEU A 814 40.83 -13.58 -2.90
N PRO A 815 41.46 -13.19 -1.80
CA PRO A 815 40.69 -12.93 -0.58
C PRO A 815 39.74 -11.76 -0.79
N VAL A 816 38.57 -11.83 -0.13
CA VAL A 816 37.54 -10.83 -0.29
C VAL A 816 37.01 -10.42 1.08
N THR A 817 36.44 -9.22 1.13
CA THR A 817 35.63 -8.79 2.26
C THR A 817 34.25 -8.39 1.76
N LEU A 818 33.42 -7.86 2.67
CA LEU A 818 32.05 -7.51 2.31
C LEU A 818 32.02 -6.51 1.16
N SER A 819 32.98 -5.58 1.12
CA SER A 819 33.02 -4.55 0.10
CA SER A 819 33.01 -4.55 0.10
C SER A 819 33.71 -4.98 -1.18
N SER A 820 34.19 -6.23 -1.26
CA SER A 820 34.94 -6.66 -2.44
C SER A 820 34.00 -6.93 -3.62
N ILE A 821 34.36 -6.39 -4.78
CA ILE A 821 33.85 -6.83 -6.07
C ILE A 821 35.05 -7.18 -6.94
N PRO A 822 35.35 -8.48 -7.09
CA PRO A 822 36.53 -8.86 -7.89
C PRO A 822 36.40 -8.46 -9.35
N VAL A 823 37.16 -7.45 -9.76
CA VAL A 823 37.13 -6.94 -11.13
C VAL A 823 38.55 -6.75 -11.62
N PHE A 824 38.82 -7.18 -12.85
CA PHE A 824 40.16 -7.13 -13.43
C PHE A 824 40.09 -6.49 -14.80
N GLN A 825 41.01 -5.56 -15.08
CA GLN A 825 41.11 -4.95 -16.41
C GLN A 825 42.19 -5.66 -17.21
N ARG A 826 41.87 -6.00 -18.45
CA ARG A 826 42.79 -6.74 -19.29
C ARG A 826 43.89 -5.81 -19.83
N GLY A 827 45.12 -6.31 -19.81
CA GLY A 827 46.19 -5.59 -20.46
C GLY A 827 45.88 -5.38 -21.93
N GLY A 828 46.25 -4.20 -22.43
CA GLY A 828 45.94 -3.81 -23.80
C GLY A 828 44.65 -3.05 -24.00
N THR A 829 44.02 -2.60 -22.93
CA THR A 829 42.73 -1.93 -23.04
C THR A 829 42.78 -0.57 -22.33
N ILE A 830 41.83 0.28 -22.73
CA ILE A 830 41.66 1.62 -22.18
C ILE A 830 40.19 1.79 -21.83
N VAL A 831 39.89 2.02 -20.55
CA VAL A 831 38.52 2.09 -20.06
C VAL A 831 38.25 3.54 -19.68
N PRO A 832 37.23 4.17 -20.25
CA PRO A 832 36.86 5.54 -19.85
C PRO A 832 35.89 5.54 -18.69
N ARG A 833 36.12 6.43 -17.73
CA ARG A 833 35.30 6.58 -16.53
C ARG A 833 34.98 8.05 -16.26
N TRP A 834 33.80 8.28 -15.67
CA TRP A 834 33.44 9.56 -15.02
C TRP A 834 33.74 9.38 -13.54
N MET A 835 34.83 9.96 -13.06
CA MET A 835 35.20 9.79 -11.66
C MET A 835 34.41 10.72 -10.71
N ARG A 836 33.63 11.66 -11.23
CA ARG A 836 32.82 12.55 -10.40
C ARG A 836 31.40 11.99 -10.33
N VAL A 837 31.16 11.11 -9.35
CA VAL A 837 29.84 10.49 -9.24
C VAL A 837 28.85 11.52 -8.70
N ARG A 838 27.75 11.70 -9.41
CA ARG A 838 26.70 12.63 -8.99
C ARG A 838 25.42 11.84 -8.69
N ARG A 839 24.29 12.55 -8.54
CA ARG A 839 23.09 11.86 -8.06
C ARG A 839 22.36 11.12 -9.15
N SER A 840 22.65 11.41 -10.42
CA SER A 840 22.02 10.72 -11.54
C SER A 840 22.87 10.96 -12.78
N SER A 841 22.60 10.19 -13.84
CA SER A 841 23.46 10.27 -15.02
C SER A 841 23.25 11.58 -15.77
N ASP A 842 22.03 12.12 -15.79
CA ASP A 842 21.84 13.43 -16.43
C ASP A 842 22.79 14.47 -15.84
N CYS A 843 23.05 14.42 -14.53
CA CYS A 843 23.92 15.40 -13.89
C CYS A 843 25.38 15.25 -14.34
N MET A 844 25.77 14.07 -14.81
CA MET A 844 27.16 13.75 -15.10
C MET A 844 27.52 13.86 -16.58
N LYS A 845 26.54 13.98 -17.47
CA LYS A 845 26.85 13.68 -18.86
C LYS A 845 27.58 14.81 -19.57
N ASP A 846 27.98 15.87 -18.87
CA ASP A 846 28.85 16.90 -19.42
C ASP A 846 30.19 16.96 -18.70
N ASP A 847 30.48 15.99 -17.83
CA ASP A 847 31.64 15.99 -16.95
C ASP A 847 32.87 15.43 -17.65
N PRO A 848 34.06 15.73 -17.13
CA PRO A 848 35.28 15.25 -17.77
C PRO A 848 35.52 13.76 -17.54
N ILE A 849 36.32 13.19 -18.46
CA ILE A 849 36.61 11.76 -18.52
C ILE A 849 37.99 11.50 -17.96
N THR A 850 38.12 10.41 -17.21
CA THR A 850 39.41 9.85 -16.81
C THR A 850 39.64 8.57 -17.61
N LEU A 851 40.82 8.46 -18.24
CA LEU A 851 41.17 7.28 -19.04
C LEU A 851 42.04 6.33 -18.22
N PHE A 852 41.65 5.06 -18.16
CA PHE A 852 42.42 4.03 -17.45
C PHE A 852 43.09 3.15 -18.50
N VAL A 853 44.40 3.31 -18.64
CA VAL A 853 45.19 2.63 -19.66
C VAL A 853 45.88 1.43 -19.00
N ALA A 854 45.54 0.23 -19.45
CA ALA A 854 46.15 -0.99 -18.92
C ALA A 854 47.11 -1.51 -19.98
N LEU A 855 48.40 -1.41 -19.71
CA LEU A 855 49.41 -1.72 -20.71
C LEU A 855 49.54 -3.22 -20.92
N SER A 856 49.60 -3.62 -22.18
CA SER A 856 49.91 -4.99 -22.54
C SER A 856 51.38 -5.27 -22.22
N PRO A 857 51.81 -6.54 -22.27
CA PRO A 857 53.25 -6.82 -22.11
C PRO A 857 54.12 -6.17 -23.18
N GLN A 858 53.55 -5.83 -24.34
CA GLN A 858 54.24 -5.11 -25.41
C GLN A 858 54.17 -3.60 -25.23
N GLY A 859 53.69 -3.12 -24.10
CA GLY A 859 53.54 -1.69 -23.88
C GLY A 859 52.52 -1.01 -24.75
N THR A 860 51.44 -1.71 -25.14
CA THR A 860 50.40 -1.14 -25.98
C THR A 860 49.04 -1.25 -25.30
N ALA A 861 48.08 -0.48 -25.81
CA ALA A 861 46.69 -0.50 -25.35
C ALA A 861 45.83 0.25 -26.34
N GLN A 862 44.54 -0.07 -26.36
CA GLN A 862 43.60 0.63 -27.22
C GLN A 862 42.19 0.55 -26.64
N GLY A 863 41.38 1.56 -26.95
CA GLY A 863 39.99 1.59 -26.51
C GLY A 863 39.21 2.59 -27.33
N GLU A 864 37.90 2.62 -27.10
CA GLU A 864 37.00 3.54 -27.78
C GLU A 864 36.10 4.26 -26.77
N LEU A 865 35.45 5.32 -27.25
CA LEU A 865 34.51 6.08 -26.44
C LEU A 865 33.46 6.68 -27.36
N PHE A 866 32.19 6.41 -27.08
CA PHE A 866 31.08 7.02 -27.79
C PHE A 866 30.39 8.04 -26.89
N LEU A 867 30.05 9.20 -27.47
CA LEU A 867 29.37 10.28 -26.76
C LEU A 867 28.32 10.89 -27.67
N ASP A 868 27.19 11.30 -27.09
CA ASP A 868 26.15 12.01 -27.81
C ASP A 868 25.33 12.77 -26.77
N ASP A 869 24.11 13.20 -27.14
CA ASP A 869 23.34 13.98 -26.17
C ASP A 869 22.72 13.10 -25.08
N GLY A 870 22.79 11.77 -25.23
CA GLY A 870 22.38 10.88 -24.18
C GLY A 870 20.95 10.39 -24.26
N HIS A 871 20.14 10.91 -25.20
CA HIS A 871 18.73 10.54 -25.18
C HIS A 871 17.97 10.66 -26.50
N THR A 872 18.55 11.25 -27.54
CA THR A 872 17.81 11.42 -28.79
C THR A 872 18.38 10.55 -29.89
N PHE A 873 17.67 10.54 -31.02
CA PHE A 873 18.17 9.92 -32.24
C PHE A 873 19.07 10.84 -33.07
N ASN A 874 19.51 11.98 -32.51
CA ASN A 874 20.33 12.91 -33.29
C ASN A 874 21.66 12.30 -33.71
N TYR A 875 22.18 11.32 -32.96
CA TYR A 875 23.38 10.63 -33.40
C TYR A 875 23.18 10.01 -34.77
N GLN A 876 21.95 9.60 -35.06
CA GLN A 876 21.61 8.94 -36.31
C GLN A 876 21.08 9.90 -37.37
N THR A 877 20.15 10.79 -36.99
CA THR A 877 19.52 11.66 -37.98
C THR A 877 20.41 12.83 -38.38
N ARG A 878 21.32 13.24 -37.51
CA ARG A 878 22.17 14.40 -37.75
C ARG A 878 23.65 14.09 -37.56
N HIS A 879 23.99 12.83 -37.28
CA HIS A 879 25.37 12.43 -37.01
C HIS A 879 25.97 13.31 -35.92
N GLU A 880 25.16 13.62 -34.91
CA GLU A 880 25.63 14.39 -33.75
C GLU A 880 26.05 13.40 -32.67
N PHE A 881 27.33 13.06 -32.68
CA PHE A 881 27.95 12.13 -31.75
C PHE A 881 29.45 12.24 -31.96
N LEU A 882 30.21 11.64 -31.03
CA LEU A 882 31.64 11.45 -31.18
C LEU A 882 31.98 9.99 -30.95
N LEU A 883 32.84 9.43 -31.80
CA LEU A 883 33.44 8.13 -31.55
C LEU A 883 34.95 8.30 -31.58
N ARG A 884 35.58 8.22 -30.42
CA ARG A 884 37.01 8.41 -30.30
C ARG A 884 37.73 7.09 -30.21
N ARG A 885 38.91 7.02 -30.81
CA ARG A 885 39.85 5.92 -30.62
C ARG A 885 40.99 6.43 -29.75
N PHE A 886 41.27 5.73 -28.66
CA PHE A 886 42.44 5.99 -27.84
C PHE A 886 43.42 4.84 -28.03
N SER A 887 44.68 5.16 -28.31
CA SER A 887 45.65 4.10 -28.56
C SER A 887 46.99 4.46 -27.97
N PHE A 888 47.64 3.47 -27.36
CA PHE A 888 48.93 3.64 -26.72
C PHE A 888 49.91 2.67 -27.33
N SER A 889 51.09 3.18 -27.72
CA SER A 889 52.18 2.35 -28.18
C SER A 889 53.47 3.15 -28.05
N GLY A 890 54.58 2.43 -27.92
CA GLY A 890 55.83 3.06 -27.59
C GLY A 890 55.70 3.71 -26.22
N SER A 891 55.74 5.03 -26.19
CA SER A 891 55.50 5.78 -24.97
C SER A 891 54.56 6.95 -25.23
N THR A 892 53.61 6.75 -26.14
CA THR A 892 52.74 7.81 -26.62
C THR A 892 51.27 7.37 -26.57
N LEU A 893 50.42 8.20 -25.98
CA LEU A 893 48.98 8.00 -25.98
C LEU A 893 48.35 8.99 -26.96
N VAL A 894 47.53 8.47 -27.88
CA VAL A 894 46.99 9.25 -28.98
C VAL A 894 45.48 9.12 -28.98
N SER A 895 44.79 10.26 -29.10
CA SER A 895 43.35 10.29 -29.36
C SER A 895 43.11 10.72 -30.80
N SER A 896 42.40 9.89 -31.55
CA SER A 896 42.03 10.17 -32.93
C SER A 896 40.56 9.82 -33.11
N SER A 897 39.99 10.20 -34.25
CA SER A 897 38.60 9.90 -34.55
C SER A 897 38.45 8.48 -35.09
N ALA A 898 37.50 7.72 -34.52
CA ALA A 898 37.14 6.41 -35.04
C ALA A 898 35.97 6.47 -36.01
N ASP A 899 35.35 7.63 -36.18
CA ASP A 899 34.29 7.85 -37.16
C ASP A 899 34.23 9.33 -37.48
N PRO A 900 34.78 9.77 -38.63
CA PRO A 900 34.83 11.21 -38.92
C PRO A 900 33.47 11.83 -39.18
N LYS A 901 32.44 11.03 -39.46
CA LYS A 901 31.13 11.62 -39.70
C LYS A 901 30.51 12.22 -38.46
N GLY A 902 31.05 11.89 -37.26
CA GLY A 902 30.46 12.34 -36.02
C GLY A 902 31.12 13.59 -35.47
N HIS A 903 30.31 14.64 -35.29
CA HIS A 903 30.76 15.81 -34.57
C HIS A 903 29.73 16.14 -33.48
N LEU A 904 30.19 16.76 -32.41
CA LEU A 904 29.32 16.99 -31.26
C LEU A 904 29.83 18.21 -30.51
N GLU A 905 28.90 19.10 -30.19
CA GLU A 905 29.18 20.23 -29.30
C GLU A 905 29.10 19.73 -27.87
N THR A 906 30.22 19.74 -27.15
CA THR A 906 30.22 19.17 -25.81
C THR A 906 31.31 19.82 -25.00
N PRO A 907 31.10 20.06 -23.71
CA PRO A 907 32.18 20.54 -22.83
C PRO A 907 33.06 19.44 -22.25
N ILE A 908 32.79 18.17 -22.56
CA ILE A 908 33.56 17.07 -21.96
C ILE A 908 35.03 17.20 -22.33
N TRP A 909 35.90 17.04 -21.34
CA TRP A 909 37.34 17.11 -21.54
C TRP A 909 38.01 15.98 -20.78
N ILE A 910 39.31 15.79 -21.01
CA ILE A 910 40.09 14.74 -20.37
C ILE A 910 40.77 15.33 -19.15
N GLU A 911 40.33 14.94 -17.96
CA GLU A 911 40.89 15.53 -16.76
C GLU A 911 42.02 14.70 -16.16
N ARG A 912 42.20 13.47 -16.61
CA ARG A 912 43.14 12.60 -15.92
C ARG A 912 43.39 11.36 -16.77
N VAL A 913 44.62 10.86 -16.71
CA VAL A 913 44.99 9.58 -17.32
C VAL A 913 45.66 8.74 -16.26
N VAL A 914 45.18 7.51 -16.07
CA VAL A 914 45.79 6.56 -15.15
C VAL A 914 46.34 5.42 -15.99
N ILE A 915 47.65 5.20 -15.89
CA ILE A 915 48.33 4.18 -16.69
C ILE A 915 48.87 3.12 -15.75
N MET A 916 48.42 1.89 -15.93
CA MET A 916 48.85 0.76 -15.12
C MET A 916 49.93 -0.01 -15.87
N GLY A 917 50.99 -0.38 -15.16
CA GLY A 917 52.10 -1.10 -15.76
C GLY A 917 53.15 -0.24 -16.40
N ALA A 918 53.28 1.02 -15.99
CA ALA A 918 54.20 1.96 -16.61
C ALA A 918 55.31 2.34 -15.63
N GLY A 919 56.50 2.62 -16.19
CA GLY A 919 57.59 3.16 -15.40
C GLY A 919 57.48 4.67 -15.28
N LYS A 920 58.36 5.24 -14.45
CA LYS A 920 58.33 6.67 -14.21
C LYS A 920 59.00 7.42 -15.35
N PRO A 921 58.31 8.31 -16.04
CA PRO A 921 58.94 9.05 -17.13
C PRO A 921 59.78 10.20 -16.58
N ALA A 922 60.57 10.79 -17.46
CA ALA A 922 61.32 11.98 -17.08
C ALA A 922 60.49 13.24 -17.24
N ALA A 923 59.65 13.29 -18.27
CA ALA A 923 58.75 14.40 -18.49
C ALA A 923 57.59 13.90 -19.32
N VAL A 924 56.47 14.63 -19.24
CA VAL A 924 55.24 14.29 -19.95
C VAL A 924 54.82 15.49 -20.78
N VAL A 925 54.57 15.26 -22.06
CA VAL A 925 54.38 16.32 -23.03
C VAL A 925 53.10 16.06 -23.81
N LEU A 926 52.22 17.06 -23.83
CA LEU A 926 50.93 16.99 -24.51
C LEU A 926 50.96 17.88 -25.74
N GLN A 927 50.50 17.35 -26.86
CA GLN A 927 50.33 18.12 -28.09
C GLN A 927 48.88 18.00 -28.55
N THR A 928 48.25 19.15 -28.76
CA THR A 928 46.88 19.23 -29.23
C THR A 928 46.86 20.10 -30.47
N LYS A 929 46.18 19.63 -31.51
CA LYS A 929 45.96 20.48 -32.67
C LYS A 929 45.30 21.77 -32.22
N GLY A 930 45.93 22.91 -32.55
CA GLY A 930 45.40 24.21 -32.17
C GLY A 930 46.00 24.81 -30.91
N SER A 931 46.91 24.11 -30.26
CA SER A 931 47.48 24.60 -29.01
C SER A 931 49.01 24.43 -29.03
N PRO A 932 49.72 25.26 -28.26
CA PRO A 932 51.14 25.02 -28.07
C PRO A 932 51.39 23.74 -27.28
N GLU A 933 52.58 23.17 -27.49
CA GLU A 933 52.99 22.03 -26.70
C GLU A 933 52.98 22.39 -25.22
N SER A 934 52.46 21.48 -24.39
CA SER A 934 52.30 21.72 -22.97
C SER A 934 53.00 20.63 -22.16
N ARG A 935 53.38 20.97 -20.94
CA ARG A 935 53.96 20.03 -20.00
C ARG A 935 52.93 19.68 -18.94
N LEU A 936 52.81 18.39 -18.63
CA LEU A 936 51.89 17.90 -17.61
C LEU A 936 52.66 17.43 -16.40
N SER A 937 52.12 17.71 -15.22
CA SER A 937 52.70 17.10 -14.04
C SER A 937 52.13 15.70 -13.84
N PHE A 938 52.80 14.90 -13.02
CA PHE A 938 52.42 13.51 -12.87
C PHE A 938 52.89 12.99 -11.52
N GLN A 939 52.24 11.91 -11.08
CA GLN A 939 52.62 11.17 -9.89
C GLN A 939 52.82 9.71 -10.27
N HIS A 940 53.81 9.06 -9.67
CA HIS A 940 54.15 7.69 -10.00
C HIS A 940 54.34 6.89 -8.72
N ASP A 941 53.70 5.72 -8.65
CA ASP A 941 53.85 4.82 -7.52
C ASP A 941 54.79 3.70 -7.93
N PRO A 942 56.03 3.66 -7.41
CA PRO A 942 56.94 2.59 -7.83
C PRO A 942 56.50 1.20 -7.39
N GLU A 943 55.75 1.11 -6.28
CA GLU A 943 55.27 -0.19 -5.81
C GLU A 943 54.34 -0.83 -6.84
N THR A 944 53.39 -0.06 -7.37
CA THR A 944 52.35 -0.60 -8.23
C THR A 944 52.59 -0.36 -9.72
N SER A 945 53.61 0.43 -10.06
CA SER A 945 53.83 0.85 -11.45
C SER A 945 52.58 1.50 -12.04
N VAL A 946 52.04 2.47 -11.30
CA VAL A 946 50.85 3.23 -11.71
C VAL A 946 51.28 4.67 -11.94
N LEU A 947 50.98 5.18 -13.13
CA LEU A 947 51.32 6.54 -13.52
C LEU A 947 50.04 7.34 -13.67
N ILE A 948 49.95 8.47 -12.97
CA ILE A 948 48.80 9.36 -13.03
C ILE A 948 49.23 10.67 -13.68
N LEU A 949 48.62 11.00 -14.81
CA LEU A 949 48.89 12.24 -15.52
C LEU A 949 47.85 13.26 -15.11
N ARG A 950 48.31 14.39 -14.58
CA ARG A 950 47.41 15.40 -14.04
C ARG A 950 46.82 16.27 -15.14
N LYS A 951 45.49 16.42 -15.14
CA LYS A 951 44.71 17.43 -15.88
C LYS A 951 45.24 17.72 -17.28
N PRO A 952 45.14 16.79 -18.22
CA PRO A 952 45.47 17.13 -19.62
C PRO A 952 44.69 18.32 -20.14
N GLY A 953 43.43 18.47 -19.72
CA GLY A 953 42.69 19.67 -20.03
C GLY A 953 42.23 19.79 -21.46
N VAL A 954 42.31 18.73 -22.24
CA VAL A 954 42.02 18.78 -23.67
C VAL A 954 40.59 18.33 -23.93
N SER A 955 39.94 18.96 -24.91
CA SER A 955 38.59 18.58 -25.30
C SER A 955 38.56 17.15 -25.84
N VAL A 956 37.51 16.42 -25.49
CA VAL A 956 37.36 15.05 -25.98
C VAL A 956 37.08 15.04 -27.47
N ALA A 957 36.68 16.17 -28.05
CA ALA A 957 36.46 16.27 -29.48
C ALA A 957 37.74 16.54 -30.27
N SER A 958 38.87 16.77 -29.59
CA SER A 958 40.11 17.18 -30.24
C SER A 958 41.05 15.99 -30.41
N ASP A 959 41.78 15.98 -31.53
CA ASP A 959 42.92 15.09 -31.64
C ASP A 959 44.03 15.58 -30.72
N TRP A 960 44.71 14.66 -30.05
CA TRP A 960 45.80 15.03 -29.17
C TRP A 960 46.72 13.83 -29.01
N SER A 961 47.89 14.09 -28.43
CA SER A 961 48.83 13.03 -28.11
C SER A 961 49.62 13.43 -26.88
N ILE A 962 49.89 12.44 -26.03
CA ILE A 962 50.69 12.63 -24.83
C ILE A 962 51.92 11.74 -24.96
N HIS A 963 53.09 12.32 -24.77
CA HIS A 963 54.34 11.57 -24.88
C HIS A 963 55.02 11.49 -23.53
N LEU A 964 55.39 10.28 -23.13
CA LEU A 964 56.16 10.03 -21.93
C LEU A 964 57.63 9.93 -22.31
N ARG A 965 58.45 10.80 -21.74
CA ARG A 965 59.86 10.85 -22.10
C ARG A 965 60.72 10.14 -21.07
N TYR B 48 59.90 45.10 -7.42
CA TYR B 48 58.77 44.19 -7.53
C TYR B 48 59.00 42.90 -6.73
N GLU B 49 57.98 42.45 -6.01
CA GLU B 49 58.03 41.20 -5.26
C GLU B 49 56.76 40.41 -5.53
N GLU B 50 56.91 39.09 -5.70
CA GLU B 50 55.82 38.22 -6.13
C GLU B 50 55.05 37.66 -4.93
N SER B 51 54.05 36.81 -5.21
CA SER B 51 53.17 36.24 -4.20
C SER B 51 53.50 34.76 -3.93
N LYS B 52 52.67 34.10 -3.13
CA LYS B 52 53.00 32.87 -2.44
C LYS B 52 51.95 31.78 -2.67
N PRO B 53 52.31 30.49 -2.42
CA PRO B 53 51.40 29.39 -2.78
C PRO B 53 50.42 28.97 -1.69
N PHE B 54 49.63 27.95 -1.99
CA PHE B 54 48.56 27.46 -1.13
C PHE B 54 48.96 26.12 -0.53
N THR B 55 48.53 25.89 0.71
CA THR B 55 48.91 24.68 1.44
C THR B 55 47.66 23.90 1.83
N CYS B 56 47.69 22.61 1.58
CA CYS B 56 46.52 21.77 1.83
C CYS B 56 46.22 21.72 3.33
N LEU B 57 44.94 21.86 3.68
CA LEU B 57 44.55 21.95 5.08
C LEU B 57 44.90 20.70 5.87
N ASP B 58 44.90 19.54 5.22
CA ASP B 58 45.28 18.28 5.85
C ASP B 58 46.79 18.08 5.88
N GLY B 59 47.57 19.13 5.63
CA GLY B 59 49.01 19.01 5.47
C GLY B 59 49.27 18.39 4.12
N THR B 60 49.65 17.11 4.11
CA THR B 60 49.81 16.32 2.89
C THR B 60 50.56 16.99 1.75
N ALA B 61 50.12 18.17 1.32
CA ALA B 61 50.68 18.76 0.11
C ALA B 61 50.66 20.28 0.18
N THR B 62 51.36 20.89 -0.76
CA THR B 62 51.34 22.32 -1.03
C THR B 62 51.35 22.51 -2.54
N ILE B 63 50.43 23.32 -3.03
CA ILE B 63 50.24 23.48 -4.48
C ILE B 63 50.32 24.95 -4.82
N PRO B 64 50.58 25.29 -6.08
CA PRO B 64 50.56 26.70 -6.48
C PRO B 64 49.19 27.32 -6.31
N PHE B 65 49.17 28.65 -6.28
CA PHE B 65 47.92 29.38 -6.08
C PHE B 65 46.97 29.16 -7.25
N ASP B 66 47.50 28.93 -8.46
CA ASP B 66 46.61 28.80 -9.60
C ASP B 66 46.01 27.40 -9.74
N GLN B 67 46.28 26.51 -8.80
CA GLN B 67 45.58 25.23 -8.74
C GLN B 67 44.48 25.22 -7.69
N VAL B 68 44.13 26.38 -7.15
CA VAL B 68 42.95 26.51 -6.32
C VAL B 68 41.76 26.83 -7.23
N ASN B 69 40.71 26.01 -7.13
CA ASN B 69 39.53 26.14 -7.98
C ASN B 69 39.88 26.07 -9.46
N ASP B 70 40.87 25.22 -9.81
CA ASP B 70 41.19 25.02 -11.22
C ASP B 70 40.46 23.80 -11.80
N ASP B 71 39.43 23.31 -11.10
CA ASP B 71 38.57 22.22 -11.58
C ASP B 71 39.34 20.91 -11.73
N TYR B 72 40.36 20.71 -10.89
CA TYR B 72 41.05 19.43 -10.79
C TYR B 72 41.42 19.22 -9.32
N CYS B 73 41.23 18.01 -8.82
CA CYS B 73 41.40 17.77 -7.39
C CYS B 73 42.87 17.49 -7.09
N ASP B 74 43.52 18.42 -6.39
CA ASP B 74 44.92 18.27 -6.02
C ASP B 74 45.11 17.94 -4.55
N CYS B 75 44.06 18.03 -3.74
CA CYS B 75 44.15 17.93 -2.29
C CYS B 75 43.36 16.72 -1.79
N LYS B 76 44.00 15.90 -0.95
CA LYS B 76 43.35 14.68 -0.48
C LYS B 76 42.09 14.98 0.33
N ASP B 77 42.03 16.13 0.99
CA ASP B 77 40.83 16.52 1.72
C ASP B 77 39.91 17.42 0.91
N GLY B 78 40.23 17.68 -0.36
CA GLY B 78 39.38 18.46 -1.22
C GLY B 78 39.44 19.95 -1.02
N SER B 79 40.37 20.45 -0.22
CA SER B 79 40.35 21.86 0.17
C SER B 79 40.82 22.80 -0.94
N ASP B 80 41.43 22.30 -2.01
CA ASP B 80 41.83 23.20 -3.08
C ASP B 80 40.69 23.52 -4.04
N GLU B 81 39.52 22.91 -3.87
CA GLU B 81 38.40 23.07 -4.80
C GLU B 81 37.09 23.37 -4.06
N PRO B 82 37.06 24.42 -3.22
CA PRO B 82 35.80 24.74 -2.53
C PRO B 82 34.71 25.23 -3.46
N GLY B 83 35.05 25.71 -4.65
CA GLY B 83 34.05 26.31 -5.52
C GLY B 83 33.67 25.51 -6.75
N THR B 84 34.19 24.29 -6.89
CA THR B 84 33.94 23.46 -8.07
C THR B 84 33.44 22.08 -7.64
N ALA B 85 33.18 21.24 -8.64
CA ALA B 85 32.76 19.86 -8.42
C ALA B 85 33.92 18.87 -8.49
N ALA B 86 35.17 19.35 -8.39
CA ALA B 86 36.31 18.51 -8.78
C ALA B 86 36.71 17.48 -7.75
N CYS B 87 36.45 17.72 -6.46
CA CYS B 87 36.93 16.78 -5.46
C CYS B 87 35.79 15.93 -4.91
N PRO B 88 36.04 14.63 -4.69
CA PRO B 88 34.95 13.75 -4.21
C PRO B 88 34.55 14.01 -2.77
N ASN B 89 35.43 14.57 -1.95
CA ASN B 89 35.14 14.82 -0.54
C ASN B 89 35.04 16.32 -0.23
N GLY B 90 34.99 17.16 -1.24
CA GLY B 90 34.91 18.58 -0.99
C GLY B 90 33.54 19.01 -0.53
N SER B 91 33.46 20.28 -0.15
CA SER B 91 32.19 20.89 0.21
C SER B 91 32.13 22.28 -0.39
N PHE B 92 30.92 22.70 -0.72
CA PHE B 92 30.61 24.01 -1.28
C PHE B 92 29.77 24.78 -0.29
N HIS B 93 30.17 26.02 0.01
CA HIS B 93 29.50 26.81 1.03
C HIS B 93 28.48 27.72 0.36
N CYS B 94 27.23 27.62 0.82
CA CYS B 94 26.17 28.50 0.36
C CYS B 94 25.88 29.54 1.43
N THR B 95 26.20 30.80 1.15
CA THR B 95 26.03 31.85 2.13
C THR B 95 24.56 32.01 2.53
N ASN B 96 23.66 32.00 1.54
CA ASN B 96 22.21 31.96 1.75
C ASN B 96 21.69 33.09 2.64
N THR B 97 21.97 34.34 2.22
CA THR B 97 21.47 35.49 2.96
C THR B 97 19.95 35.47 2.96
N GLY B 98 19.35 35.76 4.12
CA GLY B 98 17.91 35.66 4.29
C GLY B 98 17.45 34.33 4.85
N TYR B 99 18.32 33.33 4.90
CA TYR B 99 18.04 32.04 5.52
C TYR B 99 19.29 31.60 6.27
N LYS B 100 19.42 30.30 6.49
CA LYS B 100 20.56 29.70 7.17
C LYS B 100 21.64 29.32 6.15
N PRO B 101 22.91 29.60 6.41
CA PRO B 101 23.96 29.10 5.50
C PRO B 101 23.99 27.57 5.49
N LEU B 102 24.54 27.03 4.40
CA LEU B 102 24.46 25.59 4.16
C LEU B 102 25.71 25.12 3.44
N TYR B 103 26.21 23.95 3.82
CA TYR B 103 27.24 23.25 3.08
C TYR B 103 26.61 22.11 2.29
N ILE B 104 27.05 21.95 1.03
CA ILE B 104 26.59 20.85 0.18
C ILE B 104 27.81 20.09 -0.32
N LEU B 105 27.59 18.85 -0.76
CA LEU B 105 28.65 18.07 -1.37
C LEU B 105 29.16 18.77 -2.64
N SER B 106 30.48 18.69 -2.86
CA SER B 106 31.06 19.24 -4.08
C SER B 106 30.41 18.65 -5.33
N SER B 107 30.00 17.37 -5.29
CA SER B 107 29.36 16.74 -6.43
C SER B 107 28.03 17.39 -6.81
N ARG B 108 27.50 18.30 -5.99
CA ARG B 108 26.25 18.95 -6.34
C ARG B 108 26.46 20.39 -6.83
N VAL B 109 27.71 20.77 -7.06
CA VAL B 109 28.03 22.04 -7.70
C VAL B 109 27.89 21.87 -9.21
N ASN B 110 27.06 22.69 -9.83
CA ASN B 110 26.82 22.63 -11.27
C ASN B 110 26.38 21.23 -11.71
N ASP B 111 25.49 20.62 -10.94
CA ASP B 111 24.90 19.37 -11.36
C ASP B 111 23.56 19.57 -12.04
N GLY B 112 23.15 20.83 -12.24
CA GLY B 112 21.85 21.11 -12.83
C GLY B 112 20.71 21.14 -11.84
N VAL B 113 20.94 20.84 -10.57
CA VAL B 113 19.92 20.79 -9.54
C VAL B 113 20.16 21.94 -8.59
N CYS B 114 19.09 22.63 -8.20
CA CYS B 114 19.19 23.77 -7.27
C CYS B 114 19.28 23.23 -5.85
N ASP B 115 20.47 23.24 -5.28
CA ASP B 115 20.66 22.77 -3.92
C ASP B 115 20.63 23.87 -2.88
N CYS B 116 21.00 25.10 -3.25
CA CYS B 116 21.00 26.22 -2.31
C CYS B 116 19.85 27.18 -2.64
N CYS B 117 19.24 27.71 -1.58
CA CYS B 117 18.13 28.64 -1.79
C CYS B 117 18.60 29.88 -2.54
N ASP B 118 19.85 30.30 -2.35
CA ASP B 118 20.33 31.47 -3.09
C ASP B 118 20.77 31.13 -4.51
N GLY B 119 20.78 29.84 -4.88
CA GLY B 119 21.09 29.41 -6.23
C GLY B 119 22.56 29.47 -6.63
N THR B 120 23.48 29.73 -5.70
CA THR B 120 24.88 29.95 -6.09
C THR B 120 25.62 28.66 -6.43
N ASP B 121 25.09 27.49 -6.08
CA ASP B 121 25.73 26.24 -6.48
C ASP B 121 25.62 25.98 -7.98
N GLU B 122 24.69 26.65 -8.67
CA GLU B 122 24.49 26.48 -10.11
C GLU B 122 24.89 27.78 -10.80
N TYR B 123 26.14 27.87 -11.25
CA TYR B 123 26.61 29.07 -11.93
C TYR B 123 27.10 28.85 -13.35
N ASN B 124 27.19 27.59 -13.82
CA ASN B 124 27.65 27.29 -15.16
C ASN B 124 27.11 25.96 -15.62
N SER B 125 25.80 25.75 -15.49
CA SER B 125 25.20 24.44 -15.76
C SER B 125 24.01 24.49 -16.69
N GLY B 126 23.51 25.67 -17.06
CA GLY B 126 22.30 25.75 -17.83
C GLY B 126 21.03 25.64 -17.01
N THR B 127 21.14 25.42 -15.71
CA THR B 127 20.02 25.55 -14.79
C THR B 127 20.13 26.91 -14.12
N VAL B 128 19.08 27.71 -14.22
CA VAL B 128 19.02 29.02 -13.59
C VAL B 128 18.15 28.88 -12.35
N CYS B 129 18.77 28.99 -11.18
CA CYS B 129 18.09 28.84 -9.91
C CYS B 129 17.68 30.21 -9.40
N GLU B 130 16.39 30.40 -9.16
CA GLU B 130 15.91 31.63 -8.55
C GLU B 130 16.22 31.62 -7.07
N ASN B 131 16.33 32.81 -6.49
CA ASN B 131 16.56 32.92 -5.05
C ASN B 131 15.26 32.64 -4.32
N THR B 132 15.25 31.62 -3.47
CA THR B 132 14.06 31.18 -2.77
C THR B 132 14.27 31.12 -1.27
N CYS B 133 15.18 31.94 -0.74
CA CYS B 133 15.51 31.81 0.68
C CYS B 133 14.37 32.24 1.60
N ARG B 134 13.29 32.81 1.07
CA ARG B 134 12.10 33.05 1.89
C ARG B 134 11.40 31.71 2.22
N VAL C 32 -4.09 24.16 10.68
CA VAL C 32 -5.35 24.31 9.95
C VAL C 32 -5.39 25.62 9.16
N ASP C 33 -5.95 25.55 7.95
CA ASP C 33 -6.15 26.71 7.09
C ASP C 33 -7.48 27.33 7.48
N ARG C 34 -7.45 28.40 8.28
CA ARG C 34 -8.70 28.96 8.75
C ARG C 34 -9.38 29.87 7.74
N SER C 35 -8.67 30.30 6.69
CA SER C 35 -9.31 31.08 5.64
C SER C 35 -10.34 30.26 4.89
N ASN C 36 -10.24 28.92 4.99
CA ASN C 36 -11.17 28.03 4.32
C ASN C 36 -12.54 28.02 4.96
N PHE C 37 -12.66 28.48 6.20
CA PHE C 37 -13.87 28.29 6.99
C PHE C 37 -14.39 29.64 7.46
N LYS C 38 -15.69 29.85 7.31
CA LYS C 38 -16.31 31.13 7.62
C LYS C 38 -16.22 31.42 9.10
N THR C 39 -15.81 32.64 9.44
CA THR C 39 -16.11 33.20 10.75
C THR C 39 -17.58 33.65 10.76
N CYS C 40 -18.07 34.03 11.95
CA CYS C 40 -19.46 34.49 12.04
C CYS C 40 -19.70 35.70 11.15
N ASP C 41 -18.70 36.59 11.05
CA ASP C 41 -18.87 37.76 10.19
C ASP C 41 -18.97 37.37 8.72
N GLU C 42 -18.35 36.25 8.32
CA GLU C 42 -18.43 35.83 6.93
C GLU C 42 -19.67 34.99 6.65
N SER C 43 -20.39 34.57 7.68
CA SER C 43 -21.68 33.93 7.53
C SER C 43 -22.73 35.03 7.66
N SER C 44 -23.39 35.38 6.56
CA SER C 44 -24.18 36.61 6.52
C SER C 44 -25.34 36.57 7.50
N PHE C 45 -25.98 35.41 7.65
CA PHE C 45 -27.07 35.32 8.61
C PHE C 45 -26.56 35.43 10.05
N CYS C 46 -25.36 34.93 10.32
CA CYS C 46 -24.79 35.11 11.66
C CYS C 46 -24.48 36.57 11.92
N LYS C 47 -23.97 37.28 10.90
CA LYS C 47 -23.68 38.70 11.04
C LYS C 47 -24.96 39.50 11.30
N ARG C 48 -26.02 39.20 10.54
CA ARG C 48 -27.29 39.89 10.75
C ARG C 48 -27.82 39.66 12.15
N GLN C 49 -27.87 38.38 12.58
CA GLN C 49 -28.37 38.07 13.91
C GLN C 49 -27.52 38.75 14.98
N ARG C 50 -26.20 38.61 14.88
CA ARG C 50 -25.32 39.10 15.94
C ARG C 50 -25.24 40.62 16.00
N SER C 51 -25.71 41.33 14.96
CA SER C 51 -25.73 42.79 14.98
C SER C 51 -26.92 43.36 15.76
N ILE C 52 -27.92 42.54 16.06
CA ILE C 52 -29.03 42.96 16.91
C ILE C 52 -28.51 43.19 18.32
N ARG C 53 -28.73 44.41 18.85
CA ARG C 53 -28.17 44.62 20.17
C ARG C 53 -29.23 44.39 21.24
N PRO C 54 -28.81 44.03 22.46
CA PRO C 54 -29.77 43.72 23.52
C PRO C 54 -30.63 44.92 23.88
N GLY C 55 -31.93 44.71 23.99
CA GLY C 55 -32.82 45.80 24.31
C GLY C 55 -34.26 45.34 24.28
N LEU C 56 -35.16 46.30 24.06
CA LEU C 56 -36.57 46.00 24.03
C LEU C 56 -36.91 45.29 22.72
N SER C 57 -37.43 44.09 22.82
CA SER C 57 -37.75 43.31 21.63
C SER C 57 -38.92 43.95 20.89
N PRO C 58 -38.88 44.01 19.56
CA PRO C 58 -40.03 44.49 18.80
C PRO C 58 -41.17 43.50 18.71
N TYR C 59 -41.01 42.32 19.30
CA TYR C 59 -42.03 41.29 19.29
C TYR C 59 -42.99 41.48 20.45
N ARG C 60 -44.27 41.23 20.21
CA ARG C 60 -45.28 41.34 21.24
C ARG C 60 -46.35 40.27 21.01
N ALA C 61 -46.90 39.76 22.10
CA ALA C 61 -47.91 38.71 22.04
C ALA C 61 -49.31 39.31 22.03
N LEU C 62 -50.11 38.91 21.04
CA LEU C 62 -51.49 39.38 20.93
C LEU C 62 -52.34 38.46 21.79
N LEU C 63 -52.56 38.87 23.05
CA LEU C 63 -53.28 38.04 23.99
C LEU C 63 -54.74 37.83 23.60
N ASP C 64 -55.30 38.67 22.72
CA ASP C 64 -56.64 38.42 22.21
C ASP C 64 -56.70 37.15 21.36
N THR C 65 -55.57 36.73 20.80
CA THR C 65 -55.50 35.58 19.93
C THR C 65 -55.22 34.28 20.67
N LEU C 66 -54.98 34.34 21.97
CA LEU C 66 -54.59 33.16 22.74
C LEU C 66 -55.68 32.09 22.68
N GLN C 67 -55.26 30.85 22.44
CA GLN C 67 -56.14 29.70 22.49
C GLN C 67 -55.44 28.62 23.31
N LEU C 68 -56.14 28.09 24.31
CA LEU C 68 -55.61 27.05 25.16
C LEU C 68 -56.34 25.73 24.93
N GLY C 69 -55.59 24.67 24.64
CA GLY C 69 -56.16 23.37 24.46
C GLY C 69 -55.59 22.40 25.48
N PRO C 70 -56.02 21.14 25.44
CA PRO C 70 -55.43 20.16 26.37
C PRO C 70 -53.96 19.89 26.08
N ASP C 71 -53.52 20.05 24.83
CA ASP C 71 -52.16 19.71 24.44
C ASP C 71 -51.27 20.92 24.16
N ALA C 72 -51.83 22.12 24.01
CA ALA C 72 -50.99 23.25 23.63
C ALA C 72 -51.72 24.55 23.87
N LEU C 73 -50.93 25.58 24.18
CA LEU C 73 -51.36 26.97 24.07
C LEU C 73 -50.78 27.54 22.79
N THR C 74 -51.64 28.13 21.94
CA THR C 74 -51.19 28.85 20.77
C THR C 74 -51.58 30.31 20.88
N VAL C 75 -50.64 31.19 20.56
CA VAL C 75 -50.88 32.63 20.61
C VAL C 75 -50.09 33.28 19.47
N HIS C 76 -50.68 34.31 18.87
CA HIS C 76 -50.03 35.00 17.79
C HIS C 76 -49.01 36.00 18.32
N LEU C 77 -47.89 36.14 17.61
CA LEU C 77 -46.91 37.17 17.89
C LEU C 77 -46.85 38.12 16.71
N ILE C 78 -46.41 39.35 16.97
CA ILE C 78 -46.29 40.36 15.93
C ILE C 78 -44.98 41.11 16.11
N HIS C 79 -44.29 41.38 15.01
CA HIS C 79 -43.19 42.32 14.98
C HIS C 79 -43.78 43.72 14.83
N GLU C 80 -43.48 44.61 15.77
CA GLU C 80 -44.17 45.90 15.77
C GLU C 80 -43.78 46.77 14.59
N VAL C 81 -42.57 46.61 14.06
CA VAL C 81 -42.11 47.44 12.95
C VAL C 81 -42.48 46.85 11.60
N THR C 82 -42.22 45.56 11.41
CA THR C 82 -42.50 44.90 10.13
C THR C 82 -43.91 44.36 10.02
N LYS C 83 -44.63 44.23 11.14
CA LYS C 83 -45.99 43.69 11.20
C LYS C 83 -46.04 42.23 10.76
N VAL C 84 -44.90 41.53 10.76
CA VAL C 84 -44.89 40.09 10.49
C VAL C 84 -45.55 39.35 11.64
N LEU C 85 -46.38 38.37 11.31
CA LEU C 85 -47.13 37.61 12.31
C LEU C 85 -46.60 36.19 12.45
N LEU C 86 -46.36 35.77 13.69
CA LEU C 86 -45.87 34.45 14.03
C LEU C 86 -46.86 33.75 14.94
N VAL C 87 -46.76 32.41 14.99
CA VAL C 87 -47.54 31.59 15.89
C VAL C 87 -46.59 30.96 16.90
N LEU C 88 -46.83 31.20 18.18
CA LEU C 88 -46.16 30.49 19.25
C LEU C 88 -47.02 29.31 19.69
N GLU C 89 -46.40 28.12 19.74
CA GLU C 89 -47.04 26.93 20.28
C GLU C 89 -46.28 26.51 21.53
N LEU C 90 -46.96 26.58 22.67
CA LEU C 90 -46.35 26.34 23.97
C LEU C 90 -46.97 25.09 24.58
N GLN C 91 -46.11 24.17 25.04
CA GLN C 91 -46.58 22.91 25.60
C GLN C 91 -45.82 22.56 26.87
N GLY C 92 -46.58 22.15 27.89
CA GLY C 92 -45.99 21.40 28.97
C GLY C 92 -45.94 19.93 28.59
N LEU C 93 -44.84 19.28 28.94
CA LEU C 93 -44.65 17.87 28.62
C LEU C 93 -44.46 17.07 29.90
N GLN C 94 -44.79 15.78 29.81
CA GLN C 94 -44.48 14.86 30.92
C GLN C 94 -42.95 14.74 31.03
N LYS C 95 -42.49 14.47 32.25
CA LYS C 95 -41.08 14.36 32.69
C LYS C 95 -40.51 15.76 32.88
N ASP C 96 -41.38 16.70 33.18
CA ASP C 96 -40.97 18.07 33.55
C ASP C 96 -40.19 18.75 32.43
N MET C 97 -40.79 18.83 31.26
CA MET C 97 -40.14 19.55 30.15
C MET C 97 -41.18 20.48 29.54
N THR C 98 -40.68 21.51 28.87
CA THR C 98 -41.45 22.50 28.13
C THR C 98 -40.91 22.56 26.71
N ARG C 99 -41.82 22.66 25.74
CA ARG C 99 -41.47 22.80 24.34
C ARG C 99 -42.01 24.12 23.80
N ILE C 100 -41.14 24.89 23.15
CA ILE C 100 -41.48 26.15 22.53
C ILE C 100 -41.27 26.03 21.04
N ARG C 101 -42.32 26.22 20.26
CA ARG C 101 -42.21 26.27 18.81
C ARG C 101 -42.77 27.59 18.31
N ILE C 102 -42.05 28.19 17.36
CA ILE C 102 -42.43 29.47 16.75
C ILE C 102 -42.25 29.32 15.26
N ASP C 103 -43.32 29.63 14.51
CA ASP C 103 -43.30 29.55 13.06
C ASP C 103 -44.04 30.77 12.50
N GLU C 104 -43.98 30.95 11.18
CA GLU C 104 -44.76 32.01 10.55
C GLU C 104 -46.25 31.66 10.54
N LEU C 105 -47.08 32.67 10.79
CA LEU C 105 -48.53 32.46 10.78
C LEU C 105 -49.02 32.09 9.39
N GLU C 106 -48.69 32.91 8.39
CA GLU C 106 -49.11 32.67 7.00
C GLU C 106 -47.86 32.69 6.15
N PRO C 107 -47.06 31.61 6.19
CA PRO C 107 -45.83 31.60 5.41
C PRO C 107 -46.13 31.28 3.96
N ARG C 108 -45.36 31.91 3.05
CA ARG C 108 -45.47 31.62 1.62
C ARG C 108 -45.24 30.14 1.35
N ARG C 109 -44.35 29.52 2.11
CA ARG C 109 -43.96 28.14 1.95
C ARG C 109 -43.71 27.57 3.35
N PRO C 110 -43.92 26.27 3.54
CA PRO C 110 -43.63 25.68 4.85
C PRO C 110 -42.14 25.71 5.15
N ARG C 111 -41.80 25.94 6.41
CA ARG C 111 -40.43 25.87 6.87
C ARG C 111 -40.09 24.44 7.31
N TYR C 112 -38.79 24.16 7.33
CA TYR C 112 -38.34 22.81 7.70
C TYR C 112 -38.58 22.53 9.17
N ARG C 113 -39.07 21.32 9.45
CA ARG C 113 -39.16 20.79 10.80
C ARG C 113 -38.44 19.45 10.85
N VAL C 114 -37.51 19.31 11.79
CA VAL C 114 -36.55 18.21 11.75
C VAL C 114 -37.24 16.86 11.98
N PRO C 115 -37.21 15.96 11.00
CA PRO C 115 -37.81 14.64 11.18
C PRO C 115 -36.79 13.63 11.70
N ASP C 116 -37.30 12.47 12.11
CA ASP C 116 -36.56 11.25 12.39
C ASP C 116 -35.62 11.34 13.58
N VAL C 117 -35.53 12.48 14.27
CA VAL C 117 -34.66 12.61 15.42
C VAL C 117 -35.40 12.25 16.71
N LEU C 118 -36.61 12.79 16.90
CA LEU C 118 -37.44 12.40 18.02
C LEU C 118 -37.94 10.98 17.82
N VAL C 119 -37.84 10.15 18.87
CA VAL C 119 -38.28 8.76 18.76
C VAL C 119 -39.79 8.63 18.91
N ALA C 120 -40.46 9.64 19.45
CA ALA C 120 -41.90 9.58 19.65
C ALA C 120 -42.43 10.99 19.77
N ASP C 121 -43.72 11.12 19.57
CA ASP C 121 -44.42 12.36 19.86
C ASP C 121 -44.48 12.54 21.38
N PRO C 122 -43.82 13.55 21.95
CA PRO C 122 -43.68 13.63 23.41
C PRO C 122 -45.02 13.78 24.10
N PRO C 123 -45.28 12.99 25.14
CA PRO C 123 -46.54 13.14 25.89
C PRO C 123 -46.65 14.50 26.56
N THR C 124 -47.82 15.12 26.42
CA THR C 124 -48.03 16.47 26.91
C THR C 124 -48.56 16.48 28.34
N ALA C 125 -48.44 17.64 28.98
CA ALA C 125 -49.07 17.94 30.25
C ALA C 125 -49.97 19.16 30.08
N ARG C 126 -51.03 19.23 30.88
CA ARG C 126 -52.03 20.28 30.70
C ARG C 126 -51.54 21.60 31.28
N LEU C 127 -51.70 22.67 30.51
CA LEU C 127 -51.48 24.00 31.04
C LEU C 127 -52.82 24.56 31.54
N SER C 128 -52.75 25.35 32.61
CA SER C 128 -53.93 25.94 33.20
C SER C 128 -53.64 27.40 33.52
N VAL C 129 -54.61 28.26 33.23
CA VAL C 129 -54.47 29.68 33.55
C VAL C 129 -54.62 29.87 35.06
N SER C 130 -53.53 30.32 35.70
CA SER C 130 -53.51 30.56 37.14
C SER C 130 -53.29 32.03 37.47
N GLY C 131 -53.31 32.91 36.47
CA GLY C 131 -53.13 34.33 36.68
C GLY C 131 -53.21 35.05 35.35
N ARG C 132 -53.74 36.27 35.34
CA ARG C 132 -53.94 36.95 34.07
C ARG C 132 -54.14 38.44 34.32
N ASP C 133 -53.70 39.25 33.36
CA ASP C 133 -53.99 40.67 33.34
C ASP C 133 -53.79 41.17 31.90
N ASP C 134 -53.60 42.48 31.75
CA ASP C 134 -53.50 43.05 30.41
C ASP C 134 -52.19 42.69 29.73
N ASN C 135 -51.11 42.52 30.50
CA ASN C 135 -49.79 42.29 29.92
C ASN C 135 -49.17 40.96 30.36
N SER C 136 -49.96 40.04 30.90
CA SER C 136 -49.38 38.79 31.38
C SER C 136 -50.43 37.71 31.45
N VAL C 137 -49.97 36.47 31.30
CA VAL C 137 -50.74 35.27 31.62
C VAL C 137 -49.83 34.35 32.41
N GLU C 138 -50.31 33.84 33.53
CA GLU C 138 -49.58 32.86 34.32
C GLU C 138 -50.21 31.49 34.09
N LEU C 139 -49.40 30.51 33.74
CA LEU C 139 -49.87 29.16 33.45
C LEU C 139 -49.24 28.17 34.43
N THR C 140 -50.04 27.20 34.86
CA THR C 140 -49.60 26.11 35.70
C THR C 140 -49.59 24.82 34.89
N VAL C 141 -48.48 24.09 34.94
CA VAL C 141 -48.34 22.83 34.23
C VAL C 141 -48.93 21.72 35.09
N ALA C 142 -49.94 21.03 34.57
CA ALA C 142 -50.62 19.97 35.30
C ALA C 142 -51.10 20.47 36.65
N GLU C 143 -50.67 19.81 37.72
CA GLU C 143 -51.05 20.22 39.06
C GLU C 143 -49.89 20.86 39.81
N GLY C 144 -48.89 21.39 39.10
CA GLY C 144 -47.76 22.03 39.74
C GLY C 144 -46.58 21.08 39.88
N PRO C 145 -45.42 21.58 40.34
CA PRO C 145 -45.14 22.95 40.82
C PRO C 145 -44.63 23.95 39.77
N TYR C 146 -44.62 23.56 38.50
CA TYR C 146 -44.00 24.38 37.46
C TYR C 146 -44.97 25.40 36.86
N LYS C 147 -44.45 26.61 36.63
CA LYS C 147 -45.22 27.71 36.10
C LYS C 147 -44.49 28.38 34.94
N ILE C 148 -45.26 28.86 33.97
CA ILE C 148 -44.75 29.62 32.82
C ILE C 148 -45.49 30.94 32.76
N ILE C 149 -44.74 32.05 32.86
CA ILE C 149 -45.30 33.39 32.77
C ILE C 149 -45.06 33.93 31.37
N LEU C 150 -46.13 34.07 30.60
CA LEU C 150 -46.06 34.70 29.29
C LEU C 150 -46.30 36.20 29.45
N THR C 151 -45.27 37.01 29.18
CA THR C 151 -45.39 38.45 29.13
C THR C 151 -45.70 38.87 27.69
N ALA C 152 -46.64 39.81 27.53
CA ALA C 152 -47.11 40.17 26.19
C ALA C 152 -46.18 41.18 25.53
N GLN C 153 -45.84 42.25 26.23
CA GLN C 153 -45.04 43.31 25.62
C GLN C 153 -43.96 43.83 26.57
N PRO C 154 -42.68 43.68 26.22
CA PRO C 154 -42.20 42.91 25.07
C PRO C 154 -42.36 41.41 25.30
N PHE C 155 -42.43 40.62 24.23
CA PHE C 155 -42.60 39.18 24.35
C PHE C 155 -41.52 38.57 25.22
N ARG C 156 -41.93 37.65 26.09
CA ARG C 156 -41.02 37.06 27.07
C ARG C 156 -41.71 35.86 27.69
N LEU C 157 -40.91 34.87 28.06
CA LEU C 157 -41.37 33.69 28.79
C LEU C 157 -40.45 33.47 29.99
N ASP C 158 -41.05 33.13 31.13
CA ASP C 158 -40.31 32.81 32.35
C ASP C 158 -40.78 31.48 32.91
N LEU C 159 -39.82 30.66 33.34
CA LEU C 159 -40.09 29.34 33.90
C LEU C 159 -39.73 29.32 35.38
N LEU C 160 -40.69 28.88 36.21
CA LEU C 160 -40.51 28.88 37.65
C LEU C 160 -40.96 27.55 38.23
N GLU C 161 -40.26 27.14 39.29
CA GLU C 161 -40.75 26.12 40.21
C GLU C 161 -41.14 26.81 41.50
N ASP C 162 -42.42 26.69 41.87
CA ASP C 162 -43.01 27.50 42.94
C ASP C 162 -42.80 28.97 42.63
N ARG C 163 -41.89 29.64 43.34
CA ARG C 163 -41.60 31.05 43.10
C ARG C 163 -40.17 31.29 42.64
N SER C 164 -39.40 30.23 42.37
CA SER C 164 -38.01 30.36 41.96
C SER C 164 -37.92 30.42 40.45
N LEU C 165 -37.33 31.49 39.92
CA LEU C 165 -37.13 31.61 38.48
C LEU C 165 -36.07 30.63 38.02
N LEU C 166 -36.43 29.74 37.10
CA LEU C 166 -35.49 28.77 36.54
C LEU C 166 -34.81 29.29 35.27
N LEU C 167 -35.59 29.88 34.37
CA LEU C 167 -35.06 30.29 33.08
C LEU C 167 -36.02 31.29 32.46
N SER C 168 -35.46 32.23 31.70
CA SER C 168 -36.26 33.20 30.97
C SER C 168 -35.91 33.11 29.48
N VAL C 169 -36.91 33.40 28.65
CA VAL C 169 -36.77 33.35 27.21
C VAL C 169 -37.01 34.75 26.65
N ASN C 170 -36.09 35.22 25.81
CA ASN C 170 -36.12 36.55 25.22
C ASN C 170 -35.94 37.65 26.26
N ALA C 171 -35.30 37.33 27.39
CA ALA C 171 -35.07 38.31 28.44
C ALA C 171 -34.11 39.42 27.98
N ARG C 172 -33.18 39.11 27.09
CA ARG C 172 -32.32 40.12 26.50
C ARG C 172 -32.88 40.70 25.21
N GLY C 173 -34.07 40.29 24.80
CA GLY C 173 -34.71 40.82 23.60
C GLY C 173 -33.93 40.57 22.32
N LEU C 174 -33.32 39.39 22.20
CA LEU C 174 -32.51 39.06 21.02
C LEU C 174 -33.23 38.17 20.03
N MET C 175 -34.51 37.85 20.27
CA MET C 175 -35.27 37.04 19.33
C MET C 175 -35.33 37.69 17.95
N ALA C 176 -35.07 36.88 16.92
CA ALA C 176 -35.10 37.36 15.54
C ALA C 176 -35.62 36.24 14.66
N PHE C 177 -36.63 36.55 13.83
CA PHE C 177 -37.27 35.54 12.98
C PHE C 177 -37.44 36.18 11.60
N GLU C 178 -36.53 35.85 10.68
CA GLU C 178 -36.58 36.40 9.33
C GLU C 178 -37.62 35.63 8.54
N HIS C 179 -38.73 36.29 8.22
CA HIS C 179 -39.81 35.65 7.48
C HIS C 179 -39.43 35.51 6.00
N GLN C 180 -40.03 34.51 5.35
CA GLN C 180 -39.73 34.25 3.94
C GLN C 180 -40.30 35.37 3.07
N ARG C 181 -39.42 36.14 2.45
CA ARG C 181 -39.84 37.27 1.63
C ARG C 181 -40.14 36.82 0.21
N ALA C 182 -40.69 37.74 -0.57
CA ALA C 182 -40.98 37.48 -1.97
C ALA C 182 -39.69 37.25 -2.75
N PRO C 183 -39.54 36.12 -3.46
CA PRO C 183 -38.35 35.85 -4.27
C PRO C 183 -38.32 36.65 -5.56
N GLU C 243 -28.18 43.80 4.71
CA GLU C 243 -28.47 43.91 3.27
C GLU C 243 -27.45 43.17 2.38
N PRO C 244 -26.14 43.37 2.57
CA PRO C 244 -25.18 42.65 1.72
C PRO C 244 -25.08 41.19 2.10
N GLY C 245 -25.12 40.31 1.10
CA GLY C 245 -25.07 38.89 1.35
C GLY C 245 -26.37 38.29 1.85
N ALA C 246 -27.45 39.08 1.91
CA ALA C 246 -28.73 38.57 2.39
C ALA C 246 -29.38 37.64 1.38
N TRP C 247 -29.19 37.89 0.10
CA TRP C 247 -29.64 37.00 -0.97
C TRP C 247 -28.43 36.28 -1.54
N GLU C 248 -28.17 36.32 -2.85
CA GLU C 248 -26.99 35.68 -3.41
C GLU C 248 -25.74 36.13 -2.68
N GLU C 249 -24.87 35.17 -2.35
CA GLU C 249 -23.75 35.43 -1.45
C GLU C 249 -22.57 34.57 -1.88
N THR C 250 -21.37 35.13 -1.76
CA THR C 250 -20.16 34.40 -2.13
C THR C 250 -19.21 34.31 -0.94
N PHE C 251 -18.43 33.24 -0.93
CA PHE C 251 -17.35 33.05 0.04
C PHE C 251 -16.21 32.37 -0.68
N LYS C 252 -15.04 33.00 -0.67
CA LYS C 252 -13.88 32.55 -1.44
C LYS C 252 -14.32 32.48 -2.90
N THR C 253 -14.24 31.34 -3.57
CA THR C 253 -14.66 31.22 -4.96
C THR C 253 -16.02 30.57 -5.10
N HIS C 254 -16.74 30.34 -4.00
CA HIS C 254 -18.01 29.62 -4.03
C HIS C 254 -19.17 30.58 -3.92
N SER C 255 -20.24 30.30 -4.65
CA SER C 255 -21.40 31.18 -4.73
C SER C 255 -22.66 30.42 -4.31
N ASP C 256 -23.42 31.04 -3.40
CA ASP C 256 -24.71 30.54 -2.97
C ASP C 256 -25.80 31.36 -3.63
N SER C 257 -26.60 30.73 -4.49
CA SER C 257 -27.66 31.46 -5.18
C SER C 257 -28.78 31.87 -4.23
N LYS C 258 -28.91 31.18 -3.09
CA LYS C 258 -29.82 31.51 -2.00
C LYS C 258 -31.22 31.92 -2.50
N PRO C 259 -31.93 31.01 -3.16
CA PRO C 259 -33.21 31.40 -3.80
C PRO C 259 -34.28 31.84 -2.82
N TYR C 260 -34.14 31.55 -1.52
CA TYR C 260 -35.15 31.89 -0.53
C TYR C 260 -34.78 33.11 0.31
N GLY C 261 -33.58 33.66 0.13
CA GLY C 261 -33.21 34.85 0.84
C GLY C 261 -33.02 34.62 2.32
N PRO C 262 -33.02 35.69 3.10
CA PRO C 262 -32.78 35.57 4.55
C PRO C 262 -33.96 34.90 5.24
N THR C 263 -33.67 33.80 5.96
CA THR C 263 -34.69 33.06 6.66
C THR C 263 -34.23 32.63 8.06
N SER C 264 -33.24 33.29 8.63
CA SER C 264 -32.64 32.80 9.85
C SER C 264 -33.53 33.07 11.06
N VAL C 265 -33.38 32.22 12.08
CA VAL C 265 -34.17 32.32 13.30
C VAL C 265 -33.20 32.31 14.49
N GLY C 266 -33.64 32.90 15.59
CA GLY C 266 -32.77 33.03 16.75
C GLY C 266 -33.57 33.36 17.98
N LEU C 267 -32.98 33.03 19.13
CA LEU C 267 -33.67 33.21 20.40
C LEU C 267 -32.66 33.08 21.52
N ASP C 268 -32.82 33.90 22.55
CA ASP C 268 -31.91 33.90 23.69
C ASP C 268 -32.61 33.34 24.91
N PHE C 269 -31.81 32.80 25.83
CA PHE C 269 -32.30 32.15 27.04
C PHE C 269 -31.42 32.61 28.19
N SER C 270 -32.03 32.84 29.34
CA SER C 270 -31.34 33.34 30.52
C SER C 270 -31.41 32.30 31.63
N LEU C 271 -30.27 32.00 32.24
CA LEU C 271 -30.15 30.93 33.22
C LEU C 271 -29.63 31.53 34.53
N PRO C 272 -30.52 32.06 35.38
CA PRO C 272 -30.07 32.64 36.65
C PRO C 272 -29.49 31.57 37.55
N GLY C 273 -28.36 31.87 38.16
CA GLY C 273 -27.70 30.94 39.05
C GLY C 273 -26.75 29.97 38.40
N MET C 274 -26.63 29.98 37.07
CA MET C 274 -25.74 29.08 36.35
C MET C 274 -24.48 29.81 35.91
N GLU C 275 -23.32 29.27 36.28
CA GLU C 275 -22.04 29.80 35.83
C GLU C 275 -21.27 28.81 34.97
N HIS C 276 -21.80 27.60 34.76
CA HIS C 276 -21.10 26.53 34.04
C HIS C 276 -22.05 25.90 33.04
N VAL C 277 -21.68 25.91 31.76
CA VAL C 277 -22.45 25.23 30.73
C VAL C 277 -21.53 24.29 29.95
N TYR C 278 -22.14 23.26 29.36
CA TYR C 278 -21.42 22.16 28.75
C TYR C 278 -22.20 21.65 27.56
N GLY C 279 -21.49 20.98 26.66
CA GLY C 279 -22.14 20.28 25.57
C GLY C 279 -21.86 20.87 24.21
N ILE C 280 -22.91 20.99 23.40
CA ILE C 280 -22.88 21.34 21.98
C ILE C 280 -21.60 20.86 21.29
N PRO C 281 -21.31 19.55 21.28
CA PRO C 281 -20.22 19.05 20.43
C PRO C 281 -20.59 19.22 18.96
N GLU C 282 -19.58 19.20 18.08
CA GLU C 282 -18.21 18.77 18.39
C GLU C 282 -17.21 19.92 18.22
N HIS C 283 -16.40 20.15 19.24
CA HIS C 283 -15.36 21.17 19.19
C HIS C 283 -14.13 20.64 19.91
N ALA C 284 -12.96 21.01 19.40
CA ALA C 284 -11.70 20.67 20.07
C ALA C 284 -11.43 21.71 21.14
N ASP C 285 -12.22 21.64 22.21
CA ASP C 285 -12.22 22.68 23.23
C ASP C 285 -12.50 22.05 24.59
N SER C 286 -12.44 22.89 25.62
CA SER C 286 -12.54 22.40 26.98
C SER C 286 -13.97 21.95 27.31
N LEU C 287 -14.06 21.07 28.32
CA LEU C 287 -15.36 20.53 28.71
C LEU C 287 -16.30 21.65 29.13
N ARG C 288 -15.87 22.49 30.08
CA ARG C 288 -16.66 23.66 30.44
C ARG C 288 -16.56 24.70 29.33
N LEU C 289 -17.70 25.05 28.73
CA LEU C 289 -17.71 25.94 27.59
C LEU C 289 -17.29 27.35 28.00
N LYS C 290 -16.57 28.02 27.12
CA LYS C 290 -16.10 29.37 27.39
C LYS C 290 -17.12 30.40 26.92
N VAL C 291 -17.06 31.58 27.55
CA VAL C 291 -17.81 32.72 27.07
C VAL C 291 -17.33 33.11 25.68
N THR C 292 -18.27 33.51 24.82
CA THR C 292 -17.98 33.90 23.45
C THR C 292 -17.96 35.40 23.23
N GLU C 293 -18.03 36.20 24.31
CA GLU C 293 -18.29 37.64 24.18
C GLU C 293 -17.25 38.32 23.29
N GLY C 294 -15.98 38.06 23.54
CA GLY C 294 -14.96 38.77 22.79
C GLY C 294 -14.44 38.07 21.55
N GLY C 295 -15.13 37.02 21.07
CA GLY C 295 -14.65 36.25 19.93
C GLY C 295 -15.77 35.63 19.16
N GLU C 296 -15.52 34.42 18.64
CA GLU C 296 -16.49 33.72 17.82
C GLU C 296 -17.51 32.97 18.68
N PRO C 297 -18.75 32.89 18.23
CA PRO C 297 -19.68 31.93 18.84
C PRO C 297 -19.26 30.50 18.51
N TYR C 298 -19.74 29.57 19.32
CA TYR C 298 -19.56 28.16 19.00
C TYR C 298 -20.39 27.82 17.79
N ARG C 299 -19.79 27.13 16.84
CA ARG C 299 -20.44 26.82 15.58
C ARG C 299 -20.82 25.35 15.52
N LEU C 300 -22.04 25.09 15.05
CA LEU C 300 -22.54 23.73 14.85
C LEU C 300 -22.82 23.58 13.36
N TYR C 301 -21.88 22.97 12.64
CA TYR C 301 -22.02 22.75 11.21
C TYR C 301 -21.02 21.64 10.84
N ASN C 302 -21.53 20.45 10.54
CA ASN C 302 -20.67 19.30 10.31
C ASN C 302 -19.69 19.58 9.17
N LEU C 303 -18.41 19.69 9.51
CA LEU C 303 -17.38 20.09 8.57
C LEU C 303 -16.13 19.24 8.75
N ASP C 304 -15.41 19.04 7.64
CA ASP C 304 -14.18 18.25 7.59
C ASP C 304 -13.02 19.24 7.63
N VAL C 305 -12.38 19.34 8.79
CA VAL C 305 -11.35 20.33 9.06
C VAL C 305 -10.00 19.60 9.08
N PHE C 306 -9.18 19.85 8.06
CA PHE C 306 -7.89 19.18 7.93
C PHE C 306 -6.90 19.70 8.97
N GLN C 307 -6.30 18.78 9.73
CA GLN C 307 -5.35 19.10 10.79
C GLN C 307 -5.92 20.14 11.77
N TYR C 308 -7.08 19.83 12.32
CA TYR C 308 -7.73 20.78 13.22
C TYR C 308 -6.88 21.02 14.45
N GLU C 309 -7.03 22.20 15.03
CA GLU C 309 -6.24 22.64 16.16
C GLU C 309 -7.12 22.67 17.41
N LEU C 310 -6.46 22.83 18.55
CA LEU C 310 -7.08 22.70 19.87
C LEU C 310 -7.50 24.04 20.44
N ASN C 311 -8.52 23.99 21.32
CA ASN C 311 -8.99 25.12 22.11
C ASN C 311 -9.43 26.30 21.23
N ASN C 312 -10.40 26.01 20.38
CA ASN C 312 -11.01 27.02 19.52
C ASN C 312 -12.41 26.54 19.18
N PRO C 313 -13.30 27.45 18.78
CA PRO C 313 -14.71 27.06 18.61
C PRO C 313 -15.10 26.68 17.19
N MET C 314 -14.12 26.42 16.32
CA MET C 314 -14.46 26.02 14.96
C MET C 314 -15.30 24.75 14.96
N ALA C 315 -16.23 24.67 14.02
CA ALA C 315 -17.08 23.50 13.90
C ALA C 315 -16.27 22.29 13.40
N LEU C 316 -16.50 21.13 14.00
CA LEU C 316 -15.87 19.91 13.52
C LEU C 316 -16.94 19.02 12.89
N TYR C 317 -16.72 17.70 12.91
CA TYR C 317 -17.45 16.79 12.03
C TYR C 317 -18.89 16.56 12.48
N GLY C 318 -19.21 16.74 13.76
CA GLY C 318 -20.55 16.48 14.26
C GLY C 318 -21.11 17.65 15.02
N SER C 319 -22.43 17.63 15.20
CA SER C 319 -23.18 18.73 15.81
C SER C 319 -24.33 18.16 16.65
N VAL C 320 -24.30 18.35 17.96
CA VAL C 320 -25.40 17.97 18.83
C VAL C 320 -25.90 19.22 19.55
N PRO C 321 -27.04 19.79 19.13
CA PRO C 321 -27.51 21.09 19.67
C PRO C 321 -28.20 20.94 21.02
N VAL C 322 -27.42 20.52 22.01
CA VAL C 322 -27.89 20.25 23.36
C VAL C 322 -26.91 20.87 24.33
N LEU C 323 -27.40 21.73 25.21
CA LEU C 323 -26.54 22.43 26.16
C LEU C 323 -27.02 22.12 27.56
N LEU C 324 -26.08 21.75 28.43
CA LEU C 324 -26.36 21.45 29.83
C LEU C 324 -25.81 22.56 30.71
N ALA C 325 -26.60 22.98 31.70
CA ALA C 325 -26.19 23.98 32.67
C ALA C 325 -26.21 23.34 34.05
N HIS C 326 -25.13 23.54 34.82
CA HIS C 326 -25.00 22.94 36.12
C HIS C 326 -24.66 23.98 37.18
N SER C 327 -25.36 23.93 38.31
CA SER C 327 -24.96 24.63 39.51
C SER C 327 -25.02 23.67 40.70
N PHE C 328 -24.52 24.14 41.84
CA PHE C 328 -24.64 23.37 43.08
C PHE C 328 -26.09 23.03 43.40
N HIS C 329 -27.04 23.79 42.86
CA HIS C 329 -28.45 23.71 43.25
C HIS C 329 -29.32 22.97 42.25
N ARG C 330 -29.00 23.03 40.95
CA ARG C 330 -29.90 22.48 39.95
C ARG C 330 -29.14 22.18 38.67
N ASP C 331 -29.77 21.37 37.83
CA ASP C 331 -29.30 21.08 36.47
C ASP C 331 -30.43 21.35 35.50
N LEU C 332 -30.07 21.92 34.34
CA LEU C 332 -31.02 22.18 33.27
C LEU C 332 -30.37 21.82 31.94
N GLY C 333 -31.22 21.50 30.96
CA GLY C 333 -30.76 21.30 29.61
C GLY C 333 -31.64 22.04 28.62
N ILE C 334 -31.02 22.46 27.51
CA ILE C 334 -31.71 23.08 26.40
C ILE C 334 -31.38 22.30 25.14
N PHE C 335 -32.42 21.85 24.44
CA PHE C 335 -32.31 21.02 23.24
C PHE C 335 -32.93 21.81 22.10
N TRP C 336 -32.07 22.37 21.23
CA TRP C 336 -32.48 23.25 20.13
C TRP C 336 -32.63 22.39 18.88
N LEU C 337 -33.85 21.99 18.56
CA LEU C 337 -34.08 21.01 17.49
C LEU C 337 -34.11 21.72 16.14
N ASN C 338 -32.92 21.99 15.61
CA ASN C 338 -32.76 22.61 14.30
C ASN C 338 -31.60 21.93 13.56
N ALA C 339 -31.79 21.61 12.28
CA ALA C 339 -30.79 20.90 11.50
C ALA C 339 -29.93 21.82 10.62
N ALA C 340 -30.15 23.13 10.64
CA ALA C 340 -29.41 24.06 9.82
C ALA C 340 -28.15 24.54 10.52
N GLU C 341 -27.28 25.21 9.77
CA GLU C 341 -26.10 25.83 10.38
C GLU C 341 -26.52 26.67 11.57
N THR C 342 -25.85 26.46 12.70
CA THR C 342 -26.27 27.08 13.95
C THR C 342 -25.06 27.62 14.66
N TRP C 343 -25.19 28.85 15.19
CA TRP C 343 -24.15 29.48 15.99
C TRP C 343 -24.69 29.67 17.41
N VAL C 344 -23.83 29.51 18.41
CA VAL C 344 -24.23 29.57 19.82
C VAL C 344 -23.32 30.55 20.54
N ASP C 345 -23.93 31.62 21.08
CA ASP C 345 -23.22 32.61 21.88
C ASP C 345 -23.46 32.40 23.37
N ILE C 346 -22.41 32.58 24.16
CA ILE C 346 -22.43 32.34 25.60
C ILE C 346 -21.86 33.56 26.30
N SER C 347 -22.60 34.11 27.27
CA SER C 347 -22.19 35.32 27.97
C SER C 347 -22.55 35.20 29.46
N SER C 348 -21.72 35.81 30.30
CA SER C 348 -21.85 35.73 31.75
C SER C 348 -22.31 37.05 32.35
N ASN C 349 -22.88 36.95 33.54
CA ASN C 349 -23.28 38.10 34.36
C ASN C 349 -22.77 37.95 35.78
N THR C 369 -27.08 35.65 42.19
CA THR C 369 -26.72 36.76 41.30
C THR C 369 -26.06 36.33 39.97
N PRO C 370 -25.09 35.41 39.99
CA PRO C 370 -24.45 35.00 38.72
C PRO C 370 -25.47 34.40 37.77
N GLN C 371 -25.27 34.66 36.48
CA GLN C 371 -26.23 34.27 35.45
C GLN C 371 -25.48 34.06 34.14
N THR C 372 -25.89 33.05 33.38
CA THR C 372 -25.37 32.78 32.06
C THR C 372 -26.49 32.88 31.04
N ASP C 373 -26.24 33.57 29.93
CA ASP C 373 -27.20 33.71 28.85
C ASP C 373 -26.72 32.93 27.62
N ILE C 374 -27.67 32.26 26.97
CA ILE C 374 -27.40 31.41 25.80
C ILE C 374 -28.25 31.92 24.65
N ARG C 375 -27.63 32.04 23.48
CA ARG C 375 -28.33 32.48 22.28
C ARG C 375 -28.06 31.52 21.13
N TRP C 376 -29.13 31.02 20.52
CA TRP C 376 -29.05 30.12 19.37
C TRP C 376 -29.45 30.87 18.11
N MET C 377 -28.67 30.70 17.05
CA MET C 377 -28.94 31.37 15.77
C MET C 377 -28.78 30.36 14.64
N SER C 378 -29.85 30.10 13.91
CA SER C 378 -29.87 29.04 12.90
C SER C 378 -30.33 29.61 11.57
N GLU C 379 -29.81 29.02 10.48
CA GLU C 379 -29.97 29.62 9.15
C GLU C 379 -31.40 29.51 8.64
N SER C 380 -32.10 28.42 8.93
CA SER C 380 -33.46 28.25 8.44
C SER C 380 -34.20 27.34 9.40
N GLY C 381 -35.32 26.79 8.96
CA GLY C 381 -36.17 25.99 9.82
C GLY C 381 -37.00 26.87 10.73
N ILE C 382 -37.71 26.23 11.65
CA ILE C 382 -38.49 26.92 12.66
C ILE C 382 -37.69 27.00 13.95
N ILE C 383 -38.21 27.74 14.93
CA ILE C 383 -37.74 27.65 16.30
C ILE C 383 -38.44 26.48 16.96
N ASP C 384 -37.66 25.54 17.49
CA ASP C 384 -38.19 24.38 18.17
C ASP C 384 -37.19 24.01 19.26
N VAL C 385 -37.54 24.28 20.51
CA VAL C 385 -36.62 24.13 21.62
C VAL C 385 -37.32 23.38 22.74
N PHE C 386 -36.61 22.42 23.34
CA PHE C 386 -37.09 21.70 24.51
C PHE C 386 -36.31 22.19 25.71
N LEU C 387 -37.03 22.53 26.77
CA LEU C 387 -36.43 22.95 28.04
C LEU C 387 -36.59 21.78 29.00
N MET C 388 -35.47 21.27 29.50
CA MET C 388 -35.45 20.05 30.30
C MET C 388 -35.05 20.46 31.71
N LEU C 389 -36.01 20.41 32.64
CA LEU C 389 -35.95 21.19 33.86
C LEU C 389 -35.31 20.44 35.02
N GLY C 390 -34.76 19.26 34.80
CA GLY C 390 -34.08 18.54 35.84
C GLY C 390 -35.05 18.02 36.87
N PRO C 391 -34.77 18.23 38.16
CA PRO C 391 -33.71 19.09 38.71
C PRO C 391 -32.30 18.50 38.78
N SER C 392 -32.15 17.19 38.77
CA SER C 392 -30.81 16.61 38.79
C SER C 392 -30.33 16.33 37.37
N VAL C 393 -29.01 16.15 37.22
CA VAL C 393 -28.46 15.91 35.90
C VAL C 393 -28.96 14.58 35.34
N PHE C 394 -29.26 13.61 36.22
CA PHE C 394 -29.80 12.34 35.74
C PHE C 394 -31.24 12.49 35.28
N ASP C 395 -32.00 13.41 35.88
CA ASP C 395 -33.31 13.75 35.33
C ASP C 395 -33.18 14.31 33.92
N VAL C 396 -32.18 15.16 33.68
CA VAL C 396 -31.97 15.71 32.34
C VAL C 396 -31.61 14.60 31.35
N PHE C 397 -30.73 13.69 31.74
CA PHE C 397 -30.43 12.53 30.89
C PHE C 397 -31.72 11.80 30.51
N ARG C 398 -32.57 11.54 31.51
CA ARG C 398 -33.83 10.85 31.24
C ARG C 398 -34.74 11.68 30.36
N GLN C 399 -34.83 12.97 30.62
CA GLN C 399 -35.68 13.85 29.80
C GLN C 399 -35.23 13.82 28.34
N TYR C 400 -33.93 14.04 28.10
CA TYR C 400 -33.43 14.05 26.72
C TYR C 400 -33.53 12.68 26.07
N ALA C 401 -33.28 11.61 26.83
CA ALA C 401 -33.38 10.26 26.27
C ALA C 401 -34.81 9.93 25.86
N SER C 402 -35.81 10.39 26.62
CA SER C 402 -37.18 10.15 26.21
C SER C 402 -37.47 10.84 24.89
N LEU C 403 -36.76 11.92 24.58
CA LEU C 403 -36.97 12.61 23.31
C LEU C 403 -36.23 11.91 22.17
N THR C 404 -34.92 11.68 22.30
CA THR C 404 -34.10 11.21 21.18
C THR C 404 -33.60 9.78 21.31
N GLY C 405 -34.01 9.05 22.34
CA GLY C 405 -33.61 7.66 22.47
C GLY C 405 -32.31 7.50 23.23
N THR C 406 -31.83 6.27 23.23
CA THR C 406 -30.65 5.90 24.03
C THR C 406 -29.60 5.24 23.15
N GLN C 407 -28.40 5.14 23.72
CA GLN C 407 -27.29 4.44 23.10
C GLN C 407 -27.71 3.03 22.70
N ALA C 408 -27.54 2.70 21.43
CA ALA C 408 -27.70 1.31 21.00
C ALA C 408 -26.72 0.42 21.76
N LEU C 409 -27.19 -0.74 22.17
CA LEU C 409 -26.33 -1.70 22.89
C LEU C 409 -25.28 -2.27 21.95
N PRO C 410 -23.99 -1.95 22.14
CA PRO C 410 -22.97 -2.46 21.22
C PRO C 410 -22.85 -3.97 21.34
N PRO C 411 -22.61 -4.67 20.22
CA PRO C 411 -22.14 -6.06 20.33
C PRO C 411 -20.87 -6.07 21.16
N LEU C 412 -20.70 -7.13 21.96
CA LEU C 412 -19.59 -7.16 22.91
C LEU C 412 -18.25 -6.95 22.22
N PHE C 413 -18.04 -7.59 21.04
CA PHE C 413 -16.74 -7.49 20.38
C PHE C 413 -16.34 -6.05 20.14
N SER C 414 -17.31 -5.17 19.89
CA SER C 414 -16.97 -3.78 19.55
C SER C 414 -16.51 -2.99 20.76
N LEU C 415 -16.64 -3.54 21.97
CA LEU C 415 -16.06 -2.94 23.17
C LEU C 415 -14.65 -3.43 23.43
N GLY C 416 -14.14 -4.35 22.61
CA GLY C 416 -12.74 -4.74 22.69
C GLY C 416 -11.84 -3.75 21.98
N TYR C 417 -10.63 -4.21 21.65
CA TYR C 417 -9.62 -3.39 21.00
C TYR C 417 -9.68 -3.54 19.48
N HIS C 418 -9.66 -2.42 18.77
CA HIS C 418 -9.70 -2.38 17.31
C HIS C 418 -8.34 -1.95 16.75
N GLN C 419 -7.80 -2.73 15.84
CA GLN C 419 -6.51 -2.43 15.20
C GLN C 419 -6.77 -1.96 13.77
N SER C 420 -6.35 -0.73 13.48
CA SER C 420 -6.62 -0.10 12.20
C SER C 420 -5.41 0.69 11.72
N ARG C 421 -5.37 0.94 10.43
CA ARG C 421 -4.57 2.02 9.85
C ARG C 421 -5.06 2.23 8.42
N TRP C 422 -4.65 3.35 7.86
CA TRP C 422 -4.72 3.61 6.43
C TRP C 422 -3.33 3.27 5.90
N ASN C 423 -3.13 2.10 5.29
CA ASN C 423 -4.10 1.03 5.02
C ASN C 423 -3.39 -0.32 5.21
N TYR C 424 -4.07 -1.37 5.62
CA TYR C 424 -3.47 -2.70 5.49
C TYR C 424 -3.54 -3.09 4.01
N ARG C 425 -2.44 -3.62 3.48
CA ARG C 425 -2.23 -3.54 2.03
C ARG C 425 -2.93 -4.65 1.27
N ASP C 426 -3.07 -5.85 1.85
CA ASP C 426 -3.74 -6.94 1.15
C ASP C 426 -4.16 -7.98 2.18
N GLU C 427 -4.75 -9.08 1.69
CA GLU C 427 -5.21 -10.14 2.57
C GLU C 427 -4.06 -10.71 3.40
N ALA C 428 -2.90 -10.92 2.77
CA ALA C 428 -1.74 -11.44 3.52
C ALA C 428 -1.36 -10.53 4.66
N ASP C 429 -1.41 -9.21 4.44
CA ASP C 429 -1.07 -8.24 5.47
C ASP C 429 -2.05 -8.33 6.65
N VAL C 430 -3.34 -8.42 6.36
CA VAL C 430 -4.37 -8.56 7.39
C VAL C 430 -4.13 -9.83 8.22
N LEU C 431 -3.82 -10.94 7.54
CA LEU C 431 -3.60 -12.19 8.27
C LEU C 431 -2.30 -12.18 9.05
N GLU C 432 -1.27 -11.47 8.57
CA GLU C 432 -0.05 -11.31 9.35
C GLU C 432 -0.28 -10.46 10.59
N VAL C 433 -1.11 -9.43 10.48
CA VAL C 433 -1.44 -8.62 11.65
C VAL C 433 -2.19 -9.48 12.67
N ASP C 434 -3.16 -10.27 12.21
CA ASP C 434 -3.91 -11.18 13.08
C ASP C 434 -2.96 -12.15 13.81
N GLN C 435 -2.01 -12.73 13.07
CA GLN C 435 -1.08 -13.67 13.71
C GLN C 435 -0.12 -12.97 14.64
N GLY C 436 0.26 -11.73 14.30
CA GLY C 436 1.14 -10.98 15.19
C GLY C 436 0.53 -10.75 16.56
N PHE C 437 -0.78 -10.48 16.62
CA PHE C 437 -1.40 -10.33 17.93
C PHE C 437 -1.23 -11.60 18.76
N ASP C 438 -1.44 -12.76 18.14
CA ASP C 438 -1.33 -14.02 18.87
C ASP C 438 0.12 -14.35 19.19
N ASP C 439 1.03 -14.13 18.23
CA ASP C 439 2.44 -14.43 18.50
C ASP C 439 3.03 -13.54 19.61
N HIS C 440 2.45 -12.38 19.86
CA HIS C 440 2.97 -11.49 20.89
C HIS C 440 2.04 -11.36 22.09
N ASN C 441 1.06 -12.24 22.21
CA ASN C 441 0.19 -12.32 23.38
C ASN C 441 -0.51 -11.00 23.65
N MET C 442 -1.20 -10.48 22.64
CA MET C 442 -1.96 -9.26 22.79
C MET C 442 -3.36 -9.51 22.26
N PRO C 443 -4.41 -9.18 23.02
CA PRO C 443 -5.77 -9.40 22.53
C PRO C 443 -6.18 -8.34 21.53
N CYS C 444 -7.06 -8.73 20.62
CA CYS C 444 -7.59 -7.83 19.60
C CYS C 444 -8.86 -8.45 19.03
N ASP C 445 -9.92 -7.65 18.88
CA ASP C 445 -11.17 -8.18 18.36
C ASP C 445 -11.40 -7.92 16.89
N VAL C 446 -10.92 -6.78 16.37
CA VAL C 446 -11.27 -6.33 15.02
C VAL C 446 -10.05 -5.76 14.32
N ILE C 447 -9.87 -6.14 13.06
CA ILE C 447 -8.90 -5.51 12.16
C ILE C 447 -9.69 -4.76 11.10
N TRP C 448 -9.24 -3.55 10.79
CA TRP C 448 -9.99 -2.61 9.97
C TRP C 448 -9.35 -2.45 8.59
N LEU C 449 -10.20 -2.32 7.57
CA LEU C 449 -9.78 -2.09 6.19
C LEU C 449 -10.24 -0.70 5.76
N ASP C 450 -9.28 0.20 5.58
CA ASP C 450 -9.56 1.57 5.15
C ASP C 450 -9.73 1.58 3.62
N ILE C 451 -9.79 2.77 3.01
CA ILE C 451 -10.29 2.92 1.64
C ILE C 451 -9.46 2.20 0.57
N GLU C 452 -8.21 1.84 0.85
CA GLU C 452 -7.43 1.18 -0.18
C GLU C 452 -7.80 -0.28 -0.36
N HIS C 453 -8.75 -0.82 0.43
CA HIS C 453 -9.17 -2.20 0.19
C HIS C 453 -10.14 -2.33 -0.98
N ALA C 454 -10.77 -1.23 -1.39
CA ALA C 454 -11.75 -1.27 -2.47
C ALA C 454 -11.09 -1.15 -3.85
N ASP C 455 -11.90 -1.30 -4.90
CA ASP C 455 -11.43 -1.08 -6.27
C ASP C 455 -11.46 0.41 -6.56
N GLY C 456 -10.32 1.07 -6.34
CA GLY C 456 -10.23 2.49 -6.66
C GLY C 456 -11.26 3.34 -5.95
N LYS C 457 -11.52 3.05 -4.68
CA LYS C 457 -12.48 3.80 -3.86
C LYS C 457 -13.89 3.74 -4.44
N ARG C 458 -14.23 2.63 -5.11
CA ARG C 458 -15.62 2.29 -5.39
C ARG C 458 -16.13 1.43 -4.22
N TYR C 459 -16.98 2.00 -3.37
CA TYR C 459 -17.36 1.28 -2.17
C TYR C 459 -18.27 0.09 -2.52
N PHE C 460 -18.31 -0.89 -1.61
CA PHE C 460 -18.91 -2.20 -1.78
C PHE C 460 -18.11 -3.08 -2.75
N THR C 461 -16.90 -2.69 -3.13
CA THR C 461 -16.07 -3.55 -3.98
C THR C 461 -14.77 -3.90 -3.26
N TRP C 462 -14.00 -4.76 -3.91
CA TRP C 462 -12.74 -5.26 -3.37
C TRP C 462 -11.68 -5.14 -4.48
N ASP C 463 -10.50 -4.66 -4.12
CA ASP C 463 -9.44 -4.55 -5.11
C ASP C 463 -9.15 -5.93 -5.69
N PRO C 464 -9.24 -6.11 -7.00
CA PRO C 464 -9.17 -7.47 -7.57
C PRO C 464 -7.80 -8.12 -7.46
N THR C 465 -6.74 -7.37 -7.16
CA THR C 465 -5.42 -7.97 -6.98
C THR C 465 -5.11 -8.20 -5.50
N ARG C 466 -5.35 -7.20 -4.66
CA ARG C 466 -4.93 -7.28 -3.28
C ARG C 466 -5.98 -7.90 -2.37
N PHE C 467 -7.24 -7.89 -2.77
CA PHE C 467 -8.32 -8.54 -2.01
C PHE C 467 -9.17 -9.39 -2.94
N PRO C 468 -8.58 -10.41 -3.56
CA PRO C 468 -9.34 -11.23 -4.51
C PRO C 468 -10.29 -12.21 -3.87
N GLN C 469 -10.09 -12.58 -2.60
CA GLN C 469 -10.87 -13.62 -1.92
C GLN C 469 -11.30 -13.12 -0.54
N PRO C 470 -12.16 -12.11 -0.46
CA PRO C 470 -12.50 -11.57 0.86
C PRO C 470 -13.21 -12.58 1.76
N LEU C 471 -14.07 -13.44 1.20
CA LEU C 471 -14.73 -14.46 2.02
C LEU C 471 -13.72 -15.37 2.70
N ASN C 472 -12.64 -15.72 2.00
CA ASN C 472 -11.63 -16.57 2.60
C ASN C 472 -10.90 -15.83 3.71
N MET C 473 -10.57 -14.56 3.49
CA MET C 473 -9.98 -13.75 4.55
C MET C 473 -10.92 -13.67 5.76
N LEU C 474 -12.21 -13.44 5.52
CA LEU C 474 -13.16 -13.34 6.62
C LEU C 474 -13.28 -14.68 7.35
N GLU C 475 -13.23 -15.79 6.60
CA GLU C 475 -13.28 -17.11 7.22
C GLU C 475 -12.05 -17.37 8.08
N HIS C 476 -10.86 -16.99 7.61
CA HIS C 476 -9.66 -17.08 8.46
C HIS C 476 -9.83 -16.29 9.75
N LEU C 477 -10.36 -15.07 9.65
CA LEU C 477 -10.56 -14.27 10.86
CA LEU C 477 -10.54 -14.28 10.86
C LEU C 477 -11.60 -14.90 11.78
N ALA C 478 -12.65 -15.46 11.19
CA ALA C 478 -13.65 -16.14 12.00
C ALA C 478 -13.04 -17.34 12.73
N SER C 479 -12.10 -18.03 12.09
CA SER C 479 -11.48 -19.17 12.76
C SER C 479 -10.64 -18.74 13.95
N LYS C 480 -10.20 -17.48 13.98
CA LYS C 480 -9.57 -16.88 15.14
C LYS C 480 -10.56 -16.14 16.03
N ARG C 481 -11.86 -16.23 15.72
CA ARG C 481 -12.91 -15.57 16.49
C ARG C 481 -12.70 -14.06 16.54
N ARG C 482 -12.34 -13.48 15.39
CA ARG C 482 -12.18 -12.04 15.24
C ARG C 482 -13.08 -11.54 14.13
N LYS C 483 -13.26 -10.22 14.10
CA LYS C 483 -14.09 -9.54 13.13
C LYS C 483 -13.24 -8.64 12.25
N LEU C 484 -13.87 -8.11 11.21
CA LEU C 484 -13.28 -7.12 10.33
C LEU C 484 -14.28 -5.97 10.13
N VAL C 485 -13.76 -4.76 10.00
CA VAL C 485 -14.55 -3.58 9.63
C VAL C 485 -14.05 -3.06 8.30
N ALA C 486 -14.97 -2.84 7.36
CA ALA C 486 -14.65 -2.25 6.06
C ALA C 486 -15.25 -0.86 5.96
N ILE C 487 -14.51 0.06 5.35
CA ILE C 487 -15.01 1.42 5.20
C ILE C 487 -15.97 1.49 4.01
N VAL C 488 -17.07 2.20 4.18
CA VAL C 488 -18.05 2.49 3.13
C VAL C 488 -18.45 3.95 3.32
N ASP C 489 -18.03 4.84 2.38
CA ASP C 489 -18.31 6.26 2.46
C ASP C 489 -19.52 6.62 1.62
N PRO C 490 -20.18 7.75 1.91
CA PRO C 490 -21.39 8.13 1.17
C PRO C 490 -21.14 8.82 -0.15
N HIS C 491 -19.93 8.84 -0.71
CA HIS C 491 -19.70 9.39 -2.04
C HIS C 491 -19.48 8.27 -3.04
N ILE C 492 -20.10 8.37 -4.21
CA ILE C 492 -20.15 7.29 -5.20
C ILE C 492 -19.43 7.75 -6.47
N LYS C 493 -18.40 6.99 -6.88
CA LYS C 493 -17.60 7.38 -8.04
C LYS C 493 -18.45 7.49 -9.30
N VAL C 494 -18.32 8.62 -10.00
CA VAL C 494 -19.03 8.78 -11.27
C VAL C 494 -18.38 7.91 -12.34
N ASP C 495 -19.01 6.78 -12.66
CA ASP C 495 -18.36 5.74 -13.44
C ASP C 495 -19.44 4.80 -13.98
N SER C 496 -19.64 4.81 -15.30
CA SER C 496 -20.71 4.02 -15.89
C SER C 496 -20.48 2.52 -15.79
N GLY C 497 -19.26 2.08 -15.46
CA GLY C 497 -19.06 0.67 -15.20
C GLY C 497 -19.30 0.25 -13.78
N TYR C 498 -19.63 1.19 -12.89
CA TYR C 498 -19.79 0.96 -11.46
C TYR C 498 -21.30 0.81 -11.20
N ARG C 499 -21.73 -0.40 -10.87
CA ARG C 499 -23.16 -0.67 -10.82
C ARG C 499 -23.87 0.17 -9.76
N VAL C 500 -23.22 0.43 -8.62
CA VAL C 500 -23.83 1.28 -7.61
C VAL C 500 -24.15 2.65 -8.21
N HIS C 501 -23.18 3.24 -8.91
CA HIS C 501 -23.44 4.54 -9.53
C HIS C 501 -24.58 4.46 -10.53
N GLU C 502 -24.58 3.42 -11.37
CA GLU C 502 -25.61 3.35 -12.40
C GLU C 502 -26.99 3.15 -11.79
N GLU C 503 -27.08 2.35 -10.72
CA GLU C 503 -28.37 2.13 -10.05
C GLU C 503 -28.90 3.43 -9.47
N LEU C 504 -28.06 4.16 -8.74
CA LEU C 504 -28.51 5.39 -8.08
C LEU C 504 -28.85 6.47 -9.10
N ARG C 505 -28.09 6.53 -10.19
CA ARG C 505 -28.37 7.49 -11.25
C ARG C 505 -29.70 7.16 -11.93
N ASN C 506 -29.90 5.88 -12.25
CA ASN C 506 -31.12 5.49 -12.97
C ASN C 506 -32.35 5.67 -12.11
N HIS C 507 -32.24 5.50 -10.80
CA HIS C 507 -33.39 5.62 -9.91
C HIS C 507 -33.54 7.02 -9.33
N GLY C 508 -32.71 7.97 -9.75
CA GLY C 508 -32.85 9.34 -9.28
C GLY C 508 -32.64 9.51 -7.80
N LEU C 509 -31.72 8.76 -7.20
CA LEU C 509 -31.53 8.79 -5.75
C LEU C 509 -30.37 9.67 -5.33
N TYR C 510 -29.81 10.45 -6.24
CA TYR C 510 -28.71 11.35 -5.94
C TYR C 510 -29.21 12.73 -5.52
N VAL C 511 -28.42 13.39 -4.66
CA VAL C 511 -28.60 14.82 -4.41
C VAL C 511 -28.55 15.58 -5.73
N LYS C 512 -29.37 16.63 -5.84
CA LYS C 512 -29.56 17.36 -7.09
C LYS C 512 -29.02 18.79 -7.01
N THR C 513 -28.76 19.36 -8.18
CA THR C 513 -28.52 20.79 -8.32
C THR C 513 -29.77 21.47 -8.88
N ARG C 514 -29.75 22.81 -8.87
CA ARG C 514 -30.94 23.55 -9.28
C ARG C 514 -31.33 23.31 -10.74
N ASP C 515 -30.39 22.90 -11.60
CA ASP C 515 -30.75 22.61 -12.99
C ASP C 515 -31.25 21.19 -13.21
N GLY C 516 -31.43 20.40 -12.15
CA GLY C 516 -32.03 19.09 -12.26
C GLY C 516 -31.07 17.94 -12.52
N SER C 517 -29.78 18.19 -12.65
CA SER C 517 -28.82 17.12 -12.82
C SER C 517 -28.26 16.69 -11.45
N ASP C 518 -27.65 15.51 -11.41
CA ASP C 518 -27.11 15.01 -10.16
C ASP C 518 -25.88 15.80 -9.75
N TYR C 519 -25.80 16.15 -8.47
CA TYR C 519 -24.65 16.88 -7.97
C TYR C 519 -23.37 16.05 -8.13
N GLU C 520 -22.30 16.69 -8.58
CA GLU C 520 -21.00 16.04 -8.70
C GLU C 520 -19.94 16.90 -8.03
N GLY C 521 -19.21 16.30 -7.11
CA GLY C 521 -18.09 16.97 -6.47
C GLY C 521 -16.86 16.08 -6.53
N TRP C 522 -15.82 16.43 -5.79
CA TRP C 522 -14.55 15.72 -5.82
C TRP C 522 -14.29 15.09 -4.46
N CYS C 523 -13.98 13.80 -4.45
CA CYS C 523 -13.57 13.13 -3.22
C CYS C 523 -12.58 12.03 -3.61
N TRP C 524 -12.41 11.03 -2.73
CA TRP C 524 -11.37 10.02 -2.94
C TRP C 524 -11.38 9.36 -4.32
N PRO C 525 -12.51 8.97 -4.90
CA PRO C 525 -12.45 8.35 -6.24
C PRO C 525 -12.38 9.35 -7.38
N GLY C 526 -12.05 10.60 -7.10
CA GLY C 526 -12.15 11.65 -8.09
C GLY C 526 -13.56 12.22 -8.14
N SER C 527 -14.11 12.39 -9.34
CA SER C 527 -15.45 12.91 -9.48
CA SER C 527 -15.46 12.92 -9.47
C SER C 527 -16.45 11.93 -8.87
N ALA C 528 -17.34 12.43 -8.02
CA ALA C 528 -18.26 11.57 -7.30
C ALA C 528 -19.58 12.28 -7.07
N SER C 529 -20.65 11.50 -6.99
CA SER C 529 -21.97 12.00 -6.65
C SER C 529 -22.36 11.50 -5.26
N TYR C 530 -23.39 12.13 -4.71
CA TYR C 530 -23.73 11.97 -3.29
C TYR C 530 -25.16 11.47 -3.18
N PRO C 531 -25.38 10.25 -2.69
CA PRO C 531 -26.75 9.78 -2.50
C PRO C 531 -27.49 10.67 -1.52
N ASP C 532 -28.79 10.84 -1.76
CA ASP C 532 -29.62 11.69 -0.92
C ASP C 532 -30.15 10.85 0.23
N PHE C 533 -29.35 10.74 1.29
CA PHE C 533 -29.76 9.94 2.43
C PHE C 533 -30.94 10.56 3.20
N THR C 534 -31.33 11.81 2.92
CA THR C 534 -32.57 12.29 3.52
C THR C 534 -33.81 11.66 2.88
N ASN C 535 -33.65 11.02 1.72
CA ASN C 535 -34.76 10.38 1.02
C ASN C 535 -34.98 8.97 1.57
N PRO C 536 -36.16 8.66 2.12
CA PRO C 536 -36.36 7.31 2.68
C PRO C 536 -36.18 6.20 1.67
N ARG C 537 -36.44 6.45 0.39
CA ARG C 537 -36.23 5.41 -0.61
C ARG C 537 -34.74 5.15 -0.79
N MET C 538 -33.91 6.18 -0.65
CA MET C 538 -32.47 5.99 -0.76
CA MET C 538 -32.47 5.99 -0.76
C MET C 538 -31.92 5.23 0.45
N ARG C 539 -32.40 5.56 1.66
CA ARG C 539 -31.99 4.80 2.84
C ARG C 539 -32.39 3.34 2.72
N ALA C 540 -33.57 3.07 2.15
CA ALA C 540 -33.98 1.69 1.96
C ALA C 540 -33.08 0.97 0.96
N TRP C 541 -32.67 1.68 -0.09
CA TRP C 541 -31.75 1.10 -1.07
C TRP C 541 -30.40 0.79 -0.44
N TRP C 542 -29.86 1.73 0.35
CA TRP C 542 -28.58 1.56 1.02
C TRP C 542 -28.60 0.37 1.97
N SER C 543 -29.66 0.28 2.78
CA SER C 543 -29.76 -0.84 3.72
CA SER C 543 -29.79 -0.83 3.72
C SER C 543 -29.80 -2.16 2.97
N ASN C 544 -30.60 -2.25 1.92
CA ASN C 544 -30.66 -3.49 1.15
C ASN C 544 -29.33 -3.81 0.44
N MET C 545 -28.50 -2.79 0.18
CA MET C 545 -27.20 -3.05 -0.45
C MET C 545 -26.29 -3.87 0.45
N PHE C 546 -26.53 -3.90 1.76
CA PHE C 546 -25.70 -4.69 2.66
C PHE C 546 -26.12 -6.14 2.77
N SER C 547 -27.11 -6.60 1.99
CA SER C 547 -27.38 -8.03 1.99
C SER C 547 -26.16 -8.79 1.45
N PHE C 548 -26.00 -10.03 1.92
CA PHE C 548 -24.85 -10.82 1.50
C PHE C 548 -24.87 -11.12 0.01
N ASP C 549 -26.04 -11.03 -0.62
CA ASP C 549 -26.15 -11.19 -2.08
C ASP C 549 -25.73 -9.93 -2.82
N ASN C 550 -25.99 -8.74 -2.26
CA ASN C 550 -25.63 -7.51 -2.96
C ASN C 550 -24.21 -7.07 -2.66
N TYR C 551 -23.79 -7.12 -1.39
CA TYR C 551 -22.43 -6.77 -1.00
C TYR C 551 -21.58 -8.03 -1.10
N GLU C 552 -21.22 -8.37 -2.34
CA GLU C 552 -20.48 -9.59 -2.58
C GLU C 552 -19.14 -9.56 -1.87
N GLY C 553 -18.79 -10.69 -1.24
CA GLY C 553 -17.59 -10.80 -0.46
C GLY C 553 -17.75 -10.47 1.03
N SER C 554 -18.92 -10.02 1.46
CA SER C 554 -19.17 -9.74 2.87
C SER C 554 -19.69 -11.00 3.58
N ALA C 555 -19.63 -10.96 4.92
CA ALA C 555 -19.97 -12.10 5.76
C ALA C 555 -20.39 -11.57 7.13
N PRO C 556 -20.99 -12.42 7.99
CA PRO C 556 -21.50 -11.92 9.27
C PRO C 556 -20.46 -11.33 10.19
N ASN C 557 -19.17 -11.63 10.00
CA ASN C 557 -18.16 -11.01 10.84
C ASN C 557 -17.52 -9.78 10.18
N LEU C 558 -18.16 -9.23 9.13
CA LEU C 558 -17.75 -7.96 8.54
CA LEU C 558 -17.76 -7.96 8.53
C LEU C 558 -18.68 -6.86 9.01
N TYR C 559 -18.14 -5.83 9.63
CA TYR C 559 -18.89 -4.67 10.09
C TYR C 559 -18.37 -3.43 9.36
N VAL C 560 -18.95 -2.26 9.65
CA VAL C 560 -18.84 -1.14 8.72
C VAL C 560 -18.41 0.14 9.41
N TRP C 561 -17.70 0.97 8.65
CA TRP C 561 -17.21 2.28 9.07
C TRP C 561 -17.68 3.31 8.04
N ASN C 562 -18.53 4.25 8.46
CA ASN C 562 -18.96 5.37 7.61
C ASN C 562 -18.08 6.58 7.88
N ASP C 563 -17.37 7.05 6.87
CA ASP C 563 -16.49 8.20 7.00
C ASP C 563 -16.90 9.29 6.02
N MET C 564 -16.39 10.51 6.21
CA MET C 564 -16.60 11.60 5.25
C MET C 564 -18.08 11.93 5.07
N ASN C 565 -18.92 11.67 6.08
CA ASN C 565 -20.37 11.81 5.90
C ASN C 565 -20.91 13.15 6.40
N GLU C 566 -20.08 14.18 6.44
CA GLU C 566 -20.55 15.53 6.77
C GLU C 566 -21.62 16.08 5.81
N PRO C 567 -21.54 15.90 4.47
CA PRO C 567 -20.60 15.20 3.61
C PRO C 567 -19.37 15.99 3.26
N SER C 568 -18.25 15.29 3.09
CA SER C 568 -17.01 15.93 2.67
C SER C 568 -16.98 16.03 1.15
N VAL C 569 -16.68 17.23 0.64
CA VAL C 569 -16.60 17.53 -0.77
C VAL C 569 -15.35 18.38 -0.95
N PHE C 570 -14.31 17.81 -1.60
CA PHE C 570 -12.99 18.45 -1.60
C PHE C 570 -12.99 19.81 -2.30
N ASN C 571 -13.79 19.97 -3.34
CA ASN C 571 -13.87 21.26 -4.05
C ASN C 571 -15.11 22.05 -3.67
N GLY C 572 -15.74 21.73 -2.54
CA GLY C 572 -16.94 22.42 -2.12
C GLY C 572 -16.62 23.54 -1.16
N PRO C 573 -17.58 24.44 -0.94
CA PRO C 573 -17.36 25.51 0.04
C PRO C 573 -17.19 24.92 1.43
N GLU C 574 -16.11 25.33 2.10
CA GLU C 574 -15.75 24.80 3.42
C GLU C 574 -15.60 23.28 3.38
N VAL C 575 -15.21 22.74 2.22
CA VAL C 575 -14.98 21.32 2.00
C VAL C 575 -16.26 20.52 2.23
N THR C 576 -17.42 21.12 1.94
CA THR C 576 -18.69 20.38 2.04
C THR C 576 -19.59 20.78 0.87
N MET C 577 -20.83 20.31 0.93
CA MET C 577 -21.81 20.45 -0.14
CA MET C 577 -21.78 20.46 -0.16
C MET C 577 -22.32 21.90 -0.25
N LEU C 578 -22.63 22.31 -1.48
CA LEU C 578 -23.22 23.62 -1.71
C LEU C 578 -24.52 23.80 -0.95
N LYS C 579 -24.69 25.00 -0.36
CA LYS C 579 -25.91 25.30 0.39
C LYS C 579 -27.15 25.16 -0.47
N ASP C 580 -27.06 25.44 -1.77
CA ASP C 580 -28.24 25.45 -2.64
C ASP C 580 -28.39 24.19 -3.46
N ALA C 581 -27.66 23.12 -3.11
CA ALA C 581 -28.04 21.80 -3.62
C ALA C 581 -29.42 21.42 -3.06
N VAL C 582 -30.07 20.48 -3.75
CA VAL C 582 -31.47 20.18 -3.53
C VAL C 582 -31.66 18.72 -3.15
N HIS C 583 -32.50 18.47 -2.15
CA HIS C 583 -32.78 17.16 -1.58
C HIS C 583 -34.25 16.78 -1.74
N TYR C 584 -34.56 15.58 -1.24
CA TYR C 584 -35.92 15.04 -1.17
C TYR C 584 -36.91 16.06 -0.63
N GLY C 585 -38.09 16.11 -1.25
CA GLY C 585 -39.09 17.08 -0.86
C GLY C 585 -38.78 18.52 -1.25
N GLY C 586 -37.74 18.73 -2.06
CA GLY C 586 -37.36 20.06 -2.48
C GLY C 586 -36.57 20.85 -1.49
N TRP C 587 -36.30 20.30 -0.30
CA TRP C 587 -35.53 21.04 0.69
C TRP C 587 -34.12 21.28 0.19
N GLU C 588 -33.56 22.42 0.59
CA GLU C 588 -32.19 22.76 0.25
C GLU C 588 -31.22 22.08 1.21
N HIS C 589 -29.97 21.99 0.77
CA HIS C 589 -28.95 21.38 1.63
C HIS C 589 -28.75 22.20 2.90
N ARG C 590 -28.91 23.53 2.81
CA ARG C 590 -28.82 24.37 4.00
C ARG C 590 -29.85 23.97 5.05
N ASP C 591 -31.00 23.43 4.63
CA ASP C 591 -32.06 23.05 5.56
C ASP C 591 -31.72 21.79 6.35
N ILE C 592 -30.99 20.85 5.73
CA ILE C 592 -30.87 19.50 6.24
C ILE C 592 -29.45 19.13 6.66
N HIS C 593 -28.48 20.04 6.50
CA HIS C 593 -27.06 19.65 6.50
C HIS C 593 -26.67 18.75 7.67
N ASN C 594 -27.03 19.14 8.89
CA ASN C 594 -26.48 18.47 10.07
C ASN C 594 -27.09 17.10 10.34
N ILE C 595 -28.12 16.66 9.60
CA ILE C 595 -28.62 15.30 9.76
C ILE C 595 -28.26 14.39 8.58
N TYR C 596 -27.56 14.90 7.57
CA TYR C 596 -27.12 14.04 6.47
C TYR C 596 -26.28 12.87 6.97
N GLY C 597 -25.26 13.15 7.78
CA GLY C 597 -24.42 12.09 8.30
C GLY C 597 -25.19 11.11 9.17
N LEU C 598 -26.09 11.62 10.01
CA LEU C 598 -26.92 10.74 10.83
C LEU C 598 -27.69 9.75 9.98
N TYR C 599 -28.24 10.22 8.86
CA TYR C 599 -28.98 9.35 7.97
C TYR C 599 -28.08 8.27 7.37
N VAL C 600 -26.82 8.61 7.06
CA VAL C 600 -25.88 7.58 6.58
C VAL C 600 -25.70 6.51 7.65
N HIS C 601 -25.41 6.95 8.87
CA HIS C 601 -25.23 6.06 10.02
C HIS C 601 -26.43 5.15 10.20
N MET C 602 -27.63 5.74 10.15
CA MET C 602 -28.88 4.99 10.36
C MET C 602 -29.07 3.94 9.29
N ALA C 603 -28.93 4.33 8.03
CA ALA C 603 -29.18 3.39 6.95
C ALA C 603 -28.14 2.27 6.95
N THR C 604 -26.89 2.58 7.31
CA THR C 604 -25.89 1.50 7.40
C THR C 604 -26.23 0.53 8.53
N ALA C 605 -26.54 1.06 9.72
CA ALA C 605 -26.89 0.18 10.83
C ALA C 605 -28.11 -0.68 10.49
N ASP C 606 -29.14 -0.08 9.87
CA ASP C 606 -30.30 -0.87 9.45
C ASP C 606 -29.89 -1.93 8.42
N GLY C 607 -28.90 -1.64 7.58
CA GLY C 607 -28.43 -2.65 6.64
C GLY C 607 -27.84 -3.85 7.32
N LEU C 608 -27.01 -3.62 8.33
CA LEU C 608 -26.41 -4.76 9.03
C LEU C 608 -27.46 -5.56 9.82
N ILE C 609 -28.51 -4.91 10.31
CA ILE C 609 -29.58 -5.66 10.96
C ILE C 609 -30.35 -6.50 9.94
N GLN C 610 -30.76 -5.86 8.84
CA GLN C 610 -31.60 -6.53 7.83
C GLN C 610 -30.89 -7.72 7.21
N ARG C 611 -29.59 -7.61 6.94
CA ARG C 611 -28.89 -8.69 6.26
C ARG C 611 -28.91 -9.98 7.06
N SER C 612 -29.13 -9.91 8.37
CA SER C 612 -29.15 -11.07 9.25
C SER C 612 -30.56 -11.59 9.49
N GLY C 613 -31.56 -11.02 8.83
CA GLY C 613 -32.95 -11.34 9.13
C GLY C 613 -33.46 -10.67 10.37
N GLY C 614 -32.85 -9.56 10.78
CA GLY C 614 -33.29 -8.85 11.97
C GLY C 614 -32.75 -9.36 13.28
N ILE C 615 -31.76 -10.25 13.26
CA ILE C 615 -31.29 -10.91 14.48
C ILE C 615 -30.03 -10.26 15.04
N GLU C 616 -29.08 -9.90 14.19
CA GLU C 616 -27.76 -9.48 14.66
C GLU C 616 -27.75 -7.99 14.98
N ARG C 617 -27.11 -7.63 16.09
CA ARG C 617 -26.91 -6.23 16.39
C ARG C 617 -25.84 -5.65 15.46
N PRO C 618 -25.98 -4.40 15.04
CA PRO C 618 -24.98 -3.79 14.16
C PRO C 618 -23.79 -3.27 14.95
N PHE C 619 -22.71 -2.98 14.22
CA PHE C 619 -21.68 -2.06 14.67
C PHE C 619 -21.29 -1.19 13.50
N VAL C 620 -21.48 0.12 13.66
CA VAL C 620 -21.13 1.12 12.65
C VAL C 620 -20.46 2.28 13.37
N LEU C 621 -19.25 2.62 12.93
CA LEU C 621 -18.58 3.85 13.34
C LEU C 621 -18.90 4.95 12.32
N SER C 622 -19.22 6.15 12.83
CA SER C 622 -19.55 7.28 11.98
C SER C 622 -18.75 8.49 12.39
N ARG C 623 -18.34 9.31 11.41
CA ARG C 623 -17.59 10.52 11.77
C ARG C 623 -18.50 11.69 12.09
N ALA C 624 -19.50 11.93 11.23
CA ALA C 624 -20.47 13.00 11.44
C ALA C 624 -21.65 12.44 12.23
N PHE C 625 -22.32 13.32 12.97
CA PHE C 625 -23.42 12.90 13.82
C PHE C 625 -24.30 14.10 14.17
N PHE C 626 -25.44 13.78 14.79
CA PHE C 626 -26.43 14.77 15.22
C PHE C 626 -27.15 14.18 16.43
N SER C 627 -28.05 14.97 17.04
CA SER C 627 -28.97 14.44 18.05
C SER C 627 -29.64 13.19 17.53
N GLY C 628 -29.62 12.14 18.33
CA GLY C 628 -30.19 10.87 17.92
C GLY C 628 -29.18 9.88 17.35
N SER C 629 -27.95 10.32 17.05
CA SER C 629 -26.95 9.41 16.50
C SER C 629 -26.58 8.30 17.47
N GLN C 630 -26.80 8.50 18.76
CA GLN C 630 -26.53 7.43 19.72
C GLN C 630 -27.31 6.16 19.41
N ARG C 631 -28.44 6.28 18.69
CA ARG C 631 -29.28 5.14 18.29
CA ARG C 631 -29.22 5.08 18.40
C ARG C 631 -28.55 4.15 17.39
N PHE C 632 -27.47 4.57 16.72
CA PHE C 632 -26.97 3.78 15.61
C PHE C 632 -25.54 3.27 15.76
N GLY C 633 -24.84 3.59 16.83
CA GLY C 633 -23.54 3.00 17.06
C GLY C 633 -22.51 3.93 17.66
N ALA C 634 -21.33 4.01 17.04
CA ALA C 634 -20.21 4.71 17.64
C ALA C 634 -19.81 5.91 16.80
N VAL C 635 -19.07 6.81 17.43
CA VAL C 635 -18.45 7.95 16.74
C VAL C 635 -17.03 8.09 17.29
N TRP C 636 -16.19 8.81 16.55
CA TRP C 636 -14.85 9.14 17.03
C TRP C 636 -14.56 10.57 16.61
N THR C 637 -13.51 11.15 17.20
CA THR C 637 -13.24 12.58 17.06
C THR C 637 -12.38 12.92 15.83
N GLY C 638 -12.37 12.07 14.81
CA GLY C 638 -11.77 12.43 13.54
C GLY C 638 -10.26 12.42 13.54
N ASP C 639 -9.67 13.31 12.74
CA ASP C 639 -8.23 13.26 12.46
C ASP C 639 -7.50 14.10 13.49
N ASN C 640 -7.17 13.47 14.61
CA ASN C 640 -6.33 14.11 15.62
C ASN C 640 -4.88 13.95 15.20
N THR C 641 -3.94 14.35 16.06
CA THR C 641 -2.53 14.41 15.72
C THR C 641 -1.74 13.74 16.84
N ALA C 642 -0.63 13.09 16.47
CA ALA C 642 0.20 12.39 17.44
C ALA C 642 0.99 13.34 18.34
N GLU C 643 0.29 14.06 19.22
CA GLU C 643 0.93 15.01 20.12
C GLU C 643 0.25 14.93 21.49
N TRP C 644 1.00 15.32 22.53
CA TRP C 644 0.53 15.13 23.91
C TRP C 644 -0.75 15.90 24.17
N ASP C 645 -0.87 17.11 23.61
CA ASP C 645 -2.08 17.91 23.87
CA ASP C 645 -2.07 17.92 23.85
C ASP C 645 -3.31 17.33 23.19
N HIS C 646 -3.12 16.59 22.09
CA HIS C 646 -4.24 15.86 21.50
C HIS C 646 -4.61 14.65 22.36
N LEU C 647 -3.62 14.03 23.00
CA LEU C 647 -3.95 12.97 23.97
C LEU C 647 -4.81 13.54 25.09
N LYS C 648 -4.42 14.70 25.63
CA LYS C 648 -5.16 15.33 26.71
C LYS C 648 -6.59 15.66 26.31
N ILE C 649 -6.79 16.18 25.09
CA ILE C 649 -8.11 16.69 24.75
C ILE C 649 -9.11 15.58 24.46
N SER C 650 -8.67 14.34 24.33
CA SER C 650 -9.63 13.27 24.10
C SER C 650 -10.63 13.15 25.25
N ILE C 651 -10.21 13.46 26.47
CA ILE C 651 -11.12 13.37 27.60
C ILE C 651 -12.23 14.42 27.48
N PRO C 652 -11.93 15.73 27.40
CA PRO C 652 -13.06 16.68 27.31
C PRO C 652 -13.91 16.50 26.07
N MET C 653 -13.33 16.09 24.94
CA MET C 653 -14.14 15.89 23.74
C MET C 653 -15.13 14.72 23.93
N CYS C 654 -14.65 13.57 24.42
CA CYS C 654 -15.60 12.48 24.60
C CYS C 654 -16.54 12.74 25.79
N LEU C 655 -16.09 13.49 26.81
CA LEU C 655 -17.00 13.87 27.88
C LEU C 655 -18.13 14.77 27.37
N SER C 656 -17.80 15.72 26.48
CA SER C 656 -18.86 16.57 25.95
C SER C 656 -19.86 15.77 25.12
N LEU C 657 -19.39 14.69 24.49
CA LEU C 657 -20.31 13.83 23.75
C LEU C 657 -21.16 12.97 24.71
N ALA C 658 -20.54 12.45 25.77
CA ALA C 658 -21.27 11.64 26.75
C ALA C 658 -22.44 12.41 27.34
N LEU C 659 -22.23 13.70 27.65
CA LEU C 659 -23.27 14.50 28.29
C LEU C 659 -24.50 14.67 27.42
N VAL C 660 -24.36 14.55 26.09
CA VAL C 660 -25.51 14.72 25.20
C VAL C 660 -25.91 13.38 24.58
N GLY C 661 -25.60 12.29 25.27
CA GLY C 661 -26.18 11.00 24.93
C GLY C 661 -25.31 10.10 24.06
N LEU C 662 -24.18 10.59 23.56
CA LEU C 662 -23.31 9.80 22.68
C LEU C 662 -22.21 9.15 23.53
N SER C 663 -22.53 7.99 24.12
CA SER C 663 -21.63 7.33 25.05
C SER C 663 -20.53 6.52 24.38
N PHE C 664 -20.68 6.20 23.08
CA PHE C 664 -19.77 5.28 22.40
C PHE C 664 -18.78 6.14 21.61
N CYS C 665 -17.82 6.73 22.33
CA CYS C 665 -16.94 7.75 21.79
C CYS C 665 -15.48 7.36 22.03
N GLY C 666 -14.61 7.82 21.14
CA GLY C 666 -13.17 7.57 21.31
C GLY C 666 -12.38 8.46 20.38
N ALA C 667 -11.06 8.38 20.51
CA ALA C 667 -10.12 9.10 19.65
C ALA C 667 -9.07 8.13 19.14
N ASP C 668 -8.51 8.44 17.96
CA ASP C 668 -7.50 7.56 17.36
C ASP C 668 -6.33 7.37 18.32
N VAL C 669 -6.12 6.13 18.74
CA VAL C 669 -5.04 5.84 19.68
C VAL C 669 -3.70 5.98 18.97
N GLY C 670 -2.85 6.86 19.50
CA GLY C 670 -1.60 7.20 18.87
C GLY C 670 -1.62 8.45 18.02
N GLY C 671 -2.81 8.95 17.67
CA GLY C 671 -2.95 10.08 16.76
C GLY C 671 -2.99 9.67 15.30
N PHE C 672 -3.86 10.33 14.51
CA PHE C 672 -3.96 10.01 13.09
C PHE C 672 -2.76 10.57 12.33
N PHE C 673 -2.50 11.86 12.45
CA PHE C 673 -1.37 12.50 11.78
C PHE C 673 -0.07 12.28 12.56
N LYS C 674 1.02 12.09 11.82
CA LYS C 674 2.38 12.08 12.35
C LYS C 674 2.69 10.80 13.11
N ASN C 675 3.94 10.68 13.57
CA ASN C 675 4.44 9.49 14.22
C ASN C 675 4.63 9.76 15.70
N PRO C 676 3.95 9.04 16.59
CA PRO C 676 4.11 9.30 18.03
C PRO C 676 5.42 8.68 18.55
N GLU C 677 6.07 9.40 19.46
CA GLU C 677 7.19 8.81 20.19
C GLU C 677 6.68 7.62 21.00
N PRO C 678 7.53 6.63 21.26
CA PRO C 678 7.03 5.40 21.91
C PRO C 678 6.37 5.66 23.25
N GLU C 679 6.86 6.63 24.04
CA GLU C 679 6.23 6.91 25.32
C GLU C 679 4.82 7.47 25.15
N LEU C 680 4.62 8.33 24.15
CA LEU C 680 3.28 8.87 23.92
C LEU C 680 2.33 7.75 23.51
N LEU C 681 2.79 6.85 22.64
CA LEU C 681 1.94 5.75 22.20
C LEU C 681 1.52 4.88 23.37
N VAL C 682 2.45 4.60 24.29
CA VAL C 682 2.11 3.85 25.50
C VAL C 682 1.04 4.58 26.30
N ARG C 683 1.26 5.87 26.56
CA ARG C 683 0.27 6.64 27.30
C ARG C 683 -1.06 6.70 26.59
N TRP C 684 -1.05 6.68 25.25
CA TRP C 684 -2.31 6.72 24.51
C TRP C 684 -3.03 5.39 24.59
N TYR C 685 -2.27 4.29 24.59
CA TYR C 685 -2.91 3.00 24.82
C TYR C 685 -3.56 2.95 26.19
N GLN C 686 -2.90 3.52 27.21
CA GLN C 686 -3.47 3.48 28.55
C GLN C 686 -4.71 4.36 28.65
N MET C 687 -4.67 5.55 28.02
CA MET C 687 -5.85 6.41 27.93
C MET C 687 -6.99 5.72 27.19
N GLY C 688 -6.70 5.19 25.99
CA GLY C 688 -7.75 4.58 25.20
C GLY C 688 -8.34 3.33 25.81
N ALA C 689 -7.53 2.58 26.58
CA ALA C 689 -8.02 1.39 27.26
C ALA C 689 -9.17 1.70 28.22
N TYR C 690 -9.26 2.94 28.68
CA TYR C 690 -10.32 3.33 29.60
C TYR C 690 -11.31 4.31 28.97
N GLN C 691 -11.37 4.34 27.63
CA GLN C 691 -12.37 5.12 26.91
C GLN C 691 -13.27 4.20 26.09
N PRO C 692 -14.51 4.62 25.80
CA PRO C 692 -15.52 3.66 25.28
C PRO C 692 -15.15 2.99 23.96
N PHE C 693 -14.81 3.75 22.92
CA PHE C 693 -14.40 3.21 21.63
C PHE C 693 -12.88 3.24 21.55
N PHE C 694 -12.28 2.05 21.41
CA PHE C 694 -10.86 1.83 21.64
C PHE C 694 -10.21 1.36 20.33
N ARG C 695 -9.76 2.30 19.50
CA ARG C 695 -9.19 1.98 18.20
C ARG C 695 -7.89 2.73 17.96
N ALA C 696 -6.83 1.99 17.61
CA ALA C 696 -5.61 2.60 17.09
C ALA C 696 -5.75 2.79 15.58
N HIS C 697 -5.34 3.95 15.08
CA HIS C 697 -5.47 4.28 13.66
C HIS C 697 -4.36 5.27 13.28
N ALA C 698 -4.09 5.37 11.97
CA ALA C 698 -2.92 6.12 11.51
C ALA C 698 -3.05 6.50 10.04
N HIS C 699 -2.40 7.60 9.69
CA HIS C 699 -2.38 8.16 8.33
C HIS C 699 -1.53 7.29 7.39
N LEU C 700 -1.85 7.38 6.09
CA LEU C 700 -1.18 6.56 5.07
C LEU C 700 0.35 6.66 5.11
N ASP C 701 0.89 7.83 5.43
CA ASP C 701 2.33 8.06 5.34
C ASP C 701 3.04 7.90 6.67
N THR C 702 2.33 7.45 7.72
CA THR C 702 2.97 7.16 9.00
C THR C 702 3.69 5.82 8.96
N GLY C 703 4.68 5.68 9.83
CA GLY C 703 5.27 4.38 10.05
C GLY C 703 4.30 3.41 10.70
N ARG C 704 4.48 2.13 10.41
CA ARG C 704 3.67 1.08 11.01
C ARG C 704 3.84 1.07 12.52
N ARG C 705 2.72 1.01 13.24
CA ARG C 705 2.86 1.02 14.69
C ARG C 705 1.90 0.02 15.35
N GLU C 706 1.76 -1.15 14.75
CA GLU C 706 1.17 -2.27 15.50
C GLU C 706 1.96 -2.44 16.79
N PRO C 707 1.30 -2.71 17.92
CA PRO C 707 1.95 -2.50 19.22
C PRO C 707 3.13 -3.40 19.51
N TRP C 708 3.26 -4.54 18.82
CA TRP C 708 4.43 -5.39 19.06
C TRP C 708 5.68 -4.91 18.33
N LEU C 709 5.60 -3.82 17.57
CA LEU C 709 6.76 -3.27 16.87
C LEU C 709 7.67 -2.44 17.75
N LEU C 710 7.27 -2.15 18.99
CA LEU C 710 8.05 -1.31 19.88
C LEU C 710 9.05 -2.16 20.67
N ALA C 711 10.02 -1.49 21.28
CA ALA C 711 10.92 -2.16 22.21
C ALA C 711 10.11 -2.78 23.35
N SER C 712 10.73 -3.76 24.01
CA SER C 712 9.97 -4.66 24.88
C SER C 712 9.34 -3.93 26.07
N GLN C 713 10.00 -2.90 26.61
CA GLN C 713 9.42 -2.20 27.75
C GLN C 713 8.13 -1.50 27.36
N TYR C 714 8.07 -0.94 26.15
CA TYR C 714 6.84 -0.32 25.70
C TYR C 714 5.79 -1.36 25.32
N GLN C 715 6.21 -2.47 24.71
CA GLN C 715 5.29 -3.57 24.42
C GLN C 715 4.59 -4.04 25.68
N ASP C 716 5.36 -4.23 26.76
CA ASP C 716 4.81 -4.76 28.00
C ASP C 716 3.80 -3.79 28.62
N ALA C 717 4.09 -2.50 28.58
CA ALA C 717 3.12 -1.55 29.12
C ALA C 717 1.84 -1.54 28.30
N ILE C 718 1.96 -1.62 26.97
CA ILE C 718 0.78 -1.65 26.12
C ILE C 718 0.00 -2.95 26.31
N ARG C 719 0.72 -4.07 26.41
CA ARG C 719 0.07 -5.35 26.70
C ARG C 719 -0.69 -5.29 28.02
N ASP C 720 -0.08 -4.67 29.04
CA ASP C 720 -0.78 -4.54 30.32
CA ASP C 720 -0.77 -4.51 30.33
C ASP C 720 -2.06 -3.73 30.17
N ALA C 721 -2.03 -2.65 29.37
CA ALA C 721 -3.25 -1.86 29.20
C ALA C 721 -4.33 -2.66 28.47
N LEU C 722 -3.94 -3.46 27.48
CA LEU C 722 -4.93 -4.28 26.76
C LEU C 722 -5.56 -5.32 27.70
N PHE C 723 -4.74 -5.95 28.54
CA PHE C 723 -5.26 -6.93 29.49
C PHE C 723 -6.25 -6.29 30.47
N GLN C 724 -5.93 -5.09 30.96
CA GLN C 724 -6.85 -4.40 31.87
C GLN C 724 -8.19 -4.15 31.19
N ARG C 725 -8.18 -3.69 29.95
CA ARG C 725 -9.41 -3.43 29.21
C ARG C 725 -10.21 -4.70 29.01
N TYR C 726 -9.56 -5.78 28.55
CA TYR C 726 -10.28 -7.02 28.30
C TYR C 726 -10.84 -7.59 29.60
N SER C 727 -10.11 -7.46 30.70
CA SER C 727 -10.62 -7.95 31.98
C SER C 727 -11.87 -7.19 32.42
N LEU C 728 -11.97 -5.90 32.07
CA LEU C 728 -13.10 -5.09 32.47
C LEU C 728 -14.27 -5.18 31.51
N LEU C 729 -14.21 -6.03 30.49
CA LEU C 729 -15.32 -6.12 29.54
C LEU C 729 -16.69 -6.35 30.20
N PRO C 730 -16.85 -7.21 31.23
CA PRO C 730 -18.18 -7.32 31.87
C PRO C 730 -18.66 -6.02 32.49
N PHE C 731 -17.73 -5.22 33.03
CA PHE C 731 -18.08 -3.92 33.56
C PHE C 731 -18.50 -2.97 32.44
N TRP C 732 -17.68 -2.86 31.39
CA TRP C 732 -18.04 -2.02 30.25
C TRP C 732 -19.38 -2.41 29.67
N TYR C 733 -19.63 -3.71 29.51
CA TYR C 733 -20.88 -4.17 28.91
C TYR C 733 -22.08 -3.80 29.77
N THR C 734 -21.94 -3.92 31.09
CA THR C 734 -23.05 -3.58 31.98
C THR C 734 -23.32 -2.08 31.97
N LEU C 735 -22.27 -1.26 31.95
CA LEU C 735 -22.46 0.18 31.81
C LEU C 735 -23.18 0.53 30.51
N PHE C 736 -22.87 -0.17 29.42
CA PHE C 736 -23.56 0.12 28.16
C PHE C 736 -25.00 -0.39 28.19
N TYR C 737 -25.27 -1.50 28.89
CA TYR C 737 -26.67 -1.89 29.04
C TYR C 737 -27.44 -0.85 29.85
N GLN C 738 -26.84 -0.32 30.91
CA GLN C 738 -27.52 0.72 31.67
C GLN C 738 -27.71 1.98 30.83
N ALA C 739 -26.70 2.34 30.04
CA ALA C 739 -26.89 3.45 29.10
C ALA C 739 -28.04 3.19 28.15
N HIS C 740 -28.11 1.97 27.61
CA HIS C 740 -29.16 1.61 26.66
C HIS C 740 -30.56 1.64 27.29
N LYS C 741 -30.66 1.24 28.56
CA LYS C 741 -31.98 1.19 29.19
C LYS C 741 -32.41 2.52 29.79
N GLU C 742 -31.47 3.30 30.32
CA GLU C 742 -31.80 4.51 31.09
C GLU C 742 -31.37 5.81 30.44
N GLY C 743 -30.42 5.78 29.50
CA GLY C 743 -29.90 7.01 28.96
C GLY C 743 -28.79 7.63 29.79
N PHE C 744 -28.20 6.88 30.70
CA PHE C 744 -27.11 7.39 31.53
C PHE C 744 -25.78 7.24 30.80
N PRO C 745 -24.93 8.27 30.77
CA PRO C 745 -23.66 8.15 30.06
C PRO C 745 -22.74 7.14 30.71
N VAL C 746 -21.92 6.51 29.87
CA VAL C 746 -20.94 5.56 30.34
C VAL C 746 -19.73 6.27 30.96
N MET C 747 -19.13 7.17 30.20
CA MET C 747 -18.00 7.98 30.65
C MET C 747 -18.52 9.29 31.23
N ARG C 748 -18.08 9.65 32.44
CA ARG C 748 -18.76 10.78 33.11
C ARG C 748 -17.80 11.80 33.67
N PRO C 749 -18.14 13.08 33.59
CA PRO C 749 -17.38 14.09 34.35
C PRO C 749 -17.60 13.87 35.83
N LEU C 750 -16.60 14.23 36.62
CA LEU C 750 -16.73 14.10 38.07
C LEU C 750 -17.93 14.85 38.60
N TRP C 751 -18.26 16.01 38.02
CA TRP C 751 -19.36 16.81 38.57
C TRP C 751 -20.71 16.12 38.40
N VAL C 752 -20.83 15.19 37.46
CA VAL C 752 -22.07 14.44 37.34
C VAL C 752 -22.29 13.57 38.57
N GLN C 753 -21.20 13.01 39.11
CA GLN C 753 -21.28 12.19 40.32
C GLN C 753 -21.16 12.99 41.61
N TYR C 754 -20.63 14.21 41.55
CA TYR C 754 -20.43 15.05 42.74
C TYR C 754 -20.94 16.44 42.41
N PRO C 755 -22.26 16.58 42.22
CA PRO C 755 -22.82 17.84 41.72
C PRO C 755 -22.65 19.01 42.69
N GLU C 756 -22.39 18.75 43.97
CA GLU C 756 -22.23 19.83 44.94
C GLU C 756 -20.78 20.22 45.17
N ASP C 757 -19.83 19.50 44.59
CA ASP C 757 -18.41 19.83 44.74
C ASP C 757 -18.01 20.77 43.61
N MET C 758 -18.02 22.06 43.91
CA MET C 758 -17.77 23.09 42.90
C MET C 758 -16.38 22.97 42.30
N SER C 759 -15.43 22.40 43.03
CA SER C 759 -14.10 22.21 42.50
C SER C 759 -14.04 21.11 41.42
N THR C 760 -15.14 20.41 41.13
CA THR C 760 -15.14 19.42 40.06
C THR C 760 -15.76 19.95 38.77
N PHE C 761 -16.28 21.19 38.76
CA PHE C 761 -17.12 21.63 37.66
C PHE C 761 -16.37 21.80 36.35
N SER C 762 -15.04 21.95 36.38
CA SER C 762 -14.25 22.14 35.17
C SER C 762 -13.24 21.04 34.92
N ILE C 763 -13.16 20.03 35.79
CA ILE C 763 -12.12 19.01 35.70
C ILE C 763 -12.24 18.25 34.39
N GLU C 764 -11.12 18.10 33.68
CA GLU C 764 -11.11 17.36 32.43
C GLU C 764 -9.82 16.58 32.21
N ASP C 765 -8.98 16.42 33.23
CA ASP C 765 -7.87 15.47 33.17
C ASP C 765 -8.17 14.20 33.96
N GLN C 766 -9.44 14.02 34.33
CA GLN C 766 -9.93 12.86 35.06
C GLN C 766 -11.35 12.60 34.60
N PHE C 767 -11.80 11.36 34.75
CA PHE C 767 -13.20 11.04 34.46
C PHE C 767 -13.59 9.81 35.24
N MET C 768 -14.89 9.55 35.28
CA MET C 768 -15.42 8.34 35.89
C MET C 768 -16.00 7.42 34.83
N LEU C 769 -15.98 6.12 35.12
CA LEU C 769 -16.75 5.14 34.38
C LEU C 769 -17.85 4.64 35.29
N GLY C 770 -19.09 4.92 34.92
CA GLY C 770 -20.20 4.68 35.83
C GLY C 770 -19.99 5.48 37.09
N ASP C 771 -20.31 4.87 38.24
CA ASP C 771 -20.03 5.47 39.53
C ASP C 771 -18.88 4.78 40.24
N ALA C 772 -18.21 3.83 39.57
CA ALA C 772 -17.35 2.89 40.26
C ALA C 772 -15.86 3.13 40.11
N LEU C 773 -15.40 3.63 38.95
CA LEU C 773 -13.97 3.78 38.69
C LEU C 773 -13.65 5.23 38.35
N LEU C 774 -12.63 5.77 39.00
CA LEU C 774 -12.10 7.09 38.69
C LEU C 774 -10.75 6.91 38.01
N ILE C 775 -10.57 7.56 36.86
CA ILE C 775 -9.42 7.36 35.99
C ILE C 775 -8.69 8.69 35.86
N HIS C 776 -7.37 8.68 36.07
CA HIS C 776 -6.50 9.83 35.81
C HIS C 776 -5.29 9.36 35.00
N PRO C 777 -5.43 9.25 33.69
CA PRO C 777 -4.31 8.75 32.88
C PRO C 777 -3.14 9.73 32.87
N VAL C 778 -1.93 9.19 32.80
CA VAL C 778 -0.75 10.02 32.64
C VAL C 778 -0.76 10.60 31.24
N SER C 779 -0.62 11.92 31.14
CA SER C 779 -0.66 12.57 29.83
C SER C 779 0.44 13.62 29.68
N ASP C 780 1.61 13.35 30.26
CA ASP C 780 2.78 14.22 30.10
C ASP C 780 4.03 13.36 29.99
N ALA C 781 4.89 13.70 29.02
CA ALA C 781 6.15 12.98 28.84
C ALA C 781 7.04 13.13 30.08
N GLY C 782 7.70 12.03 30.45
CA GLY C 782 8.62 12.05 31.57
C GLY C 782 8.00 12.28 32.93
N ALA C 783 6.68 12.20 33.05
CA ALA C 783 6.03 12.50 34.32
C ALA C 783 6.50 11.55 35.41
N HIS C 784 6.70 12.10 36.62
CA HIS C 784 7.05 11.29 37.78
C HIS C 784 5.86 10.99 38.66
N GLY C 785 4.78 11.74 38.51
CA GLY C 785 3.58 11.50 39.30
C GLY C 785 2.43 12.32 38.75
N VAL C 786 1.24 12.07 39.30
CA VAL C 786 0.04 12.82 38.95
C VAL C 786 -0.64 13.28 40.24
N GLN C 787 -1.43 14.35 40.10
CA GLN C 787 -2.28 14.84 41.17
C GLN C 787 -3.69 14.35 40.91
N VAL C 788 -4.15 13.43 41.74
CA VAL C 788 -5.48 12.85 41.58
C VAL C 788 -6.41 13.51 42.58
N TYR C 789 -7.44 14.16 42.10
CA TYR C 789 -8.47 14.66 43.01
C TYR C 789 -9.48 13.56 43.28
N LEU C 790 -9.54 13.13 44.54
CA LEU C 790 -10.47 12.09 44.97
C LEU C 790 -11.63 12.74 45.69
N PRO C 791 -12.81 12.83 45.09
CA PRO C 791 -13.90 13.61 45.67
C PRO C 791 -14.74 12.83 46.67
N GLY C 792 -15.67 13.54 47.30
CA GLY C 792 -16.69 12.94 48.15
C GLY C 792 -16.39 13.08 49.64
N GLN C 793 -17.21 13.83 50.36
CA GLN C 793 -17.14 13.82 51.81
C GLN C 793 -17.61 12.46 52.31
N GLU C 794 -16.84 11.86 53.24
CA GLU C 794 -17.13 10.53 53.78
C GLU C 794 -17.03 9.43 52.72
N GLU C 795 -16.41 9.71 51.58
CA GLU C 795 -16.17 8.71 50.55
C GLU C 795 -14.79 8.06 50.78
N VAL C 796 -14.68 6.77 50.43
CA VAL C 796 -13.38 6.12 50.37
C VAL C 796 -13.14 5.64 48.94
N TRP C 797 -11.86 5.58 48.57
CA TRP C 797 -11.39 5.17 47.25
C TRP C 797 -10.25 4.20 47.42
N TYR C 798 -10.21 3.17 46.58
CA TYR C 798 -9.18 2.15 46.64
C TYR C 798 -8.33 2.21 45.38
N ASP C 799 -7.03 2.44 45.56
CA ASP C 799 -6.05 2.30 44.49
C ASP C 799 -6.06 0.85 44.02
N ILE C 800 -6.50 0.58 42.79
CA ILE C 800 -6.69 -0.81 42.37
C ILE C 800 -5.38 -1.53 42.12
N GLN C 801 -4.25 -0.82 42.03
CA GLN C 801 -2.97 -1.49 41.89
C GLN C 801 -2.39 -1.90 43.25
N SER C 802 -2.52 -1.04 44.26
CA SER C 802 -1.96 -1.30 45.57
C SER C 802 -2.99 -1.67 46.64
N TYR C 803 -4.28 -1.50 46.35
CA TYR C 803 -5.37 -1.69 47.31
C TYR C 803 -5.32 -0.69 48.47
N GLN C 804 -4.46 0.32 48.38
CA GLN C 804 -4.39 1.36 49.39
C GLN C 804 -5.68 2.15 49.43
N LYS C 805 -6.19 2.37 50.64
CA LYS C 805 -7.39 3.17 50.86
C LYS C 805 -7.03 4.66 50.86
N HIS C 806 -7.95 5.48 50.35
CA HIS C 806 -7.82 6.93 50.44
C HIS C 806 -9.19 7.55 50.69
N HIS C 807 -9.26 8.43 51.68
CA HIS C 807 -10.50 9.13 52.00
C HIS C 807 -10.65 10.35 51.10
N GLY C 808 -11.90 10.68 50.80
CA GLY C 808 -12.18 11.93 50.14
C GLY C 808 -12.70 12.94 51.14
N PRO C 809 -12.65 14.24 50.79
CA PRO C 809 -12.01 14.75 49.57
C PRO C 809 -10.54 15.09 49.80
N GLN C 810 -9.69 14.80 48.81
CA GLN C 810 -8.28 15.12 48.92
C GLN C 810 -7.69 15.15 47.52
N THR C 811 -6.57 15.86 47.39
CA THR C 811 -5.73 15.77 46.21
C THR C 811 -4.54 14.90 46.56
N LEU C 812 -4.48 13.72 45.96
CA LEU C 812 -3.46 12.73 46.23
C LEU C 812 -2.36 12.85 45.18
N TYR C 813 -1.10 12.94 45.63
CA TYR C 813 0.04 12.88 44.73
C TYR C 813 0.45 11.42 44.57
N LEU C 814 0.34 10.90 43.35
CA LEU C 814 0.59 9.49 43.09
C LEU C 814 1.81 9.33 42.19
N PRO C 815 2.90 8.75 42.68
CA PRO C 815 4.02 8.46 41.78
C PRO C 815 3.59 7.47 40.71
N VAL C 816 4.16 7.63 39.52
CA VAL C 816 3.85 6.79 38.38
C VAL C 816 5.15 6.37 37.71
N THR C 817 5.08 5.25 37.00
CA THR C 817 6.11 4.81 36.06
C THR C 817 5.45 4.62 34.69
N LEU C 818 6.21 4.10 33.73
CA LEU C 818 5.68 3.92 32.38
C LEU C 818 4.46 3.01 32.36
N SER C 819 4.41 2.03 33.27
CA SER C 819 3.33 1.05 33.32
C SER C 819 2.11 1.53 34.09
N SER C 820 2.16 2.73 34.67
CA SER C 820 1.10 3.18 35.55
C SER C 820 -0.12 3.63 34.77
N ILE C 821 -1.28 3.13 35.17
CA ILE C 821 -2.57 3.72 34.83
C ILE C 821 -3.30 4.01 36.13
N PRO C 822 -3.28 5.25 36.61
CA PRO C 822 -3.93 5.58 37.89
C PRO C 822 -5.44 5.37 37.83
N VAL C 823 -5.93 4.34 38.52
CA VAL C 823 -7.33 3.96 38.54
C VAL C 823 -7.73 3.68 39.99
N PHE C 824 -8.88 4.18 40.41
CA PHE C 824 -9.36 4.04 41.77
C PHE C 824 -10.79 3.53 41.74
N GLN C 825 -11.10 2.53 42.57
CA GLN C 825 -12.47 2.04 42.70
C GLN C 825 -13.13 2.66 43.91
N ARG C 826 -14.36 3.14 43.75
CA ARG C 826 -15.09 3.82 44.80
C ARG C 826 -15.66 2.83 45.82
N GLY C 827 -15.53 3.18 47.09
CA GLY C 827 -16.19 2.39 48.13
C GLY C 827 -17.69 2.34 47.90
N GLY C 828 -18.27 1.17 48.16
CA GLY C 828 -19.68 0.94 47.91
C GLY C 828 -20.01 0.36 46.56
N THR C 829 -19.03 -0.12 45.80
CA THR C 829 -19.27 -0.61 44.45
C THR C 829 -18.73 -2.03 44.29
N ILE C 830 -19.26 -2.73 43.30
CA ILE C 830 -18.83 -4.07 42.95
C ILE C 830 -18.60 -4.10 41.45
N VAL C 831 -17.37 -4.38 41.05
CA VAL C 831 -16.92 -4.37 39.66
C VAL C 831 -16.65 -5.80 39.24
N PRO C 832 -17.31 -6.31 38.20
CA PRO C 832 -17.04 -7.66 37.69
C PRO C 832 -15.97 -7.67 36.61
N ARG C 833 -15.08 -8.67 36.68
CA ARG C 833 -14.00 -8.80 35.72
C ARG C 833 -13.87 -10.25 35.25
N TRP C 834 -13.46 -10.41 33.98
CA TRP C 834 -12.96 -11.67 33.45
C TRP C 834 -11.45 -11.65 33.62
N MET C 835 -10.92 -12.41 34.58
CA MET C 835 -9.49 -12.39 34.82
C MET C 835 -8.70 -13.29 33.87
N ARG C 836 -9.37 -14.09 33.06
CA ARG C 836 -8.70 -14.97 32.09
C ARG C 836 -8.71 -14.26 30.74
N VAL C 837 -7.69 -13.43 30.50
CA VAL C 837 -7.64 -12.70 29.25
C VAL C 837 -7.26 -13.66 28.13
N ARG C 838 -8.07 -13.69 27.08
CA ARG C 838 -7.82 -14.51 25.92
C ARG C 838 -7.56 -13.59 24.72
N ARG C 839 -7.56 -14.16 23.52
CA ARG C 839 -7.11 -13.41 22.36
C ARG C 839 -8.18 -12.47 21.81
N SER C 840 -9.44 -12.66 22.17
CA SER C 840 -10.54 -11.80 21.71
C SER C 840 -11.72 -12.03 22.64
N SER C 841 -12.72 -11.13 22.56
CA SER C 841 -13.82 -11.21 23.51
C SER C 841 -14.71 -12.44 23.26
N ASP C 842 -14.87 -12.86 22.01
CA ASP C 842 -15.64 -14.09 21.73
C ASP C 842 -15.09 -15.28 22.50
N CYS C 843 -13.76 -15.36 22.64
CA CYS C 843 -13.15 -16.47 23.36
C CYS C 843 -13.45 -16.44 24.85
N MET C 844 -13.77 -15.26 25.39
CA MET C 844 -13.91 -15.07 26.82
C MET C 844 -15.35 -15.11 27.31
N LYS C 845 -16.33 -15.04 26.42
CA LYS C 845 -17.66 -14.66 26.87
C LYS C 845 -18.42 -15.78 27.56
N ASP C 846 -17.81 -16.95 27.74
CA ASP C 846 -18.38 -18.02 28.56
C ASP C 846 -17.54 -18.28 29.79
N ASP C 847 -16.56 -17.41 30.09
CA ASP C 847 -15.60 -17.63 31.17
C ASP C 847 -16.14 -17.15 32.50
N PRO C 848 -15.56 -17.64 33.60
CA PRO C 848 -16.03 -17.26 34.93
C PRO C 848 -15.63 -15.84 35.30
N ILE C 849 -16.41 -15.27 36.23
CA ILE C 849 -16.31 -13.89 36.67
C ILE C 849 -15.60 -13.82 38.01
N THR C 850 -14.75 -12.80 38.19
CA THR C 850 -14.21 -12.40 39.49
C THR C 850 -14.88 -11.10 39.90
N LEU C 851 -15.41 -11.05 41.13
CA LEU C 851 -16.08 -9.87 41.66
C LEU C 851 -15.13 -9.08 42.56
N PHE C 852 -15.00 -7.78 42.29
CA PHE C 852 -14.16 -6.89 43.07
C PHE C 852 -15.07 -6.02 43.92
N VAL C 853 -15.13 -6.31 45.22
CA VAL C 853 -16.03 -5.65 46.15
C VAL C 853 -15.22 -4.63 46.94
N ALA C 854 -15.57 -3.35 46.81
CA ALA C 854 -14.92 -2.26 47.55
C ALA C 854 -15.89 -1.75 48.60
N LEU C 855 -15.57 -1.98 49.87
CA LEU C 855 -16.50 -1.68 50.94
C LEU C 855 -16.60 -0.17 51.20
N SER C 856 -17.83 0.31 51.35
CA SER C 856 -18.10 1.67 51.82
C SER C 856 -17.69 1.82 53.28
N PRO C 857 -17.67 3.05 53.82
CA PRO C 857 -17.41 3.22 55.27
C PRO C 857 -18.43 2.52 56.15
N GLN C 858 -19.64 2.26 55.65
CA GLN C 858 -20.65 1.49 56.36
C GLN C 858 -20.51 -0.02 56.14
N GLY C 859 -19.43 -0.47 55.50
CA GLY C 859 -19.27 -1.87 55.20
C GLY C 859 -20.27 -2.40 54.19
N THR C 860 -20.67 -1.59 53.21
CA THR C 860 -21.63 -1.99 52.21
C THR C 860 -21.06 -1.77 50.81
N ALA C 861 -21.69 -2.44 49.83
CA ALA C 861 -21.34 -2.27 48.42
C ALA C 861 -22.43 -2.85 47.56
N GLN C 862 -22.53 -2.34 46.33
CA GLN C 862 -23.57 -2.78 45.41
C GLN C 862 -23.08 -2.64 43.98
N GLY C 863 -23.54 -3.54 43.12
CA GLY C 863 -23.21 -3.52 41.71
C GLY C 863 -24.15 -4.38 40.90
N GLU C 864 -24.02 -4.29 39.58
CA GLU C 864 -24.85 -5.03 38.65
C GLU C 864 -23.97 -5.74 37.61
N LEU C 865 -24.57 -6.68 36.89
CA LEU C 865 -23.87 -7.38 35.81
C LEU C 865 -24.90 -7.79 34.78
N PHE C 866 -24.70 -7.38 33.54
CA PHE C 866 -25.56 -7.78 32.43
C PHE C 866 -24.84 -8.78 31.55
N LEU C 867 -25.55 -9.84 31.16
CA LEU C 867 -25.01 -10.90 30.31
C LEU C 867 -26.06 -11.30 29.29
N ASP C 868 -25.62 -11.66 28.09
CA ASP C 868 -26.51 -12.18 27.04
C ASP C 868 -25.62 -12.96 26.05
N ASP C 869 -26.13 -13.23 24.84
CA ASP C 869 -25.31 -14.00 23.90
C ASP C 869 -24.19 -13.16 23.28
N GLY C 870 -24.19 -11.84 23.51
CA GLY C 870 -23.12 -10.97 23.10
C GLY C 870 -23.28 -10.29 21.74
N HIS C 871 -24.33 -10.61 20.97
CA HIS C 871 -24.37 -10.01 19.65
C HIS C 871 -25.75 -9.92 18.99
N THR C 872 -26.80 -10.50 19.58
CA THR C 872 -28.12 -10.48 18.97
C THR C 872 -29.10 -9.60 19.75
N PHE C 873 -30.28 -9.43 19.16
CA PHE C 873 -31.38 -8.76 19.83
C PHE C 873 -32.22 -9.73 20.70
N ASN C 874 -31.72 -10.95 20.94
CA ASN C 874 -32.50 -11.91 21.71
C ASN C 874 -32.79 -11.42 23.13
N TYR C 875 -31.92 -10.55 23.68
CA TYR C 875 -32.19 -10.00 25.00
C TYR C 875 -33.52 -9.24 25.01
N GLN C 876 -33.87 -8.66 23.87
CA GLN C 876 -35.06 -7.83 23.70
C GLN C 876 -36.24 -8.63 23.16
N THR C 877 -36.02 -9.44 22.14
CA THR C 877 -37.12 -10.15 21.48
C THR C 877 -37.55 -11.38 22.27
N ARG C 878 -36.64 -11.96 23.05
CA ARG C 878 -36.90 -13.21 23.75
C ARG C 878 -36.56 -13.16 25.23
N HIS C 879 -36.14 -12.00 25.75
CA HIS C 879 -35.75 -11.85 27.15
C HIS C 879 -34.67 -12.85 27.53
N GLU C 880 -33.76 -13.11 26.61
CA GLU C 880 -32.63 -14.01 26.85
C GLU C 880 -31.44 -13.17 27.29
N PHE C 881 -31.33 -12.98 28.61
CA PHE C 881 -30.26 -12.20 29.22
C PHE C 881 -30.32 -12.46 30.72
N LEU C 882 -29.28 -12.04 31.43
CA LEU C 882 -29.27 -11.98 32.88
C LEU C 882 -28.90 -10.58 33.32
N LEU C 883 -29.64 -10.04 34.29
CA LEU C 883 -29.22 -8.83 34.99
C LEU C 883 -29.16 -9.18 36.48
N ARG C 884 -27.94 -9.27 37.01
CA ARG C 884 -27.73 -9.65 38.40
C ARG C 884 -27.46 -8.43 39.25
N ARG C 885 -27.95 -8.45 40.48
CA ARG C 885 -27.53 -7.50 41.49
C ARG C 885 -26.66 -8.22 42.51
N PHE C 886 -25.48 -7.66 42.76
CA PHE C 886 -24.60 -8.09 43.82
C PHE C 886 -24.65 -7.03 44.90
N SER C 887 -24.84 -7.46 46.14
CA SER C 887 -24.96 -6.52 47.24
C SER C 887 -24.23 -7.07 48.46
N PHE C 888 -23.50 -6.20 49.14
CA PHE C 888 -22.75 -6.58 50.32
C PHE C 888 -23.17 -5.69 51.47
N SER C 889 -23.46 -6.32 52.61
CA SER C 889 -23.64 -5.56 53.86
C SER C 889 -23.41 -6.50 55.02
N GLY C 890 -22.99 -5.91 56.14
CA GLY C 890 -22.55 -6.69 57.27
C GLY C 890 -21.35 -7.52 56.88
N SER C 891 -21.54 -8.83 56.80
CA SER C 891 -20.50 -9.75 56.36
C SER C 891 -21.04 -10.73 55.35
N THR C 892 -21.97 -10.28 54.51
CA THR C 892 -22.69 -11.14 53.58
C THR C 892 -22.71 -10.52 52.20
N LEU C 893 -22.29 -11.30 51.20
CA LEU C 893 -22.37 -10.95 49.80
C LEU C 893 -23.50 -11.78 49.18
N VAL C 894 -24.42 -11.12 48.48
CA VAL C 894 -25.63 -11.74 47.99
C VAL C 894 -25.77 -11.46 46.49
N SER C 895 -26.08 -12.51 45.73
CA SER C 895 -26.47 -12.37 44.33
C SER C 895 -27.96 -12.63 44.20
N SER C 896 -28.68 -11.67 43.64
CA SER C 896 -30.10 -11.80 43.36
C SER C 896 -30.39 -11.24 41.98
N SER C 897 -31.59 -11.52 41.49
CA SER C 897 -31.99 -11.03 40.17
C SER C 897 -32.40 -9.58 40.24
N ALA C 898 -31.85 -8.76 39.35
CA ALA C 898 -32.27 -7.38 39.18
C ALA C 898 -33.36 -7.23 38.12
N ASP C 899 -33.66 -8.28 37.39
CA ASP C 899 -34.75 -8.27 36.43
C ASP C 899 -35.20 -9.71 36.22
N PRO C 900 -36.31 -10.13 36.84
CA PRO C 900 -36.69 -11.54 36.79
C PRO C 900 -37.13 -12.00 35.41
N LYS C 901 -37.48 -11.10 34.49
CA LYS C 901 -37.89 -11.57 33.17
C LYS C 901 -36.73 -12.10 32.34
N GLY C 902 -35.49 -11.86 32.75
CA GLY C 902 -34.35 -12.32 31.98
C GLY C 902 -33.80 -13.66 32.43
N HIS C 903 -33.79 -14.63 31.52
CA HIS C 903 -33.15 -15.92 31.73
C HIS C 903 -32.20 -16.21 30.59
N LEU C 904 -31.17 -17.01 30.86
CA LEU C 904 -30.11 -17.23 29.90
C LEU C 904 -29.40 -18.55 30.19
N GLU C 905 -29.22 -19.37 29.16
CA GLU C 905 -28.39 -20.55 29.28
C GLU C 905 -26.92 -20.14 29.12
N THR C 906 -26.11 -20.33 30.17
CA THR C 906 -24.73 -19.90 30.15
C THR C 906 -23.91 -20.71 31.13
N PRO C 907 -22.66 -21.04 30.81
CA PRO C 907 -21.79 -21.71 31.79
C PRO C 907 -21.05 -20.75 32.70
N ILE C 908 -21.24 -19.44 32.57
CA ILE C 908 -20.48 -18.48 33.37
C ILE C 908 -20.75 -18.74 34.85
N TRP C 909 -19.69 -18.78 35.64
CA TRP C 909 -19.76 -19.03 37.08
C TRP C 909 -18.86 -18.03 37.81
N ILE C 910 -18.98 -17.99 39.14
CA ILE C 910 -18.20 -17.06 39.95
C ILE C 910 -16.98 -17.82 40.46
N GLU C 911 -15.80 -17.48 39.94
CA GLU C 911 -14.60 -18.20 40.34
C GLU C 911 -13.84 -17.55 41.49
N ARG C 912 -14.16 -16.31 41.84
CA ARG C 912 -13.33 -15.61 42.80
C ARG C 912 -14.03 -14.35 43.26
N VAL C 913 -13.81 -13.98 44.52
CA VAL C 913 -14.30 -12.73 45.07
C VAL C 913 -13.13 -12.04 45.76
N VAL C 914 -12.91 -10.78 45.43
CA VAL C 914 -11.89 -9.94 46.05
C VAL C 914 -12.62 -8.82 46.76
N ILE C 915 -12.40 -8.70 48.08
CA ILE C 915 -13.08 -7.71 48.90
C ILE C 915 -12.03 -6.77 49.48
N MET C 916 -12.16 -5.47 49.17
CA MET C 916 -11.26 -4.44 49.67
C MET C 916 -11.86 -3.75 50.88
N GLY C 917 -11.06 -3.58 51.91
CA GLY C 917 -11.50 -2.99 53.17
C GLY C 917 -12.11 -3.95 54.15
N ALA C 918 -11.80 -5.24 54.08
CA ALA C 918 -12.45 -6.24 54.92
C ALA C 918 -11.47 -6.84 55.91
N GLY C 919 -11.98 -7.22 57.08
CA GLY C 919 -11.18 -7.94 58.04
C GLY C 919 -11.13 -9.44 57.77
N LYS C 920 -10.29 -10.12 58.54
CA LYS C 920 -10.09 -11.55 58.38
C LYS C 920 -11.21 -12.32 59.08
N PRO C 921 -11.99 -13.14 58.37
CA PRO C 921 -13.02 -13.93 59.04
C PRO C 921 -12.42 -15.19 59.65
N ALA C 922 -13.24 -15.86 60.45
CA ALA C 922 -12.86 -17.17 60.98
C ALA C 922 -13.19 -18.27 60.01
N ALA C 923 -14.29 -18.12 59.27
CA ALA C 923 -14.69 -19.07 58.25
C ALA C 923 -15.55 -18.35 57.24
N VAL C 924 -15.60 -18.92 56.04
CA VAL C 924 -16.37 -18.38 54.93
C VAL C 924 -17.30 -19.45 54.43
N VAL C 925 -18.58 -19.11 54.28
CA VAL C 925 -19.66 -20.04 54.06
C VAL C 925 -20.48 -19.60 52.86
N LEU C 926 -20.71 -20.50 51.91
CA LEU C 926 -21.45 -20.23 50.70
C LEU C 926 -22.79 -20.95 50.73
N GLN C 927 -23.87 -20.23 50.43
CA GLN C 927 -25.20 -20.82 50.35
C GLN C 927 -25.77 -20.53 48.96
N THR C 928 -26.17 -21.57 48.25
CA THR C 928 -26.74 -21.45 46.92
C THR C 928 -28.08 -22.17 46.90
N LYS C 929 -29.10 -21.52 46.35
CA LYS C 929 -30.38 -22.19 46.15
C LYS C 929 -30.17 -23.46 45.33
N GLY C 930 -30.59 -24.60 45.90
CA GLY C 930 -30.44 -25.88 45.23
C GLY C 930 -29.22 -26.68 45.64
N SER C 931 -28.40 -26.16 46.56
CA SER C 931 -27.16 -26.81 46.95
C SER C 931 -27.00 -26.83 48.46
N PRO C 932 -26.25 -27.78 48.99
CA PRO C 932 -25.88 -27.73 50.41
C PRO C 932 -24.93 -26.58 50.69
N GLU C 933 -24.95 -26.11 51.93
CA GLU C 933 -23.97 -25.14 52.38
C GLU C 933 -22.55 -25.68 52.27
N SER C 934 -21.64 -24.89 51.71
CA SER C 934 -20.25 -25.32 51.55
C SER C 934 -19.31 -24.31 52.20
N ARG C 935 -18.11 -24.76 52.48
CA ARG C 935 -17.05 -23.93 53.02
C ARG C 935 -16.07 -23.54 51.93
N LEU C 936 -15.66 -22.29 51.93
CA LEU C 936 -14.69 -21.75 50.99
C LEU C 936 -13.39 -21.46 51.71
N SER C 937 -12.26 -21.71 51.07
CA SER C 937 -11.01 -21.23 51.63
C SER C 937 -10.79 -19.78 51.22
N PHE C 938 -9.85 -19.12 51.90
CA PHE C 938 -9.66 -17.69 51.68
C PHE C 938 -8.25 -17.30 52.08
N GLN C 939 -7.81 -16.16 51.56
CA GLN C 939 -6.56 -15.54 51.96
C GLN C 939 -6.82 -14.09 52.34
N HIS C 940 -6.11 -13.61 53.36
CA HIS C 940 -6.31 -12.26 53.85
C HIS C 940 -4.97 -11.57 54.00
N ASP C 941 -4.89 -10.33 53.50
CA ASP C 941 -3.70 -9.50 53.64
C ASP C 941 -3.94 -8.49 54.75
N PRO C 942 -3.32 -8.64 55.91
CA PRO C 942 -3.57 -7.69 57.01
C PRO C 942 -3.07 -6.29 56.72
N GLU C 943 -2.03 -6.14 55.89
CA GLU C 943 -1.52 -4.81 55.56
C GLU C 943 -2.58 -3.97 54.84
N THR C 944 -3.24 -4.57 53.85
CA THR C 944 -4.18 -3.86 52.98
C THR C 944 -5.65 -4.09 53.32
N SER C 945 -5.96 -5.01 54.23
CA SER C 945 -7.36 -5.42 54.49
C SER C 945 -8.02 -5.89 53.19
N VAL C 946 -7.35 -6.82 52.52
CA VAL C 946 -7.86 -7.41 51.28
C VAL C 946 -8.14 -8.88 51.53
N LEU C 947 -9.36 -9.30 51.21
CA LEU C 947 -9.81 -10.67 51.38
C LEU C 947 -10.08 -11.30 50.02
N ILE C 948 -9.47 -12.44 49.75
CA ILE C 948 -9.68 -13.20 48.52
C ILE C 948 -10.40 -14.48 48.85
N LEU C 949 -11.61 -14.66 48.30
CA LEU C 949 -12.39 -15.88 48.50
C LEU C 949 -12.16 -16.83 47.32
N ARG C 950 -11.72 -18.05 47.62
CA ARG C 950 -11.35 -19.01 46.59
C ARG C 950 -12.56 -19.73 46.01
N LYS C 951 -12.66 -19.73 44.67
CA LYS C 951 -13.52 -20.58 43.85
C LYS C 951 -14.89 -20.83 44.46
N PRO C 952 -15.76 -19.81 44.52
CA PRO C 952 -17.14 -20.08 44.93
C PRO C 952 -17.80 -21.18 44.09
N GLY C 953 -17.50 -21.22 42.79
CA GLY C 953 -17.98 -22.33 41.98
C GLY C 953 -19.45 -22.29 41.65
N VAL C 954 -20.11 -21.16 41.86
CA VAL C 954 -21.56 -21.07 41.69
C VAL C 954 -21.89 -20.46 40.33
N SER C 955 -22.97 -20.95 39.72
CA SER C 955 -23.45 -20.41 38.46
C SER C 955 -23.88 -18.95 38.62
N VAL C 956 -23.57 -18.13 37.61
CA VAL C 956 -23.97 -16.74 37.65
C VAL C 956 -25.48 -16.59 37.51
N ALA C 957 -26.19 -17.64 37.07
CA ALA C 957 -27.64 -17.56 36.96
C ALA C 957 -28.36 -17.89 38.28
N SER C 958 -27.64 -18.32 39.30
CA SER C 958 -28.26 -18.78 40.55
C SER C 958 -28.19 -17.70 41.63
N ASP C 959 -29.23 -17.66 42.46
CA ASP C 959 -29.14 -16.91 43.70
C ASP C 959 -28.16 -17.56 44.65
N TRP C 960 -27.36 -16.75 45.34
CA TRP C 960 -26.42 -17.30 46.30
C TRP C 960 -26.06 -16.23 47.32
N SER C 961 -25.42 -16.67 48.40
CA SER C 961 -24.93 -15.76 49.41
C SER C 961 -23.66 -16.34 50.00
N ILE C 962 -22.70 -15.47 50.28
CA ILE C 962 -21.45 -15.83 50.94
C ILE C 962 -21.39 -15.09 52.26
N HIS C 963 -21.16 -15.83 53.34
CA HIS C 963 -21.17 -15.27 54.69
CA HIS C 963 -21.18 -15.29 54.69
C HIS C 963 -19.77 -15.37 55.28
N LEU C 964 -19.27 -14.26 55.78
CA LEU C 964 -18.00 -14.22 56.47
C LEU C 964 -18.30 -14.37 57.97
N ARG C 965 -17.81 -15.44 58.57
CA ARG C 965 -18.11 -15.69 59.99
C ARG C 965 -16.93 -15.33 60.88
N TYR D 48 -6.99 -50.15 55.67
CA TYR D 48 -7.04 -49.12 54.64
C TYR D 48 -6.04 -47.98 54.90
N GLU D 49 -5.36 -47.56 53.83
CA GLU D 49 -4.41 -46.45 53.87
C GLU D 49 -4.69 -45.52 52.70
N GLU D 50 -4.65 -44.22 52.96
CA GLU D 50 -5.07 -43.21 52.00
C GLU D 50 -3.89 -42.76 51.13
N SER D 51 -4.16 -41.80 50.24
CA SER D 51 -3.20 -41.29 49.27
C SER D 51 -2.69 -39.90 49.69
N LYS D 52 -1.92 -39.27 48.83
CA LYS D 52 -1.07 -38.13 49.19
C LYS D 52 -1.29 -36.96 48.26
N PRO D 53 -0.93 -35.73 48.71
CA PRO D 53 -1.25 -34.53 47.91
C PRO D 53 -0.16 -34.08 46.93
N PHE D 54 -0.42 -32.97 46.25
CA PHE D 54 0.42 -32.40 45.22
C PHE D 54 1.11 -31.14 45.71
N THR D 55 2.35 -30.93 45.25
CA THR D 55 3.15 -29.79 45.66
C THR D 55 3.56 -28.98 44.44
N CYS D 56 3.48 -27.66 44.59
CA CYS D 56 3.72 -26.74 43.48
C CYS D 56 5.17 -26.83 43.02
N LEU D 57 5.37 -26.85 41.69
CA LEU D 57 6.69 -27.09 41.12
C LEU D 57 7.71 -26.03 41.52
N ASP D 58 7.27 -24.79 41.73
CA ASP D 58 8.23 -23.79 42.15
C ASP D 58 8.46 -23.79 43.67
N GLY D 59 7.89 -24.74 44.38
CA GLY D 59 8.00 -24.77 45.83
C GLY D 59 7.24 -23.71 46.57
N THR D 60 6.38 -22.94 45.89
CA THR D 60 5.57 -21.94 46.56
C THR D 60 4.68 -22.56 47.63
N ALA D 61 3.92 -23.58 47.27
CA ALA D 61 2.86 -24.07 48.14
C ALA D 61 2.67 -25.56 47.92
N THR D 62 1.80 -26.15 48.75
CA THR D 62 1.36 -27.52 48.62
C THR D 62 -0.14 -27.54 48.81
N ILE D 63 -0.85 -28.16 47.87
CA ILE D 63 -2.31 -28.16 47.86
C ILE D 63 -2.79 -29.61 47.77
N PRO D 64 -4.05 -29.87 48.11
CA PRO D 64 -4.60 -31.23 47.99
C PRO D 64 -4.59 -31.71 46.54
N PHE D 65 -4.72 -33.04 46.39
CA PHE D 65 -4.70 -33.63 45.06
C PHE D 65 -5.89 -33.20 44.22
N ASP D 66 -7.04 -32.90 44.83
CA ASP D 66 -8.22 -32.57 44.05
C ASP D 66 -8.29 -31.09 43.62
N GLN D 67 -7.25 -30.31 43.90
CA GLN D 67 -7.13 -28.97 43.35
C GLN D 67 -6.19 -28.93 42.15
N VAL D 68 -5.78 -30.10 41.64
CA VAL D 68 -5.08 -30.19 40.36
C VAL D 68 -6.12 -30.33 39.25
N ASN D 69 -6.04 -29.45 38.26
CA ASN D 69 -7.00 -29.41 37.15
C ASN D 69 -8.44 -29.26 37.64
N ASP D 70 -8.63 -28.47 38.71
CA ASP D 70 -9.98 -28.17 39.18
C ASP D 70 -10.50 -26.84 38.64
N ASP D 71 -9.87 -26.28 37.61
CA ASP D 71 -10.31 -25.07 36.91
C ASP D 71 -10.27 -23.84 37.81
N TYR D 72 -9.33 -23.80 38.76
CA TYR D 72 -9.03 -22.63 39.56
C TYR D 72 -7.53 -22.61 39.78
N CYS D 73 -6.91 -21.45 39.66
CA CYS D 73 -5.45 -21.34 39.73
C CYS D 73 -5.02 -21.22 41.19
N ASP D 74 -4.39 -22.28 41.70
CA ASP D 74 -3.90 -22.30 43.09
C ASP D 74 -2.40 -22.13 43.19
N CYS D 75 -1.67 -22.19 42.08
CA CYS D 75 -0.22 -22.22 42.06
C CYS D 75 0.31 -20.97 41.38
N LYS D 76 1.28 -20.31 42.01
CA LYS D 76 1.81 -19.07 41.45
C LYS D 76 2.47 -19.30 40.10
N ASP D 77 3.00 -20.49 39.86
CA ASP D 77 3.62 -20.81 38.58
C ASP D 77 2.67 -21.53 37.63
N GLY D 78 1.41 -21.73 38.03
CA GLY D 78 0.42 -22.33 37.15
C GLY D 78 0.51 -23.83 37.01
N SER D 79 1.36 -24.50 37.79
CA SER D 79 1.62 -25.91 37.58
C SER D 79 0.48 -26.83 38.03
N ASP D 80 -0.50 -26.32 38.77
CA ASP D 80 -1.61 -27.18 39.18
C ASP D 80 -2.71 -27.30 38.11
N GLU D 81 -2.61 -26.57 37.00
CA GLU D 81 -3.65 -26.55 35.99
C GLU D 81 -3.10 -26.79 34.59
N PRO D 82 -2.37 -27.88 34.37
CA PRO D 82 -1.83 -28.13 33.02
C PRO D 82 -2.91 -28.40 31.98
N GLY D 83 -4.11 -28.79 32.40
CA GLY D 83 -5.13 -29.19 31.45
C GLY D 83 -6.28 -28.22 31.26
N THR D 84 -6.22 -27.06 31.89
CA THR D 84 -7.31 -26.08 31.85
C THR D 84 -6.77 -24.70 31.49
N ALA D 85 -7.68 -23.74 31.39
CA ALA D 85 -7.35 -22.34 31.13
C ALA D 85 -7.29 -21.49 32.39
N ALA D 86 -7.15 -22.11 33.58
CA ALA D 86 -7.39 -21.38 34.82
C ALA D 86 -6.23 -20.48 35.21
N CYS D 87 -4.99 -20.79 34.79
CA CYS D 87 -3.85 -20.00 35.25
C CYS D 87 -3.34 -19.08 34.14
N PRO D 88 -2.97 -17.83 34.48
CA PRO D 88 -2.51 -16.89 33.44
C PRO D 88 -1.15 -17.22 32.88
N ASN D 89 -0.31 -17.93 33.62
CA ASN D 89 1.05 -18.24 33.19
C ASN D 89 1.24 -19.74 32.91
N GLY D 90 0.15 -20.51 32.85
CA GLY D 90 0.26 -21.93 32.61
C GLY D 90 0.57 -22.29 31.16
N SER D 91 0.79 -23.58 30.93
CA SER D 91 0.99 -24.08 29.59
C SER D 91 0.25 -25.39 29.42
N PHE D 92 -0.22 -25.63 28.21
CA PHE D 92 -0.92 -26.84 27.83
C PHE D 92 -0.06 -27.59 26.82
N HIS D 93 0.16 -28.88 27.06
CA HIS D 93 1.03 -29.69 26.21
C HIS D 93 0.19 -30.42 25.17
N CYS D 94 0.52 -30.21 23.92
CA CYS D 94 -0.17 -30.90 22.83
C CYS D 94 0.73 -32.04 22.39
N THR D 95 0.29 -33.27 22.68
CA THR D 95 1.11 -34.43 22.42
C THR D 95 1.37 -34.59 20.92
N ASN D 96 0.34 -34.42 20.09
CA ASN D 96 0.49 -34.41 18.64
C ASN D 96 1.19 -35.69 18.20
N THR D 97 0.55 -36.82 18.54
CA THR D 97 1.16 -38.13 18.39
C THR D 97 1.61 -38.38 16.96
N GLY D 98 2.85 -38.86 16.82
CA GLY D 98 3.46 -39.09 15.53
C GLY D 98 4.20 -37.92 14.95
N TYR D 99 4.08 -36.73 15.55
CA TYR D 99 4.69 -35.53 14.98
C TYR D 99 5.36 -34.74 16.10
N LYS D 100 5.50 -33.43 15.89
CA LYS D 100 6.20 -32.60 16.86
C LYS D 100 5.22 -32.11 17.94
N PRO D 101 5.53 -32.34 19.22
CA PRO D 101 4.73 -31.76 20.30
C PRO D 101 4.90 -30.25 20.37
N LEU D 102 3.93 -29.61 21.01
CA LEU D 102 3.86 -28.17 21.11
C LEU D 102 3.27 -27.80 22.47
N TYR D 103 3.82 -26.77 23.09
CA TYR D 103 3.22 -26.14 24.26
C TYR D 103 2.50 -24.87 23.82
N ILE D 104 1.30 -24.65 24.36
CA ILE D 104 0.55 -23.44 24.08
C ILE D 104 0.19 -22.77 25.40
N LEU D 105 -0.17 -21.49 25.31
CA LEU D 105 -0.64 -20.77 26.49
C LEU D 105 -1.90 -21.42 27.04
N SER D 106 -2.00 -21.47 28.37
CA SER D 106 -3.22 -21.97 29.02
C SER D 106 -4.45 -21.19 28.58
N SER D 107 -4.31 -19.90 28.30
CA SER D 107 -5.44 -19.09 27.83
C SER D 107 -5.98 -19.55 26.49
N ARG D 108 -5.31 -20.47 25.81
CA ARG D 108 -5.80 -20.97 24.54
C ARG D 108 -6.40 -22.37 24.67
N VAL D 109 -6.58 -22.85 25.90
CA VAL D 109 -7.33 -24.09 26.15
C VAL D 109 -8.81 -23.77 26.17
N ASN D 110 -9.58 -24.45 25.32
CA ASN D 110 -11.03 -24.25 25.21
C ASN D 110 -11.38 -22.79 24.94
N ASP D 111 -10.62 -22.12 24.07
CA ASP D 111 -10.97 -20.77 23.66
C ASP D 111 -11.79 -20.74 22.39
N GLY D 112 -12.18 -21.90 21.87
CA GLY D 112 -12.90 -21.99 20.62
C GLY D 112 -12.03 -21.99 19.38
N VAL D 113 -10.72 -21.85 19.53
CA VAL D 113 -9.77 -21.78 18.41
C VAL D 113 -8.90 -23.03 18.43
N CYS D 114 -8.70 -23.62 17.25
CA CYS D 114 -7.84 -24.81 17.12
C CYS D 114 -6.38 -24.39 17.12
N ASP D 115 -5.69 -24.61 18.24
CA ASP D 115 -4.28 -24.26 18.35
C ASP D 115 -3.34 -25.42 18.09
N CYS D 116 -3.76 -26.64 18.39
CA CYS D 116 -2.94 -27.81 18.19
C CYS D 116 -3.43 -28.62 17.02
N CYS D 117 -2.49 -29.17 16.24
CA CYS D 117 -2.91 -29.95 15.08
C CYS D 117 -3.74 -31.15 15.50
N ASP D 118 -3.46 -31.75 16.68
CA ASP D 118 -4.30 -32.87 17.09
C ASP D 118 -5.63 -32.43 17.70
N GLY D 119 -5.85 -31.13 17.89
CA GLY D 119 -7.13 -30.63 18.36
C GLY D 119 -7.43 -30.85 19.83
N THR D 120 -6.46 -31.32 20.63
CA THR D 120 -6.78 -31.69 22.01
C THR D 120 -6.96 -30.46 22.92
N ASP D 121 -6.52 -29.27 22.49
CA ASP D 121 -6.74 -28.07 23.29
C ASP D 121 -8.20 -27.68 23.34
N GLU D 122 -9.03 -28.22 22.44
CA GLU D 122 -10.45 -27.90 22.40
C GLU D 122 -11.22 -29.18 22.73
N TYR D 123 -11.55 -29.35 24.01
CA TYR D 123 -12.28 -30.53 24.45
C TYR D 123 -13.61 -30.23 25.13
N ASN D 124 -13.94 -28.97 25.39
CA ASN D 124 -15.19 -28.63 26.06
C ASN D 124 -15.58 -27.21 25.68
N SER D 125 -15.58 -26.90 24.39
CA SER D 125 -15.78 -25.52 23.94
C SER D 125 -16.82 -25.36 22.83
N GLY D 126 -17.33 -26.45 22.25
CA GLY D 126 -18.23 -26.31 21.12
C GLY D 126 -17.54 -26.14 19.78
N THR D 127 -16.21 -26.03 19.76
CA THR D 127 -15.43 -26.12 18.54
C THR D 127 -14.84 -27.52 18.44
N VAL D 128 -15.10 -28.21 17.33
CA VAL D 128 -14.55 -29.52 17.08
C VAL D 128 -13.36 -29.36 16.14
N CYS D 129 -12.17 -29.58 16.64
CA CYS D 129 -10.95 -29.44 15.85
C CYS D 129 -10.58 -30.79 15.25
N GLU D 130 -10.47 -30.84 13.93
CA GLU D 130 -9.99 -32.03 13.27
C GLU D 130 -8.49 -32.17 13.44
N ASN D 131 -8.00 -33.40 13.35
CA ASN D 131 -6.57 -33.65 13.41
C ASN D 131 -5.95 -33.28 12.08
N THR D 132 -4.99 -32.36 12.10
CA THR D 132 -4.35 -31.89 10.87
C THR D 132 -2.84 -32.03 10.96
N CYS D 133 -2.35 -32.96 11.78
CA CYS D 133 -0.92 -33.09 11.99
C CYS D 133 -0.18 -33.63 10.78
N ARG D 134 -0.90 -34.12 9.77
CA ARG D 134 -0.27 -34.53 8.52
C ARG D 134 0.23 -33.30 7.75
#